data_6E83
#
_entry.id   6E83
#
loop_
_entity.id
_entity.type
_entity.pdbx_description
1 polymer 'ZZ-type zinc finger-containing protein 3'
2 polymer 'Histone H3'
3 non-polymer 'ZINC ION'
#
loop_
_entity_poly.entity_id
_entity_poly.type
_entity_poly.pdbx_seq_one_letter_code
_entity_poly.pdbx_strand_id
1 'polypeptide(L)' GPLGSVQHVGFKCDNCGIEPIQGVRWHCQDCPPEMSLDFCDSCSDCLHETDIHKEDHQLEPIYR B
2 'polypeptide(L)' ARTKQTARKSTG A
#
loop_
_chem_comp.id
_chem_comp.type
_chem_comp.name
_chem_comp.formula
ZN non-polymer 'ZINC ION' 'Zn 2'
#
# COMPACT_ATOMS: atom_id res chain seq x y z
N GLY A 1 5.20 10.77 -13.52
CA GLY A 1 6.34 10.26 -12.70
C GLY A 1 6.71 8.83 -13.06
N PRO A 2 7.88 8.58 -13.69
CA PRO A 2 8.35 7.24 -14.08
C PRO A 2 8.85 6.35 -12.94
N LEU A 3 9.31 5.14 -13.29
CA LEU A 3 9.88 4.18 -12.34
C LEU A 3 11.06 4.77 -11.55
N GLY A 4 11.21 4.34 -10.29
CA GLY A 4 12.16 4.94 -9.35
C GLY A 4 11.69 6.27 -8.74
N SER A 5 10.59 6.85 -9.25
CA SER A 5 10.03 8.13 -8.82
C SER A 5 8.54 8.11 -8.51
N VAL A 6 7.91 6.94 -8.48
CA VAL A 6 6.52 6.83 -8.08
C VAL A 6 6.46 6.75 -6.58
N GLN A 7 5.95 7.82 -5.97
CA GLN A 7 5.99 8.07 -4.53
C GLN A 7 4.57 8.34 -4.06
N HIS A 8 3.95 7.31 -3.50
CA HIS A 8 2.55 7.37 -3.09
C HIS A 8 2.43 8.05 -1.72
N VAL A 9 2.70 9.36 -1.67
CA VAL A 9 2.63 10.24 -0.49
C VAL A 9 1.23 10.15 0.18
N GLY A 10 1.15 9.34 1.25
CA GLY A 10 -0.08 8.93 1.95
C GLY A 10 -0.45 7.44 1.90
N PHE A 11 0.42 6.56 1.37
CA PHE A 11 0.17 5.11 1.29
C PHE A 11 1.43 4.34 1.72
N LYS A 12 1.40 3.86 2.96
CA LYS A 12 2.51 3.24 3.70
C LYS A 12 2.65 1.74 3.38
N CYS A 13 3.89 1.23 3.34
CA CYS A 13 4.18 -0.22 3.27
C CYS A 13 3.83 -0.87 4.61
N ASP A 14 2.89 -1.81 4.67
CA ASP A 14 2.56 -2.52 5.92
C ASP A 14 3.69 -3.45 6.42
N ASN A 15 4.61 -3.85 5.55
CA ASN A 15 5.63 -4.85 5.84
C ASN A 15 6.90 -4.25 6.48
N CYS A 16 7.41 -3.13 5.95
CA CYS A 16 8.55 -2.38 6.53
C CYS A 16 8.19 -0.97 7.07
N GLY A 17 6.97 -0.47 6.84
CA GLY A 17 6.43 0.75 7.46
C GLY A 17 6.85 2.07 6.83
N ILE A 18 7.50 2.10 5.66
CA ILE A 18 7.74 3.35 4.89
C ILE A 18 6.43 3.98 4.49
N GLU A 19 6.15 5.15 5.08
CA GLU A 19 4.88 5.86 5.02
C GLU A 19 4.35 6.29 3.68
N PRO A 20 5.21 6.40 2.67
CA PRO A 20 4.70 6.51 1.34
C PRO A 20 5.58 5.74 0.37
N ILE A 21 5.01 4.77 -0.33
CA ILE A 21 5.81 3.83 -1.11
C ILE A 21 6.42 4.54 -2.33
N GLN A 22 7.75 4.69 -2.32
CA GLN A 22 8.57 5.28 -3.38
C GLN A 22 9.17 4.21 -4.32
N GLY A 23 9.31 4.53 -5.61
CA GLY A 23 9.75 3.62 -6.69
C GLY A 23 8.62 3.16 -7.59
N VAL A 24 7.79 2.26 -7.05
CA VAL A 24 6.50 1.76 -7.53
C VAL A 24 5.67 1.37 -6.32
N ARG A 25 4.36 1.62 -6.33
CA ARG A 25 3.46 1.09 -5.28
C ARG A 25 3.02 -0.34 -5.60
N TRP A 26 3.09 -1.25 -4.63
CA TRP A 26 2.51 -2.59 -4.69
C TRP A 26 1.21 -2.62 -3.87
N HIS A 27 0.08 -2.34 -4.52
CA HIS A 27 -1.24 -2.28 -3.86
C HIS A 27 -1.79 -3.69 -3.56
N CYS A 28 -2.40 -3.88 -2.39
CA CYS A 28 -3.12 -5.11 -2.06
C CYS A 28 -4.53 -5.07 -2.72
N GLN A 29 -4.71 -5.89 -3.76
CA GLN A 29 -5.89 -5.95 -4.63
C GLN A 29 -7.20 -6.38 -3.93
N ASP A 30 -7.18 -7.33 -2.98
CA ASP A 30 -8.41 -7.92 -2.43
C ASP A 30 -8.78 -7.34 -1.07
N CYS A 31 -7.77 -6.86 -0.32
CA CYS A 31 -7.95 -6.26 0.98
C CYS A 31 -8.85 -4.98 0.87
N PRO A 32 -9.76 -4.76 1.84
CA PRO A 32 -10.81 -3.74 1.85
C PRO A 32 -10.27 -2.36 2.34
N PRO A 33 -11.08 -1.29 2.33
CA PRO A 33 -10.66 0.03 2.82
C PRO A 33 -10.19 0.05 4.29
N GLU A 34 -10.62 -0.91 5.12
CA GLU A 34 -10.34 -0.92 6.55
C GLU A 34 -8.89 -1.35 6.83
N MET A 35 -8.46 -2.27 5.98
CA MET A 35 -7.25 -3.06 5.98
C MET A 35 -6.57 -2.87 4.63
N SER A 36 -6.46 -1.62 4.21
CA SER A 36 -6.04 -1.28 2.85
C SER A 36 -4.53 -1.36 2.75
N LEU A 37 -4.05 -2.59 2.78
CA LEU A 37 -2.64 -2.89 2.73
C LEU A 37 -2.00 -2.33 1.45
N ASP A 38 -0.72 -2.06 1.56
CA ASP A 38 0.20 -1.75 0.48
C ASP A 38 1.58 -2.28 0.85
N PHE A 39 2.39 -2.61 -0.14
CA PHE A 39 3.79 -2.97 0.01
C PHE A 39 4.67 -2.08 -0.85
N CYS A 40 5.95 -1.97 -0.49
CA CYS A 40 6.97 -1.37 -1.33
C CYS A 40 7.65 -2.44 -2.21
N ASP A 41 8.39 -2.04 -3.25
CA ASP A 41 9.04 -3.02 -4.14
C ASP A 41 10.15 -3.85 -3.45
N SER A 42 10.67 -3.34 -2.33
CA SER A 42 11.55 -4.09 -1.41
C SER A 42 10.78 -5.18 -0.66
N CYS A 43 9.46 -4.99 -0.49
CA CYS A 43 8.59 -5.76 0.39
C CYS A 43 7.56 -6.69 -0.30
N SER A 44 7.18 -6.50 -1.57
CA SER A 44 6.09 -7.28 -2.19
C SER A 44 6.36 -8.76 -2.43
N ASP A 45 7.60 -9.23 -2.19
CA ASP A 45 7.91 -10.66 -2.14
C ASP A 45 7.19 -11.34 -0.95
N CYS A 46 6.64 -10.54 -0.02
CA CYS A 46 5.85 -11.01 1.13
C CYS A 46 4.45 -11.48 0.71
N LEU A 47 3.99 -12.56 1.36
CA LEU A 47 2.71 -13.21 1.12
C LEU A 47 2.08 -13.66 2.45
N HIS A 48 1.90 -12.68 3.34
CA HIS A 48 1.33 -12.80 4.68
C HIS A 48 -0.17 -13.15 4.67
N GLU A 49 -0.65 -13.55 5.84
CA GLU A 49 -2.03 -13.82 6.12
C GLU A 49 -2.48 -13.22 7.46
N THR A 50 -3.56 -12.43 7.42
CA THR A 50 -4.30 -11.89 8.58
C THR A 50 -5.71 -12.46 8.58
N ASP A 51 -6.69 -11.80 9.21
CA ASP A 51 -8.11 -12.16 9.08
C ASP A 51 -8.64 -11.95 7.65
N ILE A 52 -7.98 -11.12 6.83
CA ILE A 52 -8.46 -10.65 5.52
C ILE A 52 -7.38 -10.65 4.42
N HIS A 53 -6.17 -10.18 4.72
CA HIS A 53 -5.04 -10.36 3.81
C HIS A 53 -4.65 -11.85 3.81
N LYS A 54 -4.34 -12.45 2.65
CA LYS A 54 -4.17 -13.90 2.50
C LYS A 54 -3.17 -14.26 1.40
N GLU A 55 -2.73 -15.51 1.40
CA GLU A 55 -1.98 -16.07 0.29
C GLU A 55 -2.87 -16.23 -0.97
N ASP A 56 -4.21 -16.12 -0.80
CA ASP A 56 -5.21 -16.28 -1.87
C ASP A 56 -5.55 -14.94 -2.57
N HIS A 57 -5.33 -13.85 -1.84
CA HIS A 57 -5.39 -12.47 -2.28
C HIS A 57 -4.23 -12.13 -3.27
N GLN A 58 -4.28 -10.94 -3.90
CA GLN A 58 -3.42 -10.53 -5.02
C GLN A 58 -2.68 -9.19 -4.80
N LEU A 59 -1.44 -9.08 -5.30
CA LEU A 59 -0.64 -7.86 -5.29
C LEU A 59 -0.57 -7.23 -6.70
N GLU A 60 -0.53 -5.90 -6.79
CA GLU A 60 -0.58 -5.17 -8.07
C GLU A 60 0.47 -4.03 -8.13
N PRO A 61 1.41 -4.04 -9.10
CA PRO A 61 2.38 -2.96 -9.31
C PRO A 61 1.71 -1.74 -9.94
N ILE A 62 2.07 -0.55 -9.44
CA ILE A 62 1.55 0.75 -9.88
C ILE A 62 2.72 1.65 -10.26
N TYR A 63 2.80 2.03 -11.54
CA TYR A 63 3.90 2.76 -12.17
C TYR A 63 3.59 4.23 -12.45
N ARG A 64 2.75 4.81 -11.59
CA ARG A 64 2.32 6.20 -11.67
C ARG A 64 1.81 6.76 -10.33
N ALA B 1 -1.14 0.35 3.38
CA ALA B 1 -1.86 1.05 4.45
C ALA B 1 -2.09 2.50 4.08
N ARG B 2 -3.34 2.97 4.02
CA ARG B 2 -3.61 4.41 3.88
C ARG B 2 -3.15 5.19 5.12
N THR B 3 -2.48 6.33 4.90
CA THR B 3 -2.06 7.29 5.94
C THR B 3 -2.59 8.71 5.68
N LYS B 4 -2.95 9.04 4.42
CA LYS B 4 -3.62 10.30 4.04
C LYS B 4 -5.15 10.17 4.06
N GLN B 5 -5.83 11.14 4.67
CA GLN B 5 -7.30 11.22 4.73
C GLN B 5 -7.94 11.53 3.37
N THR B 6 -9.20 11.11 3.19
CA THR B 6 -10.00 11.35 1.97
C THR B 6 -10.35 12.84 1.83
N ALA B 7 -10.55 13.33 0.60
CA ALA B 7 -10.91 14.73 0.27
C ALA B 7 -12.37 15.10 0.63
N ARG B 8 -12.73 14.98 1.92
CA ARG B 8 -14.08 15.18 2.47
C ARG B 8 -14.62 16.61 2.39
N LYS B 9 -13.72 17.62 2.43
CA LYS B 9 -14.01 19.07 2.31
C LYS B 9 -15.11 19.56 3.28
N SER B 10 -15.15 18.98 4.48
CA SER B 10 -16.16 19.23 5.52
C SER B 10 -15.66 18.85 6.92
N THR B 11 -16.07 19.63 7.93
CA THR B 11 -15.78 19.41 9.38
C THR B 11 -14.29 19.14 9.63
N GLY B 12 -13.44 20.04 9.10
CA GLY B 12 -11.96 19.93 9.01
C GLY B 12 -11.26 19.29 10.21
ZN ZN C . 8.28 -2.32 2.60
ZN ZN D . -3.24 -7.59 0.76
N GLY A 1 9.44 11.45 -12.40
CA GLY A 1 9.95 10.22 -13.07
C GLY A 1 9.20 8.95 -12.67
N PRO A 2 9.11 7.94 -13.54
CA PRO A 2 8.39 6.67 -13.31
C PRO A 2 9.20 5.61 -12.57
N LEU A 3 8.54 4.47 -12.32
CA LEU A 3 9.11 3.25 -11.74
C LEU A 3 9.79 3.53 -10.38
N GLY A 4 11.05 3.13 -10.13
CA GLY A 4 11.93 3.49 -9.00
C GLY A 4 12.10 4.98 -8.62
N SER A 5 11.21 5.87 -9.06
CA SER A 5 11.13 7.29 -8.66
C SER A 5 9.71 7.72 -8.29
N VAL A 6 8.73 6.82 -8.38
CA VAL A 6 7.37 7.11 -8.01
C VAL A 6 7.30 7.12 -6.50
N GLN A 7 6.28 7.75 -5.96
CA GLN A 7 6.23 8.02 -4.53
C GLN A 7 4.79 8.32 -4.12
N HIS A 8 4.15 7.30 -3.58
CA HIS A 8 2.74 7.35 -3.19
C HIS A 8 2.58 8.04 -1.83
N VAL A 9 2.90 9.33 -1.78
CA VAL A 9 2.79 10.27 -0.65
C VAL A 9 1.37 10.25 -0.06
N GLY A 10 1.15 9.32 0.88
CA GLY A 10 -0.15 8.98 1.49
C GLY A 10 -0.51 7.48 1.52
N PHE A 11 0.36 6.56 1.10
CA PHE A 11 0.07 5.11 1.10
C PHE A 11 1.27 4.29 1.57
N LYS A 12 1.19 3.75 2.79
CA LYS A 12 2.28 3.11 3.54
C LYS A 12 2.46 1.62 3.20
N CYS A 13 3.71 1.12 3.18
CA CYS A 13 4.01 -0.32 3.11
C CYS A 13 3.68 -0.95 4.48
N ASP A 14 2.69 -1.82 4.59
CA ASP A 14 2.33 -2.45 5.87
C ASP A 14 3.42 -3.39 6.44
N ASN A 15 4.39 -3.81 5.62
CA ASN A 15 5.44 -4.74 6.03
C ASN A 15 6.61 -4.04 6.77
N CYS A 16 7.24 -3.05 6.14
CA CYS A 16 8.36 -2.28 6.68
C CYS A 16 7.96 -0.89 7.23
N GLY A 17 6.73 -0.44 6.95
CA GLY A 17 6.16 0.80 7.46
C GLY A 17 6.64 2.08 6.79
N ILE A 18 7.28 2.04 5.60
CA ILE A 18 7.55 3.27 4.83
C ILE A 18 6.22 3.93 4.49
N GLU A 19 5.93 5.06 5.13
CA GLU A 19 4.63 5.74 5.12
C GLU A 19 4.10 6.15 3.76
N PRO A 20 4.99 6.40 2.79
CA PRO A 20 4.52 6.49 1.44
C PRO A 20 5.43 5.69 0.51
N ILE A 21 4.86 4.75 -0.23
CA ILE A 21 5.67 3.80 -0.97
C ILE A 21 6.38 4.48 -2.14
N GLN A 22 7.70 4.61 -2.01
CA GLN A 22 8.59 5.08 -3.07
C GLN A 22 9.00 3.94 -4.04
N GLY A 23 9.33 4.33 -5.26
CA GLY A 23 9.53 3.52 -6.47
C GLY A 23 8.16 3.09 -6.97
N VAL A 24 7.96 1.81 -7.31
CA VAL A 24 6.60 1.30 -7.62
C VAL A 24 5.80 1.02 -6.35
N ARG A 25 4.50 1.33 -6.37
CA ARG A 25 3.56 0.91 -5.33
C ARG A 25 3.02 -0.50 -5.63
N TRP A 26 2.93 -1.35 -4.61
CA TRP A 26 2.27 -2.65 -4.66
C TRP A 26 0.95 -2.56 -3.88
N HIS A 27 -0.17 -2.31 -4.58
CA HIS A 27 -1.50 -2.19 -3.99
C HIS A 27 -2.10 -3.58 -3.70
N CYS A 28 -2.68 -3.78 -2.51
CA CYS A 28 -3.41 -5.00 -2.19
C CYS A 28 -4.84 -4.94 -2.79
N GLN A 29 -5.06 -5.71 -3.84
CA GLN A 29 -6.26 -5.74 -4.69
C GLN A 29 -7.55 -6.22 -4.00
N ASP A 30 -7.48 -7.07 -2.97
CA ASP A 30 -8.65 -7.75 -2.40
C ASP A 30 -8.86 -7.40 -0.92
N CYS A 31 -7.84 -6.89 -0.22
CA CYS A 31 -8.00 -6.34 1.11
C CYS A 31 -8.97 -5.10 1.07
N PRO A 32 -9.84 -4.94 2.07
CA PRO A 32 -10.91 -3.93 2.15
C PRO A 32 -10.38 -2.56 2.59
N PRO A 33 -11.22 -1.49 2.64
CA PRO A 33 -10.80 -0.16 3.10
C PRO A 33 -10.23 -0.12 4.53
N GLU A 34 -10.63 -1.08 5.39
CA GLU A 34 -10.30 -1.08 6.81
C GLU A 34 -8.86 -1.50 7.07
N MET A 35 -8.40 -2.37 6.17
CA MET A 35 -7.19 -3.15 6.15
C MET A 35 -6.57 -2.95 4.77
N SER A 36 -6.57 -1.70 4.32
CA SER A 36 -6.24 -1.36 2.94
C SER A 36 -4.75 -1.39 2.73
N LEU A 37 -4.23 -2.61 2.72
CA LEU A 37 -2.83 -2.88 2.65
C LEU A 37 -2.22 -2.30 1.36
N ASP A 38 -0.94 -2.03 1.47
CA ASP A 38 -0.05 -1.71 0.39
C ASP A 38 1.35 -2.23 0.79
N PHE A 39 2.18 -2.50 -0.19
CA PHE A 39 3.57 -2.89 0.00
C PHE A 39 4.48 -2.06 -0.90
N CYS A 40 5.76 -2.01 -0.55
CA CYS A 40 6.80 -1.47 -1.40
C CYS A 40 7.46 -2.60 -2.21
N ASP A 41 8.23 -2.27 -3.26
CA ASP A 41 8.87 -3.28 -4.11
C ASP A 41 9.94 -4.11 -3.39
N SER A 42 10.41 -3.61 -2.24
CA SER A 42 11.26 -4.35 -1.29
C SER A 42 10.47 -5.38 -0.48
N CYS A 43 9.15 -5.20 -0.37
CA CYS A 43 8.28 -5.92 0.56
C CYS A 43 7.16 -6.83 -0.03
N SER A 44 6.64 -6.62 -1.24
CA SER A 44 5.42 -7.34 -1.67
C SER A 44 5.59 -8.85 -1.87
N ASP A 45 6.81 -9.31 -2.15
CA ASP A 45 7.15 -10.74 -2.27
C ASP A 45 7.06 -11.51 -0.92
N CYS A 46 6.90 -10.80 0.21
CA CYS A 46 6.85 -11.39 1.55
C CYS A 46 5.62 -12.29 1.77
N LEU A 47 4.46 -11.88 1.24
CA LEU A 47 3.23 -12.68 1.16
C LEU A 47 2.76 -13.30 2.49
N HIS A 48 2.88 -12.52 3.55
CA HIS A 48 2.35 -12.80 4.89
C HIS A 48 0.84 -12.59 4.95
N GLU A 49 0.17 -13.56 5.54
CA GLU A 49 -1.25 -13.48 5.76
C GLU A 49 -1.59 -12.72 7.05
N THR A 50 -2.81 -12.19 7.09
CA THR A 50 -3.45 -11.61 8.28
C THR A 50 -4.86 -12.21 8.45
N ASP A 51 -5.71 -11.63 9.29
CA ASP A 51 -7.14 -12.02 9.38
C ASP A 51 -7.90 -11.84 8.05
N ILE A 52 -7.40 -10.98 7.14
CA ILE A 52 -8.03 -10.68 5.85
C ILE A 52 -7.08 -10.84 4.66
N HIS A 53 -5.87 -10.29 4.72
CA HIS A 53 -4.89 -10.46 3.67
C HIS A 53 -4.50 -11.95 3.57
N LYS A 54 -4.82 -12.60 2.45
CA LYS A 54 -4.48 -14.00 2.17
C LYS A 54 -3.36 -14.10 1.14
N GLU A 55 -2.73 -15.25 1.07
CA GLU A 55 -1.84 -15.55 -0.05
C GLU A 55 -2.65 -15.68 -1.37
N ASP A 56 -3.99 -15.81 -1.27
CA ASP A 56 -4.92 -15.95 -2.40
C ASP A 56 -5.35 -14.57 -2.95
N HIS A 57 -5.44 -13.60 -2.05
CA HIS A 57 -5.61 -12.20 -2.34
C HIS A 57 -4.47 -11.69 -3.26
N GLN A 58 -4.84 -10.78 -4.16
CA GLN A 58 -3.99 -10.32 -5.28
C GLN A 58 -3.20 -9.02 -4.99
N LEU A 59 -2.00 -8.91 -5.57
CA LEU A 59 -1.13 -7.73 -5.47
C LEU A 59 -0.98 -7.06 -6.85
N GLU A 60 -0.93 -5.72 -6.89
CA GLU A 60 -0.92 -4.94 -8.14
C GLU A 60 0.24 -3.92 -8.17
N PRO A 61 1.21 -4.05 -9.08
CA PRO A 61 2.27 -3.06 -9.27
C PRO A 61 1.74 -1.80 -9.97
N ILE A 62 2.18 -0.64 -9.51
CA ILE A 62 1.77 0.70 -9.97
C ILE A 62 3.02 1.54 -10.22
N TYR A 63 3.28 1.88 -11.49
CA TYR A 63 4.54 2.50 -11.94
C TYR A 63 4.55 4.03 -11.99
N ARG A 64 3.44 4.63 -11.56
CA ARG A 64 3.11 6.07 -11.67
C ARG A 64 2.50 6.64 -10.37
N ALA B 1 -1.31 0.43 3.21
CA ALA B 1 -2.07 1.13 4.25
C ALA B 1 -2.42 2.53 3.77
N ARG B 2 -3.69 2.92 3.74
CA ARG B 2 -4.15 4.27 3.34
C ARG B 2 -3.77 5.36 4.36
N THR B 3 -2.52 5.80 4.35
CA THR B 3 -1.96 6.87 5.18
C THR B 3 -2.65 8.23 4.96
N LYS B 4 -3.35 8.43 3.82
CA LYS B 4 -4.22 9.59 3.53
C LYS B 4 -5.26 9.89 4.62
N GLN B 5 -5.78 8.86 5.30
CA GLN B 5 -6.84 8.98 6.32
C GLN B 5 -6.27 9.42 7.68
N THR B 6 -5.82 10.67 7.76
CA THR B 6 -5.27 11.33 8.97
C THR B 6 -6.37 11.74 9.96
N ALA B 7 -7.12 10.76 10.48
CA ALA B 7 -8.22 10.95 11.42
C ALA B 7 -7.79 11.61 12.75
N ARG B 8 -8.67 12.44 13.32
CA ARG B 8 -8.44 13.22 14.55
C ARG B 8 -9.74 13.55 15.30
N LYS B 9 -9.62 14.13 16.50
CA LYS B 9 -10.73 14.72 17.27
C LYS B 9 -11.28 15.98 16.56
N SER B 10 -12.58 16.24 16.72
CA SER B 10 -13.28 17.37 16.09
C SER B 10 -12.92 18.74 16.70
N THR B 11 -12.40 18.76 17.93
CA THR B 11 -11.88 19.96 18.60
C THR B 11 -10.56 20.45 17.98
N GLY B 12 -10.25 21.75 18.15
CA GLY B 12 -9.03 22.39 17.65
C GLY B 12 -9.00 23.89 17.91
ZN ZN C . 8.03 -2.37 2.60
ZN ZN D . -3.30 -7.45 0.60
N GLY A 1 5.75 10.91 -13.18
CA GLY A 1 6.85 10.27 -12.40
C GLY A 1 7.07 8.82 -12.82
N PRO A 2 8.20 8.48 -13.47
CA PRO A 2 8.50 7.11 -13.94
C PRO A 2 8.79 6.08 -12.84
N LEU A 3 8.90 4.81 -13.24
CA LEU A 3 9.33 3.70 -12.39
C LEU A 3 10.69 3.99 -11.74
N GLY A 4 10.82 3.70 -10.43
CA GLY A 4 11.97 4.11 -9.61
C GLY A 4 11.93 5.56 -9.12
N SER A 5 10.89 6.32 -9.47
CA SER A 5 10.62 7.68 -8.98
C SER A 5 9.18 7.87 -8.54
N VAL A 6 8.36 6.82 -8.61
CA VAL A 6 7.00 6.86 -8.10
C VAL A 6 7.09 6.94 -6.59
N GLN A 7 6.18 7.67 -5.97
CA GLN A 7 6.23 7.95 -4.54
C GLN A 7 4.82 8.22 -4.05
N HIS A 8 4.21 7.19 -3.47
CA HIS A 8 2.82 7.23 -3.02
C HIS A 8 2.71 7.90 -1.65
N VAL A 9 3.06 9.19 -1.61
CA VAL A 9 2.93 10.10 -0.48
C VAL A 9 1.50 10.04 0.09
N GLY A 10 1.36 9.39 1.26
CA GLY A 10 0.09 9.04 1.90
C GLY A 10 -0.35 7.56 1.82
N PHE A 11 0.52 6.63 1.40
CA PHE A 11 0.22 5.18 1.39
C PHE A 11 1.43 4.35 1.85
N LYS A 12 1.36 3.84 3.08
CA LYS A 12 2.43 3.12 3.79
C LYS A 12 2.54 1.64 3.36
N CYS A 13 3.77 1.08 3.29
CA CYS A 13 4.02 -0.35 3.15
C CYS A 13 3.69 -1.02 4.49
N ASP A 14 2.66 -1.86 4.59
CA ASP A 14 2.31 -2.53 5.85
C ASP A 14 3.38 -3.52 6.36
N ASN A 15 4.29 -3.97 5.50
CA ASN A 15 5.27 -5.01 5.82
C ASN A 15 6.53 -4.45 6.51
N CYS A 16 7.11 -3.36 5.98
CA CYS A 16 8.27 -2.68 6.58
C CYS A 16 7.96 -1.27 7.17
N GLY A 17 6.75 -0.74 6.91
CA GLY A 17 6.23 0.50 7.49
C GLY A 17 6.75 1.80 6.88
N ILE A 18 7.38 1.79 5.70
CA ILE A 18 7.70 3.03 4.96
C ILE A 18 6.39 3.73 4.59
N GLU A 19 6.15 4.89 5.23
CA GLU A 19 4.88 5.59 5.18
C GLU A 19 4.38 6.08 3.84
N PRO A 20 5.25 6.20 2.85
CA PRO A 20 4.76 6.35 1.50
C PRO A 20 5.61 5.52 0.53
N ILE A 21 4.99 4.61 -0.20
CA ILE A 21 5.74 3.65 -0.99
C ILE A 21 6.40 4.34 -2.20
N GLN A 22 7.74 4.47 -2.16
CA GLN A 22 8.55 4.93 -3.28
C GLN A 22 9.07 3.78 -4.18
N GLY A 23 9.39 4.12 -5.43
CA GLY A 23 9.83 3.23 -6.51
C GLY A 23 8.72 2.88 -7.46
N VAL A 24 7.84 2.00 -6.97
CA VAL A 24 6.53 1.57 -7.49
C VAL A 24 5.67 1.20 -6.28
N ARG A 25 4.35 1.44 -6.34
CA ARG A 25 3.42 0.92 -5.32
C ARG A 25 2.96 -0.49 -5.66
N TRP A 26 2.89 -1.36 -4.65
CA TRP A 26 2.27 -2.69 -4.73
C TRP A 26 0.97 -2.68 -3.92
N HIS A 27 -0.15 -2.36 -4.58
CA HIS A 27 -1.47 -2.26 -3.93
C HIS A 27 -2.06 -3.65 -3.66
N CYS A 28 -2.66 -3.85 -2.47
CA CYS A 28 -3.39 -5.07 -2.15
C CYS A 28 -4.79 -5.05 -2.78
N GLN A 29 -4.97 -5.89 -3.82
CA GLN A 29 -6.15 -5.95 -4.70
C GLN A 29 -7.43 -6.47 -4.03
N ASP A 30 -7.36 -7.31 -3.00
CA ASP A 30 -8.51 -8.01 -2.41
C ASP A 30 -8.76 -7.59 -0.96
N CYS A 31 -7.77 -7.04 -0.27
CA CYS A 31 -7.96 -6.43 1.03
C CYS A 31 -8.94 -5.20 0.90
N PRO A 32 -9.84 -5.00 1.88
CA PRO A 32 -10.93 -4.02 1.88
C PRO A 32 -10.46 -2.62 2.32
N PRO A 33 -11.33 -1.58 2.33
CA PRO A 33 -10.99 -0.25 2.84
C PRO A 33 -10.54 -0.23 4.32
N GLU A 34 -10.94 -1.23 5.11
CA GLU A 34 -10.71 -1.26 6.56
C GLU A 34 -9.26 -1.64 6.90
N MET A 35 -8.67 -2.37 5.96
CA MET A 35 -7.42 -3.09 6.00
C MET A 35 -6.76 -2.90 4.65
N SER A 36 -6.67 -1.64 4.23
CA SER A 36 -6.27 -1.30 2.87
C SER A 36 -4.77 -1.34 2.73
N LEU A 37 -4.28 -2.57 2.72
CA LEU A 37 -2.87 -2.85 2.67
C LEU A 37 -2.23 -2.30 1.38
N ASP A 38 -0.94 -2.04 1.50
CA ASP A 38 -0.02 -1.74 0.42
C ASP A 38 1.35 -2.29 0.81
N PHE A 39 2.15 -2.63 -0.20
CA PHE A 39 3.53 -3.04 -0.05
C PHE A 39 4.45 -2.17 -0.92
N CYS A 40 5.73 -2.14 -0.55
CA CYS A 40 6.79 -1.58 -1.38
C CYS A 40 7.45 -2.71 -2.20
N ASP A 41 8.21 -2.36 -3.25
CA ASP A 41 8.82 -3.38 -4.12
C ASP A 41 9.88 -4.25 -3.41
N SER A 42 10.40 -3.76 -2.27
CA SER A 42 11.23 -4.54 -1.34
C SER A 42 10.41 -5.59 -0.57
N CYS A 43 9.11 -5.36 -0.44
CA CYS A 43 8.19 -6.08 0.45
C CYS A 43 7.07 -6.92 -0.23
N SER A 44 6.80 -6.82 -1.54
CA SER A 44 5.60 -7.45 -2.12
C SER A 44 5.70 -8.95 -2.35
N ASP A 45 6.88 -9.46 -2.70
CA ASP A 45 7.16 -10.90 -2.77
C ASP A 45 7.15 -11.56 -1.38
N CYS A 46 7.11 -10.74 -0.32
CA CYS A 46 7.25 -11.23 1.05
C CYS A 46 5.96 -11.76 1.67
N LEU A 47 4.81 -11.19 1.29
CA LEU A 47 3.47 -11.44 1.84
C LEU A 47 3.33 -11.11 3.36
N HIS A 48 2.12 -10.77 3.80
CA HIS A 48 1.77 -10.61 5.22
C HIS A 48 0.30 -10.90 5.48
N GLU A 49 0.03 -12.16 5.76
CA GLU A 49 -1.32 -12.65 5.90
C GLU A 49 -1.88 -12.31 7.28
N THR A 50 -3.14 -11.89 7.29
CA THR A 50 -3.88 -11.44 8.47
C THR A 50 -5.22 -12.18 8.54
N ASP A 51 -6.23 -11.65 9.22
CA ASP A 51 -7.60 -12.18 9.13
C ASP A 51 -8.18 -12.08 7.71
N ILE A 52 -7.62 -11.20 6.84
CA ILE A 52 -8.14 -10.85 5.52
C ILE A 52 -7.09 -10.87 4.40
N HIS A 53 -5.89 -10.31 4.62
CA HIS A 53 -4.81 -10.48 3.66
C HIS A 53 -4.38 -11.95 3.68
N LYS A 54 -4.21 -12.55 2.50
CA LYS A 54 -3.86 -13.96 2.30
C LYS A 54 -2.95 -14.09 1.10
N GLU A 55 -2.29 -15.24 0.97
CA GLU A 55 -1.58 -15.54 -0.27
C GLU A 55 -2.58 -15.77 -1.43
N ASP A 56 -3.85 -15.97 -1.10
CA ASP A 56 -4.93 -16.14 -2.09
C ASP A 56 -5.40 -14.77 -2.61
N HIS A 57 -5.23 -13.76 -1.77
CA HIS A 57 -5.41 -12.37 -2.11
C HIS A 57 -4.26 -11.88 -3.04
N GLN A 58 -4.59 -10.95 -3.94
CA GLN A 58 -3.74 -10.51 -5.05
C GLN A 58 -3.00 -9.17 -4.81
N LEU A 59 -1.81 -9.01 -5.41
CA LEU A 59 -1.01 -7.78 -5.40
C LEU A 59 -0.95 -7.14 -6.81
N GLU A 60 -0.85 -5.81 -6.90
CA GLU A 60 -0.84 -5.07 -8.17
C GLU A 60 0.24 -3.98 -8.22
N PRO A 61 1.20 -4.02 -9.17
CA PRO A 61 2.21 -2.98 -9.37
C PRO A 61 1.62 -1.71 -10.00
N ILE A 62 2.08 -0.56 -9.53
CA ILE A 62 1.59 0.78 -9.91
C ILE A 62 2.78 1.69 -10.22
N TYR A 63 2.93 2.08 -11.50
CA TYR A 63 4.10 2.80 -12.03
C TYR A 63 3.85 4.29 -12.29
N ARG A 64 3.01 4.88 -11.45
CA ARG A 64 2.65 6.29 -11.52
C ARG A 64 2.10 6.82 -10.18
N ALA B 1 -1.26 0.48 3.28
CA ALA B 1 -1.98 1.18 4.35
C ALA B 1 -2.21 2.64 3.97
N ARG B 2 -3.46 3.11 3.87
CA ARG B 2 -3.77 4.55 3.67
C ARG B 2 -3.30 5.38 4.88
N THR B 3 -2.68 6.54 4.63
CA THR B 3 -2.21 7.49 5.66
C THR B 3 -2.58 8.97 5.41
N LYS B 4 -3.30 9.27 4.31
CA LYS B 4 -3.81 10.63 4.02
C LYS B 4 -4.84 11.11 5.06
N GLN B 5 -4.87 12.42 5.29
CA GLN B 5 -5.86 13.10 6.15
C GLN B 5 -7.25 13.21 5.47
N THR B 6 -8.28 13.56 6.23
CA THR B 6 -9.67 13.79 5.75
C THR B 6 -10.38 14.90 6.53
N ALA B 7 -11.35 15.57 5.88
CA ALA B 7 -12.27 16.52 6.50
C ALA B 7 -13.40 15.83 7.31
N ARG B 8 -13.60 14.51 7.15
CA ARG B 8 -14.62 13.72 7.85
C ARG B 8 -14.36 13.63 9.36
N LYS B 9 -15.44 13.52 10.16
CA LYS B 9 -15.39 13.37 11.63
C LYS B 9 -14.85 12.00 12.06
N SER B 10 -14.38 11.91 13.31
CA SER B 10 -14.03 10.65 13.96
C SER B 10 -15.28 9.85 14.38
N THR B 11 -16.37 10.54 14.74
CA THR B 11 -17.68 9.98 15.12
C THR B 11 -18.80 11.04 15.00
N GLY B 12 -20.07 10.60 14.97
CA GLY B 12 -21.26 11.47 14.89
C GLY B 12 -21.46 12.16 13.53
ZN ZN C . 8.06 -2.57 2.58
ZN ZN D . -3.24 -7.46 0.71
N GLY A 1 4.94 10.53 -14.03
CA GLY A 1 6.03 10.05 -13.14
C GLY A 1 6.41 8.60 -13.41
N PRO A 2 7.61 8.31 -13.93
CA PRO A 2 8.08 6.94 -14.23
C PRO A 2 8.49 6.11 -13.00
N LEU A 3 8.84 4.84 -13.26
CA LEU A 3 9.37 3.92 -12.26
C LEU A 3 10.65 4.47 -11.61
N GLY A 4 10.81 4.21 -10.32
CA GLY A 4 11.85 4.84 -9.47
C GLY A 4 11.47 6.23 -8.96
N SER A 5 10.38 6.82 -9.47
CA SER A 5 9.86 8.13 -9.03
C SER A 5 8.39 8.12 -8.63
N VAL A 6 7.74 6.95 -8.58
CA VAL A 6 6.34 6.86 -8.21
C VAL A 6 6.25 6.74 -6.70
N GLN A 7 5.72 7.79 -6.09
CA GLN A 7 5.74 8.00 -4.65
C GLN A 7 4.32 8.30 -4.18
N HIS A 8 3.70 7.29 -3.58
CA HIS A 8 2.30 7.34 -3.18
C HIS A 8 2.18 7.97 -1.78
N VAL A 9 2.41 9.27 -1.70
CA VAL A 9 2.37 10.16 -0.51
C VAL A 9 1.00 10.13 0.21
N GLY A 10 0.75 9.00 0.88
CA GLY A 10 -0.41 8.64 1.72
C GLY A 10 -0.68 7.13 1.83
N PHE A 11 0.26 6.25 1.42
CA PHE A 11 0.07 4.78 1.35
C PHE A 11 1.33 4.04 1.85
N LYS A 12 1.31 3.58 3.10
CA LYS A 12 2.44 2.97 3.82
C LYS A 12 2.65 1.48 3.46
N CYS A 13 3.91 1.01 3.37
CA CYS A 13 4.25 -0.43 3.26
C CYS A 13 3.95 -1.11 4.62
N ASP A 14 3.02 -2.07 4.68
CA ASP A 14 2.70 -2.78 5.92
C ASP A 14 3.84 -3.68 6.46
N ASN A 15 4.86 -3.98 5.64
CA ASN A 15 5.97 -4.83 6.05
C ASN A 15 7.09 -4.05 6.76
N CYS A 16 7.65 -3.03 6.10
CA CYS A 16 8.75 -2.22 6.64
C CYS A 16 8.31 -0.84 7.18
N GLY A 17 7.07 -0.43 6.93
CA GLY A 17 6.46 0.78 7.49
C GLY A 17 6.87 2.11 6.84
N ILE A 18 7.51 2.12 5.66
CA ILE A 18 7.71 3.36 4.90
C ILE A 18 6.35 3.95 4.55
N GLU A 19 6.05 5.10 5.17
CA GLU A 19 4.72 5.73 5.17
C GLU A 19 4.15 6.09 3.83
N PRO A 20 4.99 6.35 2.82
CA PRO A 20 4.46 6.38 1.49
C PRO A 20 5.39 5.65 0.52
N ILE A 21 4.86 4.66 -0.17
CA ILE A 21 5.70 3.78 -1.00
C ILE A 21 6.24 4.54 -2.21
N GLN A 22 7.57 4.61 -2.33
CA GLN A 22 8.30 5.23 -3.44
C GLN A 22 8.87 4.19 -4.43
N GLY A 23 9.09 4.61 -5.69
CA GLY A 23 9.48 3.80 -6.84
C GLY A 23 8.34 3.23 -7.64
N VAL A 24 7.58 2.30 -7.05
CA VAL A 24 6.31 1.72 -7.48
C VAL A 24 5.49 1.32 -6.24
N ARG A 25 4.17 1.57 -6.19
CA ARG A 25 3.33 1.04 -5.10
C ARG A 25 2.84 -0.38 -5.37
N TRP A 26 3.17 -1.35 -4.53
CA TRP A 26 2.59 -2.69 -4.57
C TRP A 26 1.29 -2.70 -3.74
N HIS A 27 0.16 -2.39 -4.40
CA HIS A 27 -1.16 -2.30 -3.79
C HIS A 27 -1.77 -3.68 -3.51
N CYS A 28 -2.38 -3.88 -2.33
CA CYS A 28 -3.17 -5.07 -2.04
C CYS A 28 -4.55 -4.97 -2.73
N GLN A 29 -4.75 -5.76 -3.78
CA GLN A 29 -5.91 -5.75 -4.69
C GLN A 29 -7.25 -6.13 -4.04
N ASP A 30 -7.28 -7.04 -3.07
CA ASP A 30 -8.52 -7.64 -2.53
C ASP A 30 -8.81 -7.17 -1.11
N CYS A 31 -7.78 -6.73 -0.36
CA CYS A 31 -7.96 -6.11 0.93
C CYS A 31 -8.83 -4.82 0.81
N PRO A 32 -9.74 -4.58 1.78
CA PRO A 32 -10.74 -3.50 1.80
C PRO A 32 -10.13 -2.16 2.28
N PRO A 33 -10.89 -1.05 2.30
CA PRO A 33 -10.41 0.24 2.82
C PRO A 33 -9.92 0.20 4.27
N GLU A 34 -10.44 -0.73 5.07
CA GLU A 34 -10.20 -0.78 6.52
C GLU A 34 -8.79 -1.28 6.84
N MET A 35 -8.33 -2.15 5.95
CA MET A 35 -7.17 -3.00 5.97
C MET A 35 -6.49 -2.82 4.62
N SER A 36 -6.37 -1.56 4.20
CA SER A 36 -5.93 -1.24 2.84
C SER A 36 -4.42 -1.35 2.74
N LEU A 37 -3.97 -2.60 2.79
CA LEU A 37 -2.57 -2.94 2.80
C LEU A 37 -1.89 -2.41 1.52
N ASP A 38 -0.59 -2.22 1.66
CA ASP A 38 0.34 -1.94 0.58
C ASP A 38 1.71 -2.52 0.95
N PHE A 39 2.56 -2.67 -0.05
CA PHE A 39 3.96 -3.03 0.09
C PHE A 39 4.82 -2.14 -0.80
N CYS A 40 6.10 -2.01 -0.45
CA CYS A 40 7.11 -1.40 -1.31
C CYS A 40 7.77 -2.50 -2.16
N ASP A 41 8.47 -2.13 -3.25
CA ASP A 41 9.10 -3.14 -4.12
C ASP A 41 10.24 -3.91 -3.42
N SER A 42 10.77 -3.36 -2.34
CA SER A 42 11.69 -4.04 -1.41
C SER A 42 10.98 -5.13 -0.59
N CYS A 43 9.67 -5.00 -0.41
CA CYS A 43 8.85 -5.77 0.51
C CYS A 43 7.78 -6.70 -0.11
N SER A 44 7.33 -6.53 -1.37
CA SER A 44 6.25 -7.34 -1.94
C SER A 44 6.58 -8.82 -2.20
N ASP A 45 7.83 -9.25 -1.95
CA ASP A 45 8.19 -10.68 -1.92
C ASP A 45 7.46 -11.40 -0.76
N CYS A 46 6.90 -10.63 0.19
CA CYS A 46 6.06 -11.12 1.28
C CYS A 46 4.65 -11.51 0.79
N LEU A 47 4.10 -12.57 1.38
CA LEU A 47 2.80 -13.17 1.05
C LEU A 47 2.07 -13.61 2.33
N HIS A 48 1.86 -12.63 3.22
CA HIS A 48 1.25 -12.78 4.54
C HIS A 48 -0.24 -13.10 4.50
N GLU A 49 -0.72 -13.59 5.64
CA GLU A 49 -2.11 -13.86 5.91
C GLU A 49 -2.52 -13.30 7.28
N THR A 50 -3.49 -12.38 7.29
CA THR A 50 -4.01 -11.73 8.50
C THR A 50 -5.41 -11.14 8.26
N ASP A 51 -6.41 -11.70 8.96
CA ASP A 51 -7.86 -11.42 8.95
C ASP A 51 -8.56 -11.54 7.59
N ILE A 52 -8.04 -10.82 6.61
CA ILE A 52 -8.59 -10.55 5.27
C ILE A 52 -7.49 -10.61 4.19
N HIS A 53 -6.29 -10.13 4.50
CA HIS A 53 -5.14 -10.32 3.65
C HIS A 53 -4.73 -11.82 3.70
N LYS A 54 -4.41 -12.42 2.55
CA LYS A 54 -4.19 -13.86 2.37
C LYS A 54 -3.16 -14.13 1.27
N GLU A 55 -2.71 -15.37 1.17
CA GLU A 55 -1.92 -15.83 0.03
C GLU A 55 -2.79 -15.89 -1.25
N ASP A 56 -4.13 -15.88 -1.11
CA ASP A 56 -5.07 -16.01 -2.24
C ASP A 56 -5.38 -14.63 -2.86
N HIS A 57 -5.47 -13.64 -1.99
CA HIS A 57 -5.53 -12.24 -2.29
C HIS A 57 -4.33 -11.78 -3.17
N GLN A 58 -4.60 -10.85 -4.08
CA GLN A 58 -3.70 -10.41 -5.15
C GLN A 58 -2.93 -9.10 -4.84
N LEU A 59 -1.71 -8.96 -5.36
CA LEU A 59 -0.91 -7.75 -5.31
C LEU A 59 -0.86 -7.06 -6.69
N GLU A 60 -0.64 -5.75 -6.75
CA GLU A 60 -0.61 -4.96 -8.00
C GLU A 60 0.53 -3.94 -8.03
N PRO A 61 1.50 -4.03 -8.96
CA PRO A 61 2.59 -3.06 -9.10
C PRO A 61 2.12 -1.80 -9.83
N ILE A 62 1.92 -0.72 -9.08
CA ILE A 62 1.46 0.58 -9.61
C ILE A 62 2.65 1.42 -10.08
N TYR A 63 2.72 1.66 -11.39
CA TYR A 63 3.83 2.34 -12.09
C TYR A 63 3.60 3.82 -12.41
N ARG A 64 2.67 4.42 -11.68
CA ARG A 64 2.25 5.81 -11.88
C ARG A 64 1.67 6.47 -10.61
N ALA B 1 -1.04 0.15 3.53
CA ALA B 1 -1.79 0.82 4.59
C ALA B 1 -2.09 2.26 4.19
N ARG B 2 -3.33 2.64 3.89
CA ARG B 2 -3.66 4.05 3.64
C ARG B 2 -3.48 4.90 4.91
N THR B 3 -2.61 5.91 4.84
CA THR B 3 -2.49 6.96 5.86
C THR B 3 -3.45 8.13 5.56
N LYS B 4 -3.69 8.42 4.28
CA LYS B 4 -4.73 9.34 3.79
C LYS B 4 -6.02 8.58 3.52
N GLN B 5 -6.79 8.29 4.58
CA GLN B 5 -8.08 7.58 4.49
C GLN B 5 -9.22 8.42 3.91
N THR B 6 -10.19 7.74 3.28
CA THR B 6 -11.47 8.33 2.81
C THR B 6 -12.45 8.51 3.97
N ALA B 7 -13.19 9.62 4.00
CA ALA B 7 -14.18 9.92 5.04
C ALA B 7 -15.37 8.94 5.02
N ARG B 8 -15.91 8.58 6.20
CA ARG B 8 -17.02 7.61 6.36
C ARG B 8 -18.40 8.19 6.03
N LYS B 9 -18.56 9.52 6.08
CA LYS B 9 -19.79 10.24 5.72
C LYS B 9 -20.10 10.11 4.22
N SER B 10 -21.39 9.98 3.88
CA SER B 10 -21.88 9.86 2.50
C SER B 10 -21.73 11.16 1.69
N THR B 11 -21.84 11.06 0.36
CA THR B 11 -21.73 12.18 -0.60
C THR B 11 -22.96 13.12 -0.61
N GLY B 12 -24.08 12.72 0.01
CA GLY B 12 -25.34 13.47 0.04
C GLY B 12 -26.04 13.59 -1.32
ZN ZN C . 8.43 -2.31 2.65
ZN ZN D . -3.36 -7.55 0.71
N GLY A 1 6.77 12.19 -13.06
CA GLY A 1 7.66 11.23 -12.34
C GLY A 1 7.41 9.78 -12.76
N PRO A 2 8.42 9.07 -13.31
CA PRO A 2 8.33 7.66 -13.72
C PRO A 2 8.74 6.68 -12.61
N LEU A 3 8.87 5.39 -12.97
CA LEU A 3 9.31 4.32 -12.07
C LEU A 3 10.67 4.65 -11.43
N GLY A 4 10.85 4.25 -10.16
CA GLY A 4 12.03 4.59 -9.36
C GLY A 4 12.04 6.03 -8.81
N SER A 5 11.04 6.85 -9.16
CA SER A 5 10.82 8.21 -8.63
C SER A 5 9.36 8.44 -8.24
N VAL A 6 8.48 7.48 -8.51
CA VAL A 6 7.08 7.55 -8.12
C VAL A 6 7.01 7.47 -6.62
N GLN A 7 5.99 8.06 -6.01
CA GLN A 7 5.97 8.23 -4.56
C GLN A 7 4.54 8.44 -4.08
N HIS A 8 4.00 7.39 -3.48
CA HIS A 8 2.63 7.34 -2.97
C HIS A 8 2.54 7.97 -1.59
N VAL A 9 2.87 9.26 -1.52
CA VAL A 9 2.70 10.16 -0.38
C VAL A 9 1.25 10.04 0.14
N GLY A 10 1.08 9.33 1.26
CA GLY A 10 -0.21 8.91 1.81
C GLY A 10 -0.51 7.40 1.79
N PHE A 11 0.43 6.51 1.43
CA PHE A 11 0.22 5.05 1.43
C PHE A 11 1.44 4.26 1.91
N LYS A 12 1.38 3.72 3.12
CA LYS A 12 2.48 3.00 3.79
C LYS A 12 2.66 1.54 3.33
N CYS A 13 3.90 1.03 3.27
CA CYS A 13 4.21 -0.40 3.09
C CYS A 13 3.91 -1.13 4.41
N ASP A 14 2.94 -2.04 4.47
CA ASP A 14 2.65 -2.77 5.72
C ASP A 14 3.77 -3.72 6.18
N ASN A 15 4.69 -4.08 5.29
CA ASN A 15 5.74 -5.07 5.57
C ASN A 15 6.97 -4.46 6.26
N CYS A 16 7.50 -3.33 5.77
CA CYS A 16 8.61 -2.60 6.37
C CYS A 16 8.22 -1.23 7.00
N GLY A 17 7.00 -0.76 6.78
CA GLY A 17 6.43 0.44 7.40
C GLY A 17 6.87 1.78 6.81
N ILE A 18 7.52 1.84 5.64
CA ILE A 18 7.76 3.11 4.93
C ILE A 18 6.42 3.75 4.60
N GLU A 19 6.16 4.87 5.27
CA GLU A 19 4.87 5.57 5.29
C GLU A 19 4.32 6.04 3.96
N PRO A 20 5.18 6.29 2.97
CA PRO A 20 4.65 6.43 1.63
C PRO A 20 5.52 5.68 0.62
N ILE A 21 4.91 4.78 -0.14
CA ILE A 21 5.70 3.86 -0.97
C ILE A 21 6.28 4.58 -2.18
N GLN A 22 7.61 4.70 -2.21
CA GLN A 22 8.37 5.25 -3.32
C GLN A 22 8.83 4.18 -4.35
N GLY A 23 9.19 4.65 -5.54
CA GLY A 23 9.46 3.92 -6.78
C GLY A 23 8.25 3.43 -7.52
N VAL A 24 7.55 2.43 -6.97
CA VAL A 24 6.25 1.88 -7.39
C VAL A 24 5.48 1.36 -6.17
N ARG A 25 4.15 1.57 -6.10
CA ARG A 25 3.30 0.98 -5.04
C ARG A 25 2.77 -0.40 -5.42
N TRP A 26 2.88 -1.37 -4.51
CA TRP A 26 2.39 -2.74 -4.69
C TRP A 26 1.10 -2.96 -3.86
N HIS A 27 -0.06 -2.69 -4.45
CA HIS A 27 -1.38 -2.73 -3.77
C HIS A 27 -1.91 -4.16 -3.56
N CYS A 28 -2.50 -4.45 -2.39
CA CYS A 28 -3.19 -5.70 -2.09
C CYS A 28 -4.60 -5.71 -2.72
N GLN A 29 -4.74 -6.33 -3.89
CA GLN A 29 -5.94 -6.34 -4.74
C GLN A 29 -7.17 -7.03 -4.14
N ASP A 30 -7.07 -7.53 -2.92
CA ASP A 30 -8.07 -8.39 -2.28
C ASP A 30 -8.48 -7.90 -0.87
N CYS A 31 -7.63 -7.16 -0.16
CA CYS A 31 -8.02 -6.48 1.07
C CYS A 31 -9.04 -5.32 0.79
N PRO A 32 -9.92 -4.98 1.75
CA PRO A 32 -10.90 -3.90 1.68
C PRO A 32 -10.24 -2.52 2.01
N PRO A 33 -10.98 -1.39 2.00
CA PRO A 33 -10.41 -0.06 2.29
C PRO A 33 -9.90 0.10 3.72
N GLU A 34 -10.45 -0.66 4.68
CA GLU A 34 -10.24 -0.47 6.12
C GLU A 34 -8.90 -1.07 6.61
N MET A 35 -8.43 -2.00 5.77
CA MET A 35 -7.34 -2.95 5.93
C MET A 35 -6.50 -2.95 4.64
N SER A 36 -6.45 -1.80 3.98
CA SER A 36 -5.92 -1.62 2.63
C SER A 36 -4.39 -1.78 2.55
N LEU A 37 -3.94 -3.03 2.55
CA LEU A 37 -2.51 -3.29 2.44
C LEU A 37 -1.91 -2.74 1.14
N ASP A 38 -0.65 -2.38 1.29
CA ASP A 38 0.27 -2.04 0.24
C ASP A 38 1.67 -2.52 0.66
N PHE A 39 2.50 -2.83 -0.32
CA PHE A 39 3.91 -3.10 -0.15
C PHE A 39 4.74 -2.14 -1.00
N CYS A 40 6.02 -2.00 -0.65
CA CYS A 40 7.00 -1.33 -1.49
C CYS A 40 7.70 -2.37 -2.38
N ASP A 41 8.42 -1.92 -3.42
CA ASP A 41 9.09 -2.85 -4.35
C ASP A 41 10.22 -3.66 -3.69
N SER A 42 10.69 -3.22 -2.52
CA SER A 42 11.59 -3.98 -1.65
C SER A 42 10.86 -5.12 -0.92
N CYS A 43 9.55 -4.95 -0.72
CA CYS A 43 8.70 -5.77 0.13
C CYS A 43 7.64 -6.65 -0.58
N SER A 44 7.36 -6.50 -1.88
CA SER A 44 6.25 -7.20 -2.54
C SER A 44 6.36 -8.73 -2.65
N ASP A 45 7.52 -9.31 -2.33
CA ASP A 45 7.66 -10.77 -2.16
C ASP A 45 6.85 -11.28 -0.94
N CYS A 46 6.33 -10.37 -0.10
CA CYS A 46 5.50 -10.70 1.05
C CYS A 46 4.11 -11.23 0.66
N LEU A 47 3.63 -12.19 1.44
CA LEU A 47 2.34 -12.88 1.27
C LEU A 47 1.77 -13.33 2.64
N HIS A 48 1.61 -12.35 3.53
CA HIS A 48 1.11 -12.51 4.90
C HIS A 48 -0.39 -12.86 4.97
N GLU A 49 -0.83 -13.21 6.18
CA GLU A 49 -2.20 -13.51 6.49
C GLU A 49 -2.62 -12.87 7.84
N THR A 50 -3.73 -12.14 7.83
CA THR A 50 -4.41 -11.52 8.97
C THR A 50 -5.84 -12.08 9.08
N ASP A 51 -6.78 -11.36 9.70
CA ASP A 51 -8.21 -11.70 9.66
C ASP A 51 -8.80 -11.60 8.24
N ILE A 52 -8.18 -10.83 7.33
CA ILE A 52 -8.70 -10.48 6.00
C ILE A 52 -7.64 -10.58 4.89
N HIS A 53 -6.43 -10.12 5.14
CA HIS A 53 -5.31 -10.38 4.25
C HIS A 53 -4.94 -11.88 4.35
N LYS A 54 -4.59 -12.52 3.23
CA LYS A 54 -4.42 -13.98 3.10
C LYS A 54 -3.43 -14.29 1.98
N GLU A 55 -2.96 -15.54 1.88
CA GLU A 55 -2.23 -15.95 0.68
C GLU A 55 -3.14 -16.05 -0.56
N ASP A 56 -4.46 -15.86 -0.42
CA ASP A 56 -5.38 -15.75 -1.57
C ASP A 56 -5.11 -14.49 -2.43
N HIS A 57 -4.21 -13.62 -1.97
CA HIS A 57 -3.94 -12.33 -2.54
C HIS A 57 -3.39 -12.28 -3.97
N GLN A 58 -3.55 -11.09 -4.54
CA GLN A 58 -2.97 -10.62 -5.79
C GLN A 58 -2.34 -9.24 -5.54
N LEU A 59 -1.10 -9.05 -6.01
CA LEU A 59 -0.32 -7.82 -5.79
C LEU A 59 -0.24 -7.01 -7.09
N GLU A 60 -0.48 -5.71 -7.01
CA GLU A 60 -0.64 -4.84 -8.19
C GLU A 60 0.43 -3.72 -8.23
N PRO A 61 1.35 -3.73 -9.21
CA PRO A 61 2.37 -2.70 -9.37
C PRO A 61 1.80 -1.41 -9.99
N ILE A 62 1.87 -0.31 -9.24
CA ILE A 62 1.36 1.01 -9.61
C ILE A 62 2.54 1.92 -9.97
N TYR A 63 2.65 2.26 -11.26
CA TYR A 63 3.80 2.93 -11.89
C TYR A 63 3.74 4.46 -12.00
N ARG A 64 2.70 5.05 -11.43
CA ARG A 64 2.37 6.48 -11.44
C ARG A 64 1.74 6.96 -10.12
N ALA B 1 -0.99 0.11 3.07
CA ALA B 1 -1.81 0.74 4.11
C ALA B 1 -2.17 2.14 3.68
N ARG B 2 -3.46 2.54 3.69
CA ARG B 2 -3.82 3.97 3.51
C ARG B 2 -3.30 4.76 4.72
N THR B 3 -2.64 5.89 4.45
CA THR B 3 -1.88 6.68 5.44
C THR B 3 -2.05 8.20 5.30
N LYS B 4 -2.86 8.67 4.32
CA LYS B 4 -3.13 10.10 4.06
C LYS B 4 -3.84 10.77 5.26
N GLN B 5 -3.44 12.00 5.58
CA GLN B 5 -3.89 12.72 6.79
C GLN B 5 -5.39 13.08 6.78
N THR B 6 -5.95 13.42 5.60
CA THR B 6 -7.36 13.73 5.26
C THR B 6 -8.04 14.91 6.00
N ALA B 7 -7.70 15.18 7.26
CA ALA B 7 -8.26 16.26 8.08
C ALA B 7 -7.24 16.82 9.10
N ARG B 8 -7.40 18.10 9.49
CA ARG B 8 -6.47 18.80 10.42
C ARG B 8 -6.56 18.30 11.88
N LYS B 9 -7.69 17.71 12.27
CA LYS B 9 -7.97 17.15 13.61
C LYS B 9 -8.96 15.98 13.52
N SER B 10 -8.85 15.00 14.43
CA SER B 10 -9.76 13.86 14.52
C SER B 10 -11.19 14.28 14.93
N THR B 11 -12.21 13.58 14.43
CA THR B 11 -13.64 13.83 14.70
C THR B 11 -14.49 12.57 14.50
N GLY B 12 -15.67 12.51 15.13
CA GLY B 12 -16.61 11.37 15.09
C GLY B 12 -17.91 11.66 15.84
ZN ZN C . 8.36 -2.35 2.44
ZN ZN D . -3.75 -8.03 1.12
N GLY A 1 5.97 11.80 -11.81
CA GLY A 1 6.87 11.25 -12.86
C GLY A 1 6.74 9.73 -13.03
N PRO A 2 7.67 9.09 -13.76
CA PRO A 2 7.68 7.64 -14.04
C PRO A 2 8.02 6.73 -12.85
N LEU A 3 7.94 5.41 -13.10
CA LEU A 3 8.42 4.39 -12.16
C LEU A 3 9.88 4.59 -11.74
N GLY A 4 10.19 4.20 -10.50
CA GLY A 4 11.46 4.51 -9.83
C GLY A 4 11.57 5.96 -9.31
N SER A 5 10.60 6.81 -9.65
CA SER A 5 10.40 8.16 -9.09
C SER A 5 8.99 8.34 -8.55
N VAL A 6 8.15 7.31 -8.70
CA VAL A 6 6.75 7.34 -8.29
C VAL A 6 6.71 7.33 -6.78
N GLN A 7 5.71 7.94 -6.18
CA GLN A 7 5.72 8.18 -4.73
C GLN A 7 4.30 8.39 -4.20
N HIS A 8 3.76 7.34 -3.59
CA HIS A 8 2.41 7.28 -3.05
C HIS A 8 2.34 7.90 -1.66
N VAL A 9 2.64 9.19 -1.60
CA VAL A 9 2.48 10.09 -0.45
C VAL A 9 1.06 9.95 0.12
N GLY A 10 0.93 9.21 1.22
CA GLY A 10 -0.34 8.76 1.83
C GLY A 10 -0.62 7.24 1.79
N PHE A 11 0.34 6.39 1.40
CA PHE A 11 0.18 4.91 1.38
C PHE A 11 1.46 4.18 1.82
N LYS A 12 1.45 3.68 3.07
CA LYS A 12 2.57 3.02 3.76
C LYS A 12 2.75 1.54 3.37
N CYS A 13 3.99 1.04 3.30
CA CYS A 13 4.30 -0.40 3.17
C CYS A 13 4.02 -1.08 4.53
N ASP A 14 3.05 -1.99 4.61
CA ASP A 14 2.73 -2.69 5.87
C ASP A 14 3.85 -3.61 6.38
N ASN A 15 4.83 -3.96 5.55
CA ASN A 15 5.92 -4.86 5.91
C ASN A 15 7.08 -4.13 6.61
N CYS A 16 7.65 -3.10 5.97
CA CYS A 16 8.78 -2.32 6.50
C CYS A 16 8.37 -0.95 7.10
N GLY A 17 7.15 -0.50 6.84
CA GLY A 17 6.56 0.71 7.42
C GLY A 17 6.99 2.03 6.79
N ILE A 18 7.62 2.04 5.59
CA ILE A 18 7.84 3.30 4.84
C ILE A 18 6.49 3.91 4.51
N GLU A 19 6.21 5.05 5.16
CA GLU A 19 4.91 5.71 5.18
C GLU A 19 4.32 6.11 3.84
N PRO A 20 5.15 6.36 2.83
CA PRO A 20 4.61 6.42 1.50
C PRO A 20 5.49 5.66 0.51
N ILE A 21 4.90 4.72 -0.21
CA ILE A 21 5.69 3.82 -1.05
C ILE A 21 6.22 4.57 -2.28
N GLN A 22 7.53 4.76 -2.33
CA GLN A 22 8.25 5.28 -3.49
C GLN A 22 8.73 4.18 -4.47
N GLY A 23 9.05 4.61 -5.69
CA GLY A 23 9.38 3.82 -6.88
C GLY A 23 8.19 3.29 -7.63
N VAL A 24 7.54 2.25 -7.08
CA VAL A 24 6.24 1.68 -7.49
C VAL A 24 5.46 1.25 -6.24
N ARG A 25 4.15 1.51 -6.20
CA ARG A 25 3.28 1.04 -5.10
C ARG A 25 2.76 -0.37 -5.37
N TRP A 26 3.12 -1.34 -4.54
CA TRP A 26 2.52 -2.68 -4.56
C TRP A 26 1.23 -2.68 -3.73
N HIS A 27 0.10 -2.36 -4.36
CA HIS A 27 -1.21 -2.29 -3.71
C HIS A 27 -1.80 -3.68 -3.43
N CYS A 28 -2.40 -3.90 -2.26
CA CYS A 28 -3.17 -5.11 -1.95
C CYS A 28 -4.54 -5.07 -2.68
N GLN A 29 -4.65 -5.85 -3.76
CA GLN A 29 -5.75 -5.89 -4.72
C GLN A 29 -7.11 -6.36 -4.15
N ASP A 30 -7.13 -7.14 -3.07
CA ASP A 30 -8.35 -7.79 -2.56
C ASP A 30 -8.66 -7.37 -1.12
N CYS A 31 -7.68 -6.87 -0.36
CA CYS A 31 -7.93 -6.25 0.93
C CYS A 31 -8.84 -4.99 0.74
N PRO A 32 -9.77 -4.72 1.69
CA PRO A 32 -10.81 -3.69 1.64
C PRO A 32 -10.25 -2.31 2.08
N PRO A 33 -11.06 -1.22 2.11
CA PRO A 33 -10.60 0.10 2.55
C PRO A 33 -10.16 0.15 4.02
N GLU A 34 -10.71 -0.74 4.86
CA GLU A 34 -10.56 -0.73 6.31
C GLU A 34 -9.22 -1.30 6.78
N MET A 35 -8.65 -2.10 5.88
CA MET A 35 -7.53 -2.99 5.98
C MET A 35 -6.72 -2.86 4.69
N SER A 36 -6.50 -1.61 4.28
CA SER A 36 -5.96 -1.28 2.96
C SER A 36 -4.44 -1.34 2.96
N LEU A 37 -3.96 -2.57 3.04
CA LEU A 37 -2.56 -2.88 2.93
C LEU A 37 -1.94 -2.37 1.60
N ASP A 38 -0.65 -2.15 1.68
CA ASP A 38 0.25 -1.89 0.57
C ASP A 38 1.65 -2.42 0.94
N PHE A 39 2.50 -2.58 -0.07
CA PHE A 39 3.89 -2.96 0.07
C PHE A 39 4.77 -2.08 -0.83
N CYS A 40 6.05 -1.97 -0.49
CA CYS A 40 7.04 -1.38 -1.37
C CYS A 40 7.71 -2.48 -2.21
N ASP A 41 8.38 -2.12 -3.31
CA ASP A 41 9.00 -3.12 -4.19
C ASP A 41 10.15 -3.90 -3.52
N SER A 42 10.71 -3.35 -2.43
CA SER A 42 11.64 -4.03 -1.54
C SER A 42 10.96 -5.13 -0.71
N CYS A 43 9.65 -5.00 -0.50
CA CYS A 43 8.85 -5.79 0.44
C CYS A 43 7.78 -6.72 -0.16
N SER A 44 7.32 -6.54 -1.41
CA SER A 44 6.25 -7.37 -2.01
C SER A 44 6.63 -8.83 -2.29
N ASP A 45 7.88 -9.22 -2.05
CA ASP A 45 8.29 -10.64 -2.04
C ASP A 45 7.61 -11.39 -0.87
N CYS A 46 7.05 -10.65 0.10
CA CYS A 46 6.23 -11.19 1.19
C CYS A 46 4.79 -11.48 0.73
N LEU A 47 4.21 -12.55 1.29
CA LEU A 47 2.84 -12.98 1.06
C LEU A 47 2.17 -13.38 2.39
N HIS A 48 2.00 -12.39 3.25
CA HIS A 48 1.39 -12.52 4.58
C HIS A 48 -0.10 -12.84 4.52
N GLU A 49 -0.62 -13.31 5.65
CA GLU A 49 -2.01 -13.62 5.85
C GLU A 49 -2.49 -13.15 7.24
N THR A 50 -3.61 -12.43 7.26
CA THR A 50 -4.30 -11.90 8.46
C THR A 50 -5.74 -12.44 8.49
N ASP A 51 -6.68 -11.76 9.15
CA ASP A 51 -8.11 -12.08 9.04
C ASP A 51 -8.66 -11.87 7.62
N ILE A 52 -8.01 -11.04 6.79
CA ILE A 52 -8.52 -10.59 5.48
C ILE A 52 -7.45 -10.60 4.37
N HIS A 53 -6.24 -10.14 4.66
CA HIS A 53 -5.10 -10.31 3.75
C HIS A 53 -4.73 -11.81 3.73
N LYS A 54 -4.44 -12.39 2.56
CA LYS A 54 -4.25 -13.84 2.36
C LYS A 54 -3.33 -14.13 1.20
N GLU A 55 -2.91 -15.38 1.08
CA GLU A 55 -2.25 -15.85 -0.12
C GLU A 55 -3.25 -16.02 -1.30
N ASP A 56 -4.55 -15.99 -0.97
CA ASP A 56 -5.66 -16.07 -1.93
C ASP A 56 -5.97 -14.68 -2.53
N HIS A 57 -5.62 -13.67 -1.74
CA HIS A 57 -5.59 -12.28 -2.11
C HIS A 57 -4.35 -11.98 -3.00
N GLN A 58 -4.36 -10.85 -3.71
CA GLN A 58 -3.41 -10.49 -4.76
C GLN A 58 -2.70 -9.14 -4.58
N LEU A 59 -1.50 -8.99 -5.15
CA LEU A 59 -0.72 -7.75 -5.15
C LEU A 59 -0.58 -7.18 -6.58
N GLU A 60 -0.49 -5.85 -6.72
CA GLU A 60 -0.39 -5.16 -8.03
C GLU A 60 0.64 -4.00 -8.00
N PRO A 61 1.67 -4.00 -8.88
CA PRO A 61 2.68 -2.94 -8.96
C PRO A 61 2.17 -1.73 -9.77
N ILE A 62 1.88 -0.63 -9.07
CA ILE A 62 1.42 0.64 -9.64
C ILE A 62 2.64 1.46 -10.08
N TYR A 63 2.80 1.65 -11.40
CA TYR A 63 3.94 2.37 -12.01
C TYR A 63 3.74 3.87 -12.17
N ARG A 64 2.56 4.34 -11.82
CA ARG A 64 2.11 5.74 -11.78
C ARG A 64 1.28 6.01 -10.52
N ALA B 1 -0.99 0.34 3.52
CA ALA B 1 -1.75 1.01 4.60
C ALA B 1 -2.01 2.46 4.23
N ARG B 2 -3.26 2.93 4.17
CA ARG B 2 -3.56 4.37 3.99
C ARG B 2 -3.00 5.23 5.13
N THR B 3 -2.50 6.42 4.80
CA THR B 3 -1.92 7.44 5.72
C THR B 3 -2.27 8.86 5.25
N LYS B 4 -1.92 9.89 6.05
CA LYS B 4 -2.00 11.33 5.71
C LYS B 4 -3.42 11.85 5.39
N GLN B 5 -4.46 11.16 5.88
CA GLN B 5 -5.86 11.62 5.79
C GLN B 5 -6.16 12.75 6.79
N THR B 6 -7.24 13.50 6.57
CA THR B 6 -7.70 14.56 7.48
C THR B 6 -8.23 13.98 8.81
N ALA B 7 -7.77 14.55 9.93
CA ALA B 7 -8.21 14.15 11.28
C ALA B 7 -9.60 14.70 11.66
N ARG B 8 -10.32 13.99 12.54
CA ARG B 8 -11.58 14.44 13.15
C ARG B 8 -11.32 15.58 14.17
N LYS B 9 -12.24 16.55 14.25
CA LYS B 9 -12.17 17.67 15.21
C LYS B 9 -12.25 17.23 16.68
N SER B 10 -11.69 18.05 17.58
CA SER B 10 -11.73 17.83 19.03
C SER B 10 -13.12 18.11 19.65
N THR B 11 -13.32 17.69 20.90
CA THR B 11 -14.57 17.88 21.67
C THR B 11 -14.78 19.32 22.18
N GLY B 12 -13.78 20.19 22.08
CA GLY B 12 -13.80 21.59 22.56
C GLY B 12 -13.83 21.71 24.09
ZN ZN C . 8.43 -2.31 2.55
ZN ZN D . -3.32 -7.58 0.83
N GLY A 1 6.45 12.01 -13.03
CA GLY A 1 7.35 11.01 -12.37
C GLY A 1 7.16 9.59 -12.92
N PRO A 2 8.18 9.01 -13.59
CA PRO A 2 8.22 7.60 -14.03
C PRO A 2 8.53 6.61 -12.90
N LEU A 3 8.75 5.34 -13.27
CA LEU A 3 9.19 4.30 -12.35
C LEU A 3 10.52 4.69 -11.68
N GLY A 4 10.69 4.29 -10.41
CA GLY A 4 11.83 4.71 -9.58
C GLY A 4 11.73 6.15 -9.06
N SER A 5 10.66 6.87 -9.40
CA SER A 5 10.37 8.24 -8.94
C SER A 5 8.90 8.43 -8.54
N VAL A 6 8.07 7.40 -8.73
CA VAL A 6 6.67 7.42 -8.33
C VAL A 6 6.62 7.40 -6.82
N GLN A 7 5.61 7.99 -6.20
CA GLN A 7 5.61 8.19 -4.75
C GLN A 7 4.20 8.40 -4.21
N HIS A 8 3.68 7.38 -3.55
CA HIS A 8 2.33 7.34 -2.99
C HIS A 8 2.31 7.93 -1.58
N VAL A 9 2.58 9.23 -1.51
CA VAL A 9 2.47 10.09 -0.33
C VAL A 9 1.12 9.87 0.38
N GLY A 10 1.15 9.21 1.56
CA GLY A 10 -0.01 8.75 2.34
C GLY A 10 -0.42 7.28 2.16
N PHE A 11 0.43 6.42 1.58
CA PHE A 11 0.18 4.98 1.45
C PHE A 11 1.43 4.18 1.84
N LYS A 12 1.43 3.67 3.08
CA LYS A 12 2.56 3.05 3.79
C LYS A 12 2.73 1.56 3.44
N CYS A 13 3.96 1.05 3.42
CA CYS A 13 4.29 -0.39 3.31
C CYS A 13 3.98 -1.09 4.64
N ASP A 14 3.05 -2.05 4.67
CA ASP A 14 2.71 -2.81 5.88
C ASP A 14 3.83 -3.76 6.36
N ASN A 15 4.84 -4.04 5.52
CA ASN A 15 5.94 -4.94 5.85
C ASN A 15 7.11 -4.21 6.55
N CYS A 16 7.69 -3.19 5.91
CA CYS A 16 8.80 -2.41 6.47
C CYS A 16 8.41 -1.04 7.06
N GLY A 17 7.18 -0.58 6.81
CA GLY A 17 6.62 0.62 7.44
C GLY A 17 6.99 1.96 6.78
N ILE A 18 7.63 2.00 5.61
CA ILE A 18 7.82 3.25 4.85
C ILE A 18 6.48 3.87 4.49
N GLU A 19 6.19 5.00 5.12
CA GLU A 19 4.89 5.67 5.11
C GLU A 19 4.32 6.13 3.78
N PRO A 20 5.16 6.30 2.76
CA PRO A 20 4.60 6.42 1.44
C PRO A 20 5.45 5.67 0.42
N ILE A 21 4.85 4.71 -0.27
CA ILE A 21 5.64 3.81 -1.11
C ILE A 21 6.15 4.54 -2.36
N GLN A 22 7.46 4.70 -2.45
CA GLN A 22 8.15 5.28 -3.59
C GLN A 22 8.68 4.23 -4.60
N GLY A 23 8.98 4.68 -5.82
CA GLY A 23 9.29 3.90 -7.02
C GLY A 23 8.11 3.34 -7.74
N VAL A 24 7.51 2.28 -7.19
CA VAL A 24 6.22 1.68 -7.56
C VAL A 24 5.48 1.25 -6.29
N ARG A 25 4.16 1.49 -6.22
CA ARG A 25 3.31 1.00 -5.10
C ARG A 25 2.76 -0.40 -5.38
N TRP A 26 3.13 -1.39 -4.58
CA TRP A 26 2.52 -2.72 -4.60
C TRP A 26 1.23 -2.70 -3.76
N HIS A 27 0.10 -2.37 -4.39
CA HIS A 27 -1.21 -2.28 -3.75
C HIS A 27 -1.83 -3.68 -3.52
N CYS A 28 -2.43 -3.92 -2.34
CA CYS A 28 -3.20 -5.12 -2.07
C CYS A 28 -4.58 -5.07 -2.76
N GLN A 29 -4.71 -5.84 -3.85
CA GLN A 29 -5.84 -5.87 -4.79
C GLN A 29 -7.19 -6.32 -4.21
N ASP A 30 -7.21 -7.14 -3.15
CA ASP A 30 -8.43 -7.77 -2.63
C ASP A 30 -8.72 -7.35 -1.18
N CYS A 31 -7.71 -6.90 -0.42
CA CYS A 31 -7.93 -6.30 0.88
C CYS A 31 -8.80 -5.01 0.73
N PRO A 32 -9.74 -4.76 1.66
CA PRO A 32 -10.74 -3.69 1.63
C PRO A 32 -10.16 -2.35 2.11
N PRO A 33 -10.91 -1.22 2.08
CA PRO A 33 -10.46 0.08 2.59
C PRO A 33 -10.01 0.09 4.05
N GLU A 34 -10.57 -0.83 4.87
CA GLU A 34 -10.36 -0.87 6.32
C GLU A 34 -8.99 -1.41 6.71
N MET A 35 -8.51 -2.29 5.83
CA MET A 35 -7.38 -3.17 5.92
C MET A 35 -6.59 -3.02 4.62
N SER A 36 -6.46 -1.77 4.18
CA SER A 36 -5.95 -1.44 2.86
C SER A 36 -4.43 -1.50 2.83
N LEU A 37 -3.93 -2.73 2.91
CA LEU A 37 -2.52 -3.03 2.85
C LEU A 37 -1.89 -2.47 1.55
N ASP A 38 -0.60 -2.22 1.67
CA ASP A 38 0.29 -1.92 0.56
C ASP A 38 1.70 -2.44 0.92
N PHE A 39 2.54 -2.60 -0.09
CA PHE A 39 3.93 -2.97 0.03
C PHE A 39 4.79 -2.09 -0.87
N CYS A 40 6.07 -1.98 -0.53
CA CYS A 40 7.08 -1.38 -1.41
C CYS A 40 7.74 -2.47 -2.27
N ASP A 41 8.41 -2.09 -3.38
CA ASP A 41 9.03 -3.11 -4.26
C ASP A 41 10.17 -3.89 -3.58
N SER A 42 10.72 -3.35 -2.48
CA SER A 42 11.65 -4.06 -1.58
C SER A 42 10.94 -5.14 -0.75
N CYS A 43 9.63 -5.00 -0.55
CA CYS A 43 8.82 -5.77 0.40
C CYS A 43 7.73 -6.70 -0.17
N SER A 44 7.25 -6.57 -1.41
CA SER A 44 6.10 -7.38 -1.89
C SER A 44 6.40 -8.87 -2.10
N ASP A 45 7.67 -9.28 -1.99
CA ASP A 45 8.04 -10.70 -1.91
C ASP A 45 7.52 -11.34 -0.59
N CYS A 46 7.08 -10.52 0.37
CA CYS A 46 6.44 -10.97 1.61
C CYS A 46 4.92 -11.12 1.42
N LEU A 47 4.34 -12.12 2.11
CA LEU A 47 2.95 -12.54 1.94
C LEU A 47 2.34 -12.98 3.29
N HIS A 48 2.38 -12.07 4.26
CA HIS A 48 1.83 -12.29 5.61
C HIS A 48 0.32 -12.17 5.62
N GLU A 49 -0.32 -13.29 5.94
CA GLU A 49 -1.76 -13.42 5.92
C GLU A 49 -2.38 -13.03 7.26
N THR A 50 -3.55 -12.40 7.22
CA THR A 50 -4.27 -11.85 8.38
C THR A 50 -5.69 -12.41 8.42
N ASP A 51 -6.63 -11.74 9.11
CA ASP A 51 -8.07 -12.07 9.03
C ASP A 51 -8.64 -11.89 7.61
N ILE A 52 -7.99 -11.08 6.75
CA ILE A 52 -8.50 -10.66 5.43
C ILE A 52 -7.46 -10.73 4.31
N HIS A 53 -6.23 -10.27 4.55
CA HIS A 53 -5.15 -10.50 3.59
C HIS A 53 -4.82 -12.00 3.57
N LYS A 54 -4.83 -12.62 2.39
CA LYS A 54 -4.56 -14.04 2.19
C LYS A 54 -3.65 -14.25 1.00
N GLU A 55 -3.10 -15.44 0.89
CA GLU A 55 -2.43 -15.84 -0.32
C GLU A 55 -3.42 -16.07 -1.49
N ASP A 56 -4.73 -16.08 -1.18
CA ASP A 56 -5.82 -16.13 -2.17
C ASP A 56 -6.14 -14.72 -2.71
N HIS A 57 -5.79 -13.70 -1.94
CA HIS A 57 -5.78 -12.30 -2.31
C HIS A 57 -4.53 -11.99 -3.19
N GLN A 58 -4.55 -10.86 -3.89
CA GLN A 58 -3.59 -10.49 -4.95
C GLN A 58 -2.86 -9.15 -4.74
N LEU A 59 -1.70 -8.98 -5.37
CA LEU A 59 -0.89 -7.77 -5.34
C LEU A 59 -0.78 -7.13 -6.76
N GLU A 60 -0.59 -5.81 -6.84
CA GLU A 60 -0.50 -5.07 -8.12
C GLU A 60 0.53 -3.92 -8.06
N PRO A 61 1.57 -3.90 -8.93
CA PRO A 61 2.58 -2.84 -8.96
C PRO A 61 2.09 -1.62 -9.76
N ILE A 62 1.84 -0.52 -9.05
CA ILE A 62 1.39 0.76 -9.60
C ILE A 62 2.62 1.58 -10.03
N TYR A 63 2.80 1.77 -11.33
CA TYR A 63 4.00 2.37 -11.93
C TYR A 63 4.00 3.88 -12.09
N ARG A 64 2.81 4.47 -12.07
CA ARG A 64 2.49 5.89 -12.36
C ARG A 64 1.42 6.46 -11.42
N ALA B 1 -1.01 0.29 3.47
CA ALA B 1 -1.84 0.92 4.51
C ALA B 1 -2.07 2.39 4.18
N ARG B 2 -3.33 2.88 4.17
CA ARG B 2 -3.61 4.32 4.09
C ARG B 2 -3.12 5.07 5.34
N THR B 3 -2.49 6.23 5.16
CA THR B 3 -1.93 7.07 6.25
C THR B 3 -2.24 8.58 6.10
N LYS B 4 -3.03 8.99 5.09
CA LYS B 4 -3.47 10.38 4.87
C LYS B 4 -4.90 10.44 4.30
N GLN B 5 -5.68 11.46 4.70
CA GLN B 5 -7.11 11.59 4.33
C GLN B 5 -7.35 11.97 2.86
N THR B 6 -6.41 12.71 2.25
CA THR B 6 -6.50 13.23 0.85
C THR B 6 -7.76 14.08 0.64
N ALA B 7 -8.01 15.01 1.58
CA ALA B 7 -9.26 15.80 1.66
C ALA B 7 -9.44 16.86 0.55
N ARG B 8 -8.39 17.15 -0.25
CA ARG B 8 -8.39 18.17 -1.31
C ARG B 8 -9.19 17.78 -2.58
N LYS B 9 -9.67 16.54 -2.70
CA LYS B 9 -10.49 16.08 -3.83
C LYS B 9 -11.73 16.97 -4.04
N SER B 10 -11.96 17.39 -5.28
CA SER B 10 -13.00 18.36 -5.68
C SER B 10 -12.89 19.77 -5.05
N THR B 11 -11.72 20.11 -4.49
CA THR B 11 -11.46 21.41 -3.82
C THR B 11 -10.17 22.08 -4.34
N GLY B 12 -9.08 21.32 -4.52
CA GLY B 12 -7.77 21.80 -5.01
C GLY B 12 -6.94 22.44 -3.89
ZN ZN C . 8.48 -2.28 2.60
ZN ZN D . -3.29 -7.65 0.73
N GLY A 1 9.43 11.70 -13.01
CA GLY A 1 10.30 10.51 -12.82
C GLY A 1 9.49 9.24 -12.55
N PRO A 2 9.59 8.21 -13.41
CA PRO A 2 8.83 6.96 -13.30
C PRO A 2 9.60 5.82 -12.62
N LEU A 3 8.90 4.69 -12.40
CA LEU A 3 9.34 3.53 -11.61
C LEU A 3 9.94 3.97 -10.26
N GLY A 4 11.23 3.72 -10.01
CA GLY A 4 12.06 4.09 -8.86
C GLY A 4 12.09 5.56 -8.38
N SER A 5 11.14 6.40 -8.81
CA SER A 5 10.95 7.79 -8.35
C SER A 5 9.49 8.12 -8.06
N VAL A 6 8.57 7.18 -8.26
CA VAL A 6 7.20 7.37 -7.90
C VAL A 6 7.12 7.33 -6.38
N GLN A 7 6.11 7.92 -5.80
CA GLN A 7 6.07 8.13 -4.36
C GLN A 7 4.64 8.36 -3.93
N HIS A 8 4.04 7.29 -3.42
CA HIS A 8 2.65 7.27 -3.02
C HIS A 8 2.47 7.91 -1.64
N VAL A 9 2.69 9.22 -1.57
CA VAL A 9 2.51 10.13 -0.42
C VAL A 9 1.05 10.06 0.08
N GLY A 10 0.80 9.03 0.90
CA GLY A 10 -0.51 8.61 1.41
C GLY A 10 -0.79 7.10 1.36
N PHE A 11 0.20 6.25 1.06
CA PHE A 11 0.04 4.78 1.07
C PHE A 11 1.32 4.08 1.56
N LYS A 12 1.28 3.57 2.79
CA LYS A 12 2.38 2.92 3.52
C LYS A 12 2.60 1.46 3.12
N CYS A 13 3.85 0.98 3.09
CA CYS A 13 4.17 -0.44 2.97
C CYS A 13 3.86 -1.10 4.33
N ASP A 14 2.86 -1.96 4.45
CA ASP A 14 2.53 -2.61 5.72
C ASP A 14 3.62 -3.56 6.25
N ASN A 15 4.55 -4.00 5.39
CA ASN A 15 5.59 -4.96 5.76
C ASN A 15 6.80 -4.32 6.46
N CYS A 16 7.39 -3.25 5.88
CA CYS A 16 8.52 -2.50 6.44
C CYS A 16 8.13 -1.12 7.04
N GLY A 17 6.90 -0.66 6.80
CA GLY A 17 6.29 0.52 7.40
C GLY A 17 6.72 1.88 6.82
N ILE A 18 7.37 1.93 5.65
CA ILE A 18 7.61 3.21 4.94
C ILE A 18 6.26 3.84 4.60
N GLU A 19 5.92 4.96 5.26
CA GLU A 19 4.57 5.58 5.23
C GLU A 19 4.05 5.99 3.87
N PRO A 20 4.93 6.27 2.91
CA PRO A 20 4.46 6.38 1.55
C PRO A 20 5.40 5.64 0.60
N ILE A 21 4.86 4.70 -0.17
CA ILE A 21 5.70 3.80 -0.95
C ILE A 21 6.39 4.54 -2.10
N GLN A 22 7.71 4.73 -1.95
CA GLN A 22 8.58 5.26 -3.00
C GLN A 22 9.03 4.16 -3.98
N GLY A 23 9.30 4.59 -5.21
CA GLY A 23 9.51 3.79 -6.43
C GLY A 23 8.13 3.35 -6.93
N VAL A 24 7.95 2.07 -7.30
CA VAL A 24 6.60 1.55 -7.61
C VAL A 24 5.82 1.17 -6.35
N ARG A 25 4.51 1.45 -6.33
CA ARG A 25 3.58 0.95 -5.30
C ARG A 25 3.09 -0.46 -5.65
N TRP A 26 2.83 -1.29 -4.64
CA TRP A 26 2.30 -2.64 -4.75
C TRP A 26 1.01 -2.80 -3.93
N HIS A 27 -0.16 -2.53 -4.53
CA HIS A 27 -1.46 -2.53 -3.81
C HIS A 27 -2.01 -3.95 -3.59
N CYS A 28 -2.61 -4.23 -2.41
CA CYS A 28 -3.28 -5.48 -2.10
C CYS A 28 -4.70 -5.49 -2.70
N GLN A 29 -4.85 -6.14 -3.86
CA GLN A 29 -6.06 -6.19 -4.69
C GLN A 29 -7.27 -6.90 -4.05
N ASP A 30 -7.14 -7.37 -2.81
CA ASP A 30 -8.11 -8.24 -2.14
C ASP A 30 -8.51 -7.76 -0.74
N CYS A 31 -7.66 -7.00 -0.04
CA CYS A 31 -8.05 -6.32 1.18
C CYS A 31 -9.10 -5.21 0.92
N PRO A 32 -9.97 -4.90 1.89
CA PRO A 32 -10.98 -3.83 1.86
C PRO A 32 -10.34 -2.45 2.17
N PRO A 33 -11.09 -1.32 2.18
CA PRO A 33 -10.55 0.01 2.47
C PRO A 33 -10.02 0.18 3.91
N GLU A 34 -10.55 -0.60 4.86
CA GLU A 34 -10.32 -0.41 6.30
C GLU A 34 -8.97 -0.98 6.76
N MET A 35 -8.47 -1.89 5.92
CA MET A 35 -7.36 -2.81 6.06
C MET A 35 -6.54 -2.78 4.76
N SER A 36 -6.52 -1.62 4.09
CA SER A 36 -6.02 -1.41 2.73
C SER A 36 -4.50 -1.59 2.63
N LEU A 37 -4.04 -2.83 2.58
CA LEU A 37 -2.62 -3.10 2.45
C LEU A 37 -2.03 -2.53 1.16
N ASP A 38 -0.76 -2.20 1.30
CA ASP A 38 0.15 -1.86 0.23
C ASP A 38 1.53 -2.39 0.64
N PHE A 39 2.34 -2.70 -0.35
CA PHE A 39 3.74 -3.05 -0.19
C PHE A 39 4.62 -2.13 -1.02
N CYS A 40 5.89 -2.06 -0.66
CA CYS A 40 6.90 -1.41 -1.48
C CYS A 40 7.62 -2.43 -2.37
N ASP A 41 8.36 -1.94 -3.37
CA ASP A 41 9.06 -2.83 -4.31
C ASP A 41 10.19 -3.65 -3.66
N SER A 42 10.59 -3.26 -2.44
CA SER A 42 11.48 -4.05 -1.57
C SER A 42 10.73 -5.18 -0.85
N CYS A 43 9.41 -5.01 -0.66
CA CYS A 43 8.58 -5.85 0.19
C CYS A 43 7.54 -6.76 -0.50
N SER A 44 7.09 -6.49 -1.73
CA SER A 44 5.94 -7.23 -2.30
C SER A 44 6.18 -8.70 -2.68
N ASP A 45 7.41 -9.20 -2.56
CA ASP A 45 7.69 -10.64 -2.68
C ASP A 45 7.06 -11.46 -1.53
N CYS A 46 6.64 -10.79 -0.44
CA CYS A 46 6.04 -11.38 0.75
C CYS A 46 4.51 -11.56 0.62
N LEU A 47 3.96 -12.50 1.41
CA LEU A 47 2.57 -12.98 1.33
C LEU A 47 2.07 -13.51 2.69
N HIS A 48 1.87 -12.59 3.65
CA HIS A 48 1.30 -12.86 4.98
C HIS A 48 -0.16 -13.23 4.97
N GLU A 49 -0.63 -13.67 6.14
CA GLU A 49 -2.02 -13.89 6.43
C GLU A 49 -2.43 -13.29 7.80
N THR A 50 -3.26 -12.25 7.75
CA THR A 50 -3.96 -11.62 8.88
C THR A 50 -5.38 -12.19 9.02
N ASP A 51 -6.29 -11.51 9.72
CA ASP A 51 -7.72 -11.85 9.74
C ASP A 51 -8.42 -11.67 8.37
N ILE A 52 -7.86 -10.87 7.46
CA ILE A 52 -8.47 -10.47 6.18
C ILE A 52 -7.51 -10.58 4.99
N HIS A 53 -6.28 -10.12 5.16
CA HIS A 53 -5.22 -10.32 4.20
C HIS A 53 -4.76 -11.79 4.30
N LYS A 54 -4.58 -12.48 3.16
CA LYS A 54 -4.35 -13.92 3.04
C LYS A 54 -3.41 -14.23 1.89
N GLU A 55 -2.94 -15.46 1.77
CA GLU A 55 -2.23 -15.86 0.55
C GLU A 55 -3.18 -15.95 -0.67
N ASP A 56 -4.50 -15.76 -0.48
CA ASP A 56 -5.45 -15.60 -1.60
C ASP A 56 -5.21 -14.29 -2.40
N HIS A 57 -4.28 -13.45 -1.94
CA HIS A 57 -4.02 -12.13 -2.49
C HIS A 57 -3.52 -12.08 -3.94
N GLN A 58 -3.65 -10.87 -4.47
CA GLN A 58 -3.10 -10.40 -5.73
C GLN A 58 -2.43 -9.03 -5.51
N LEU A 59 -1.19 -8.88 -5.98
CA LEU A 59 -0.39 -7.68 -5.76
C LEU A 59 -0.28 -6.89 -7.07
N GLU A 60 -0.60 -5.60 -7.02
CA GLU A 60 -0.76 -4.75 -8.21
C GLU A 60 0.36 -3.71 -8.32
N PRO A 61 1.27 -3.81 -9.32
CA PRO A 61 2.34 -2.84 -9.53
C PRO A 61 1.78 -1.53 -10.12
N ILE A 62 2.15 -0.41 -9.50
CA ILE A 62 1.64 0.93 -9.81
C ILE A 62 2.84 1.84 -10.12
N TYR A 63 2.95 2.25 -11.39
CA TYR A 63 4.12 2.96 -11.96
C TYR A 63 4.00 4.49 -12.01
N ARG A 64 2.97 5.01 -11.36
CA ARG A 64 2.67 6.46 -11.28
C ARG A 64 2.07 6.85 -9.94
N ALA B 1 -1.17 0.34 3.19
CA ALA B 1 -1.95 0.99 4.25
C ALA B 1 -2.22 2.43 3.88
N ARG B 2 -3.47 2.90 3.75
CA ARG B 2 -3.77 4.33 3.51
C ARG B 2 -3.26 5.23 4.65
N THR B 3 -2.72 6.41 4.30
CA THR B 3 -2.12 7.42 5.20
C THR B 3 -2.38 8.86 4.69
N LYS B 4 -1.97 9.87 5.48
CA LYS B 4 -1.92 11.30 5.10
C LYS B 4 -3.26 11.87 4.57
N GLN B 5 -4.37 11.49 5.22
CA GLN B 5 -5.74 11.84 4.77
C GLN B 5 -6.01 13.35 4.73
N THR B 6 -5.40 14.13 5.64
CA THR B 6 -5.50 15.60 5.78
C THR B 6 -6.91 16.10 6.19
N ALA B 7 -6.96 17.24 6.91
CA ALA B 7 -8.22 17.88 7.31
C ALA B 7 -9.04 18.41 6.11
N ARG B 8 -10.35 18.63 6.32
CA ARG B 8 -11.28 19.16 5.29
C ARG B 8 -10.93 20.60 4.89
N LYS B 9 -11.17 20.93 3.61
CA LYS B 9 -10.91 22.27 3.03
C LYS B 9 -11.85 23.34 3.62
N SER B 10 -11.36 24.57 3.78
CA SER B 10 -12.12 25.73 4.26
C SER B 10 -13.30 26.10 3.34
N THR B 11 -14.36 26.69 3.91
CA THR B 11 -15.58 27.10 3.18
C THR B 11 -15.41 28.36 2.31
N GLY B 12 -14.38 29.18 2.58
CA GLY B 12 -14.08 30.44 1.87
C GLY B 12 -15.14 31.53 2.09
ZN ZN C . 8.23 -2.49 2.38
ZN ZN D . -3.68 -7.71 1.19
N GLY A 1 5.55 11.88 -12.77
CA GLY A 1 6.47 10.97 -12.04
C GLY A 1 6.42 9.54 -12.58
N PRO A 2 7.43 9.09 -13.34
CA PRO A 2 7.51 7.74 -13.92
C PRO A 2 8.04 6.67 -12.96
N LEU A 3 8.17 5.44 -13.47
CA LEU A 3 8.76 4.27 -12.81
C LEU A 3 10.08 4.62 -12.09
N GLY A 4 10.19 4.30 -10.79
CA GLY A 4 11.33 4.65 -9.94
C GLY A 4 11.33 6.09 -9.40
N SER A 5 10.27 6.87 -9.67
CA SER A 5 10.03 8.20 -9.11
C SER A 5 8.61 8.38 -8.60
N VAL A 6 7.79 7.34 -8.66
CA VAL A 6 6.46 7.35 -8.11
C VAL A 6 6.59 7.36 -6.60
N GLN A 7 5.64 7.98 -5.92
CA GLN A 7 5.75 8.25 -4.50
C GLN A 7 4.35 8.48 -3.93
N HIS A 8 3.78 7.43 -3.36
CA HIS A 8 2.41 7.46 -2.85
C HIS A 8 2.35 8.10 -1.47
N VAL A 9 2.69 9.40 -1.40
CA VAL A 9 2.65 10.25 -0.21
C VAL A 9 1.30 10.10 0.55
N GLY A 10 1.36 9.43 1.70
CA GLY A 10 0.21 9.02 2.53
C GLY A 10 -0.20 7.53 2.46
N PHE A 11 0.53 6.65 1.75
CA PHE A 11 0.25 5.20 1.70
C PHE A 11 1.49 4.34 2.04
N LYS A 12 1.48 3.79 3.26
CA LYS A 12 2.59 3.09 3.92
C LYS A 12 2.77 1.62 3.44
N CYS A 13 4.01 1.11 3.37
CA CYS A 13 4.33 -0.32 3.18
C CYS A 13 4.03 -1.07 4.50
N ASP A 14 3.10 -2.04 4.51
CA ASP A 14 2.76 -2.82 5.71
C ASP A 14 3.89 -3.75 6.21
N ASN A 15 4.92 -4.00 5.40
CA ASN A 15 6.05 -4.86 5.80
C ASN A 15 7.17 -4.08 6.51
N CYS A 16 7.77 -3.07 5.86
CA CYS A 16 8.88 -2.29 6.41
C CYS A 16 8.46 -0.91 6.99
N GLY A 17 7.21 -0.51 6.80
CA GLY A 17 6.62 0.68 7.41
C GLY A 17 7.04 2.02 6.81
N ILE A 18 7.66 2.05 5.61
CA ILE A 18 7.87 3.32 4.88
C ILE A 18 6.53 3.94 4.57
N GLU A 19 6.26 5.07 5.22
CA GLU A 19 4.94 5.70 5.24
C GLU A 19 4.38 6.17 3.91
N PRO A 20 5.23 6.34 2.90
CA PRO A 20 4.68 6.47 1.57
C PRO A 20 5.52 5.70 0.56
N ILE A 21 4.90 4.76 -0.14
CA ILE A 21 5.64 3.86 -1.02
C ILE A 21 6.19 4.62 -2.24
N GLN A 22 7.51 4.80 -2.26
CA GLN A 22 8.25 5.32 -3.41
C GLN A 22 8.77 4.22 -4.36
N GLY A 23 9.01 4.61 -5.62
CA GLY A 23 9.43 3.79 -6.75
C GLY A 23 8.29 3.37 -7.64
N VAL A 24 7.51 2.42 -7.12
CA VAL A 24 6.21 1.90 -7.58
C VAL A 24 5.40 1.45 -6.36
N ARG A 25 4.07 1.60 -6.40
CA ARG A 25 3.19 1.03 -5.35
C ARG A 25 2.85 -0.43 -5.65
N TRP A 26 3.00 -1.30 -4.66
CA TRP A 26 2.52 -2.69 -4.70
C TRP A 26 1.23 -2.80 -3.88
N HIS A 27 0.08 -2.60 -4.51
CA HIS A 27 -1.23 -2.58 -3.86
C HIS A 27 -1.75 -3.99 -3.53
N CYS A 28 -2.45 -4.16 -2.39
CA CYS A 28 -3.17 -5.39 -2.08
C CYS A 28 -4.52 -5.43 -2.83
N GLN A 29 -4.57 -6.22 -3.91
CA GLN A 29 -5.69 -6.37 -4.85
C GLN A 29 -7.03 -6.76 -4.21
N ASP A 30 -6.99 -7.50 -3.09
CA ASP A 30 -8.17 -8.12 -2.48
C ASP A 30 -8.70 -7.32 -1.28
N CYS A 31 -7.76 -6.79 -0.48
CA CYS A 31 -8.03 -6.17 0.79
C CYS A 31 -8.84 -4.84 0.63
N PRO A 32 -9.81 -4.57 1.53
CA PRO A 32 -10.81 -3.49 1.45
C PRO A 32 -10.21 -2.14 1.91
N PRO A 33 -10.96 -1.02 1.90
CA PRO A 33 -10.45 0.29 2.35
C PRO A 33 -10.08 0.33 3.84
N GLU A 34 -10.63 -0.58 4.64
CA GLU A 34 -10.50 -0.60 6.08
C GLU A 34 -9.16 -1.20 6.54
N MET A 35 -8.64 -2.05 5.66
CA MET A 35 -7.54 -2.99 5.77
C MET A 35 -6.72 -2.90 4.47
N SER A 36 -6.46 -1.68 4.03
CA SER A 36 -5.90 -1.41 2.71
C SER A 36 -4.38 -1.49 2.76
N LEU A 37 -3.91 -2.72 2.83
CA LEU A 37 -2.49 -3.01 2.74
C LEU A 37 -1.88 -2.49 1.43
N ASP A 38 -0.60 -2.20 1.53
CA ASP A 38 0.29 -1.90 0.42
C ASP A 38 1.70 -2.39 0.78
N PHE A 39 2.54 -2.56 -0.24
CA PHE A 39 3.94 -2.91 -0.10
C PHE A 39 4.79 -1.98 -0.97
N CYS A 40 6.07 -1.87 -0.64
CA CYS A 40 7.06 -1.23 -1.48
C CYS A 40 7.75 -2.28 -2.36
N ASP A 41 8.44 -1.85 -3.42
CA ASP A 41 9.11 -2.78 -4.34
C ASP A 41 10.27 -3.57 -3.69
N SER A 42 10.76 -3.09 -2.54
CA SER A 42 11.69 -3.83 -1.67
C SER A 42 10.98 -4.97 -0.91
N CYS A 43 9.68 -4.84 -0.69
CA CYS A 43 8.86 -5.66 0.20
C CYS A 43 7.80 -6.58 -0.45
N SER A 44 7.42 -6.40 -1.73
CA SER A 44 6.29 -7.15 -2.34
C SER A 44 6.50 -8.66 -2.52
N ASP A 45 7.70 -9.19 -2.23
CA ASP A 45 7.94 -10.64 -2.14
C ASP A 45 7.14 -11.26 -0.97
N CYS A 46 6.60 -10.45 -0.07
CA CYS A 46 5.79 -10.88 1.06
C CYS A 46 4.35 -11.27 0.64
N LEU A 47 3.81 -12.29 1.32
CA LEU A 47 2.44 -12.80 1.16
C LEU A 47 1.88 -13.23 2.53
N HIS A 48 1.71 -12.25 3.42
CA HIS A 48 1.17 -12.44 4.77
C HIS A 48 -0.30 -12.85 4.77
N GLU A 49 -0.75 -13.36 5.91
CA GLU A 49 -2.09 -13.83 6.15
C GLU A 49 -2.61 -13.35 7.52
N THR A 50 -3.62 -12.48 7.50
CA THR A 50 -4.33 -11.92 8.67
C THR A 50 -5.70 -11.34 8.28
N ASP A 51 -6.77 -11.88 8.90
CA ASP A 51 -8.22 -11.54 8.79
C ASP A 51 -8.86 -11.62 7.39
N ILE A 52 -8.24 -10.97 6.40
CA ILE A 52 -8.70 -10.73 5.03
C ILE A 52 -7.54 -10.86 4.03
N HIS A 53 -6.39 -10.31 4.39
CA HIS A 53 -5.16 -10.54 3.68
C HIS A 53 -4.79 -12.02 3.92
N LYS A 54 -4.48 -12.78 2.86
CA LYS A 54 -4.31 -14.23 2.83
C LYS A 54 -3.44 -14.61 1.64
N GLU A 55 -3.09 -15.89 1.53
CA GLU A 55 -2.50 -16.38 0.29
C GLU A 55 -3.53 -16.37 -0.86
N ASP A 56 -4.83 -16.22 -0.54
CA ASP A 56 -5.91 -16.01 -1.52
C ASP A 56 -6.00 -14.56 -2.02
N HIS A 57 -5.40 -13.62 -1.28
CA HIS A 57 -5.21 -12.24 -1.69
C HIS A 57 -4.06 -12.16 -2.76
N GLN A 58 -4.01 -11.07 -3.53
CA GLN A 58 -3.06 -10.83 -4.63
C GLN A 58 -2.36 -9.45 -4.57
N LEU A 59 -1.09 -9.35 -5.01
CA LEU A 59 -0.38 -8.07 -5.14
C LEU A 59 -0.46 -7.53 -6.57
N GLU A 60 -0.32 -6.20 -6.76
CA GLU A 60 -0.32 -5.55 -8.08
C GLU A 60 0.67 -4.35 -8.14
N PRO A 61 1.64 -4.32 -9.08
CA PRO A 61 2.53 -3.18 -9.29
C PRO A 61 1.80 -2.03 -10.00
N ILE A 62 2.01 -0.80 -9.52
CA ILE A 62 1.42 0.42 -10.06
C ILE A 62 2.53 1.44 -10.31
N TYR A 63 2.74 1.84 -11.57
CA TYR A 63 3.84 2.72 -11.99
C TYR A 63 3.44 4.20 -12.11
N ARG A 64 2.39 4.57 -11.38
CA ARG A 64 1.87 5.94 -11.22
C ARG A 64 1.37 6.21 -9.80
N ALA B 1 -0.97 0.38 3.43
CA ALA B 1 -1.69 0.95 4.59
C ALA B 1 -1.99 2.44 4.39
N ARG B 2 -3.22 2.92 4.68
CA ARG B 2 -3.57 4.37 4.66
C ARG B 2 -2.92 5.11 5.84
N THR B 3 -2.51 6.37 5.61
CA THR B 3 -2.00 7.32 6.64
C THR B 3 -2.54 8.75 6.37
N LYS B 4 -2.25 9.70 7.27
CA LYS B 4 -2.75 11.10 7.23
C LYS B 4 -4.29 11.26 7.21
N GLN B 5 -5.00 10.25 7.73
CA GLN B 5 -6.46 10.23 7.86
C GLN B 5 -6.93 10.97 9.13
N THR B 6 -8.20 11.40 9.18
CA THR B 6 -8.80 12.07 10.34
C THR B 6 -10.32 11.89 10.43
N ALA B 7 -10.87 11.87 11.65
CA ALA B 7 -12.30 11.91 11.94
C ALA B 7 -12.88 13.34 12.03
N ARG B 8 -12.03 14.39 11.88
CA ARG B 8 -12.37 15.83 11.97
C ARG B 8 -12.95 16.29 13.33
N LYS B 9 -12.70 15.52 14.40
CA LYS B 9 -13.12 15.81 15.78
C LYS B 9 -12.10 16.69 16.53
N SER B 10 -12.54 17.33 17.61
CA SER B 10 -11.72 18.20 18.47
C SER B 10 -12.23 18.23 19.92
N THR B 11 -11.38 18.66 20.87
CA THR B 11 -11.70 18.75 22.30
C THR B 11 -12.73 19.86 22.61
N GLY B 12 -13.43 19.74 23.77
CA GLY B 12 -14.49 20.66 24.22
C GLY B 12 -15.78 20.54 23.42
ZN ZN C . 8.54 -2.27 2.43
ZN ZN D . -3.52 -7.95 0.71
N GLY A 1 6.19 11.65 -13.67
CA GLY A 1 6.96 10.77 -12.74
C GLY A 1 6.90 9.30 -13.15
N PRO A 2 8.01 8.72 -13.66
CA PRO A 2 8.10 7.29 -14.04
C PRO A 2 8.42 6.34 -12.88
N LEU A 3 8.51 5.05 -13.22
CA LEU A 3 9.01 3.99 -12.33
C LEU A 3 10.37 4.38 -11.70
N GLY A 4 10.52 4.12 -10.40
CA GLY A 4 11.73 4.51 -9.63
C GLY A 4 11.77 5.98 -9.21
N SER A 5 10.78 6.78 -9.61
CA SER A 5 10.55 8.15 -9.13
C SER A 5 9.12 8.34 -8.64
N VAL A 6 8.27 7.31 -8.80
CA VAL A 6 6.88 7.33 -8.41
C VAL A 6 6.80 7.34 -6.90
N GLN A 7 5.79 7.99 -6.34
CA GLN A 7 5.78 8.22 -4.90
C GLN A 7 4.40 8.46 -4.34
N HIS A 8 3.91 7.43 -3.64
CA HIS A 8 2.58 7.40 -3.07
C HIS A 8 2.56 8.02 -1.67
N VAL A 9 2.95 9.30 -1.60
CA VAL A 9 2.84 10.20 -0.44
C VAL A 9 1.40 10.13 0.11
N GLY A 10 1.24 9.48 1.28
CA GLY A 10 -0.05 9.12 1.89
C GLY A 10 -0.42 7.61 1.85
N PHE A 11 0.49 6.71 1.47
CA PHE A 11 0.23 5.25 1.45
C PHE A 11 1.45 4.42 1.91
N LYS A 12 1.40 3.93 3.15
CA LYS A 12 2.47 3.21 3.86
C LYS A 12 2.60 1.74 3.43
N CYS A 13 3.83 1.21 3.37
CA CYS A 13 4.12 -0.22 3.22
C CYS A 13 3.81 -0.91 4.56
N ASP A 14 2.79 -1.75 4.66
CA ASP A 14 2.44 -2.43 5.92
C ASP A 14 3.52 -3.40 6.43
N ASN A 15 4.46 -3.83 5.58
CA ASN A 15 5.47 -4.83 5.91
C ASN A 15 6.70 -4.22 6.61
N CYS A 16 7.31 -3.16 6.05
CA CYS A 16 8.46 -2.45 6.62
C CYS A 16 8.13 -1.05 7.20
N GLY A 17 6.91 -0.56 6.97
CA GLY A 17 6.37 0.67 7.55
C GLY A 17 6.85 1.98 6.94
N ILE A 18 7.48 1.99 5.75
CA ILE A 18 7.75 3.23 5.01
C ILE A 18 6.44 3.89 4.63
N GLU A 19 6.18 5.05 5.26
CA GLU A 19 4.88 5.73 5.23
C GLU A 19 4.37 6.19 3.88
N PRO A 20 5.23 6.32 2.88
CA PRO A 20 4.71 6.44 1.54
C PRO A 20 5.55 5.62 0.56
N ILE A 21 4.91 4.77 -0.22
CA ILE A 21 5.63 3.85 -1.08
C ILE A 21 6.18 4.56 -2.32
N GLN A 22 7.49 4.80 -2.31
CA GLN A 22 8.22 5.35 -3.45
C GLN A 22 8.73 4.25 -4.41
N GLY A 23 9.07 4.65 -5.62
CA GLY A 23 9.44 3.85 -6.80
C GLY A 23 8.29 3.31 -7.60
N VAL A 24 7.59 2.31 -7.04
CA VAL A 24 6.32 1.72 -7.48
C VAL A 24 5.51 1.33 -6.25
N ARG A 25 4.19 1.57 -6.25
CA ARG A 25 3.30 1.09 -5.17
C ARG A 25 2.82 -0.33 -5.45
N TRP A 26 3.11 -1.27 -4.55
CA TRP A 26 2.51 -2.61 -4.60
C TRP A 26 1.18 -2.60 -3.81
N HIS A 27 0.08 -2.30 -4.49
CA HIS A 27 -1.25 -2.24 -3.88
C HIS A 27 -1.79 -3.65 -3.58
N CYS A 28 -2.41 -3.86 -2.41
CA CYS A 28 -3.10 -5.09 -2.09
C CYS A 28 -4.51 -5.08 -2.75
N GLN A 29 -4.67 -5.89 -3.81
CA GLN A 29 -5.85 -5.95 -4.68
C GLN A 29 -7.17 -6.41 -4.01
N ASP A 30 -7.12 -7.29 -3.00
CA ASP A 30 -8.31 -7.94 -2.44
C ASP A 30 -8.57 -7.53 -0.97
N CYS A 31 -7.60 -6.90 -0.29
CA CYS A 31 -7.83 -6.27 1.00
C CYS A 31 -8.81 -5.06 0.85
N PRO A 32 -9.73 -4.85 1.82
CA PRO A 32 -10.79 -3.85 1.80
C PRO A 32 -10.28 -2.45 2.22
N PRO A 33 -11.12 -1.39 2.20
CA PRO A 33 -10.72 -0.05 2.62
C PRO A 33 -10.25 0.06 4.09
N GLU A 34 -10.68 -0.86 4.95
CA GLU A 34 -10.45 -0.81 6.40
C GLU A 34 -9.00 -1.20 6.74
N MET A 35 -8.52 -2.14 5.94
CA MET A 35 -7.30 -2.91 6.02
C MET A 35 -6.61 -2.77 4.68
N SER A 36 -6.55 -1.53 4.21
CA SER A 36 -6.12 -1.23 2.85
C SER A 36 -4.61 -1.29 2.76
N LEU A 37 -4.12 -2.52 2.77
CA LEU A 37 -2.72 -2.81 2.73
C LEU A 37 -2.09 -2.25 1.44
N ASP A 38 -0.82 -1.95 1.56
CA ASP A 38 0.09 -1.64 0.48
C ASP A 38 1.48 -2.15 0.89
N PHE A 39 2.31 -2.46 -0.09
CA PHE A 39 3.70 -2.85 0.10
C PHE A 39 4.62 -2.02 -0.80
N CYS A 40 5.90 -1.96 -0.45
CA CYS A 40 6.94 -1.39 -1.30
C CYS A 40 7.60 -2.49 -2.17
N ASP A 41 8.35 -2.09 -3.21
CA ASP A 41 9.02 -3.07 -4.10
C ASP A 41 10.14 -3.87 -3.41
N SER A 42 10.58 -3.42 -2.23
CA SER A 42 11.45 -4.18 -1.33
C SER A 42 10.69 -5.25 -0.53
N CYS A 43 9.35 -5.10 -0.46
CA CYS A 43 8.49 -5.86 0.46
C CYS A 43 7.44 -6.81 -0.19
N SER A 44 6.89 -6.54 -1.38
CA SER A 44 5.73 -7.33 -1.87
C SER A 44 6.07 -8.76 -2.32
N ASP A 45 7.34 -9.14 -2.24
CA ASP A 45 7.82 -10.52 -2.39
C ASP A 45 7.22 -11.45 -1.31
N CYS A 46 6.82 -10.85 -0.19
CA CYS A 46 6.14 -11.53 0.92
C CYS A 46 4.67 -11.83 0.60
N LEU A 47 4.18 -12.96 1.10
CA LEU A 47 2.85 -13.51 0.86
C LEU A 47 2.18 -13.88 2.21
N HIS A 48 2.04 -12.86 3.06
CA HIS A 48 1.49 -12.91 4.41
C HIS A 48 -0.01 -13.22 4.45
N GLU A 49 -0.46 -13.62 5.64
CA GLU A 49 -1.84 -13.84 5.97
C GLU A 49 -2.20 -13.23 7.33
N THR A 50 -3.26 -12.43 7.35
CA THR A 50 -3.93 -11.88 8.55
C THR A 50 -5.37 -12.45 8.61
N ASP A 51 -6.29 -11.78 9.31
CA ASP A 51 -7.73 -12.12 9.23
C ASP A 51 -8.32 -11.89 7.82
N ILE A 52 -7.68 -11.04 6.99
CA ILE A 52 -8.21 -10.55 5.71
C ILE A 52 -7.20 -10.56 4.56
N HIS A 53 -5.97 -10.10 4.80
CA HIS A 53 -4.88 -10.27 3.84
C HIS A 53 -4.51 -11.77 3.83
N LYS A 54 -4.26 -12.36 2.64
CA LYS A 54 -4.11 -13.82 2.46
C LYS A 54 -3.12 -14.14 1.34
N GLU A 55 -2.76 -15.42 1.26
CA GLU A 55 -2.03 -15.94 0.11
C GLU A 55 -2.93 -15.95 -1.16
N ASP A 56 -4.26 -15.89 -0.99
CA ASP A 56 -5.23 -15.96 -2.11
C ASP A 56 -5.42 -14.57 -2.75
N HIS A 57 -5.54 -13.57 -1.89
CA HIS A 57 -5.52 -12.17 -2.17
C HIS A 57 -4.31 -11.75 -3.07
N GLN A 58 -4.60 -10.96 -4.10
CA GLN A 58 -3.65 -10.54 -5.14
C GLN A 58 -2.89 -9.23 -4.81
N LEU A 59 -1.68 -9.07 -5.38
CA LEU A 59 -0.86 -7.85 -5.30
C LEU A 59 -0.77 -7.16 -6.69
N GLU A 60 -0.54 -5.85 -6.75
CA GLU A 60 -0.50 -5.09 -8.01
C GLU A 60 0.62 -4.03 -8.02
N PRO A 61 1.65 -4.13 -8.90
CA PRO A 61 2.71 -3.13 -9.03
C PRO A 61 2.25 -1.93 -9.88
N ILE A 62 1.96 -0.81 -9.19
CA ILE A 62 1.53 0.45 -9.81
C ILE A 62 2.76 1.29 -10.18
N TYR A 63 2.99 1.49 -11.48
CA TYR A 63 4.17 2.20 -12.02
C TYR A 63 4.00 3.71 -12.17
N ARG A 64 2.92 4.25 -11.61
CA ARG A 64 2.46 5.64 -11.69
C ARG A 64 1.91 6.17 -10.35
N ALA B 1 -1.18 0.64 3.38
CA ALA B 1 -1.92 1.30 4.47
C ALA B 1 -2.16 2.78 4.16
N ARG B 2 -3.41 3.28 4.19
CA ARG B 2 -3.72 4.71 4.00
C ARG B 2 -3.17 5.58 5.14
N THR B 3 -2.46 6.67 4.80
CA THR B 3 -1.93 7.69 5.73
C THR B 3 -2.32 9.10 5.27
N LYS B 4 -2.15 10.12 6.16
CA LYS B 4 -2.57 11.52 5.91
C LYS B 4 -4.07 11.61 5.55
N GLN B 5 -4.89 10.81 6.24
CA GLN B 5 -6.33 10.67 6.00
C GLN B 5 -7.09 11.96 6.38
N THR B 6 -8.21 12.24 5.70
CA THR B 6 -9.10 13.41 5.91
C THR B 6 -8.45 14.79 5.63
N ALA B 7 -7.16 14.85 5.26
CA ALA B 7 -6.43 16.10 5.04
C ALA B 7 -6.90 16.88 3.80
N ARG B 8 -6.93 18.22 3.90
CA ARG B 8 -7.32 19.16 2.82
C ARG B 8 -8.67 18.81 2.16
N LYS B 9 -9.68 18.53 2.99
CA LYS B 9 -11.06 18.12 2.65
C LYS B 9 -11.20 16.75 1.95
N SER B 10 -10.20 16.29 1.21
CA SER B 10 -10.13 14.93 0.64
C SER B 10 -10.14 13.85 1.73
N THR B 11 -10.73 12.69 1.44
CA THR B 11 -10.78 11.54 2.37
C THR B 11 -9.40 10.89 2.61
N GLY B 12 -8.47 11.01 1.66
CA GLY B 12 -7.14 10.38 1.70
C GLY B 12 -7.23 8.86 1.81
ZN ZN C . 8.21 -2.38 2.60
ZN ZN D . -3.14 -7.49 0.76
N GLY A 1 6.15 12.33 -12.92
CA GLY A 1 6.94 11.35 -12.11
C GLY A 1 6.86 9.93 -12.67
N PRO A 2 7.95 9.40 -13.25
CA PRO A 2 8.04 8.01 -13.75
C PRO A 2 8.36 6.95 -12.67
N LEU A 3 8.40 5.69 -13.11
CA LEU A 3 8.86 4.56 -12.30
C LEU A 3 10.24 4.83 -11.67
N GLY A 4 10.40 4.47 -10.40
CA GLY A 4 11.62 4.76 -9.61
C GLY A 4 11.71 6.19 -9.05
N SER A 5 10.75 7.06 -9.40
CA SER A 5 10.55 8.39 -8.80
C SER A 5 9.13 8.56 -8.26
N VAL A 6 8.27 7.56 -8.50
CA VAL A 6 6.87 7.58 -8.12
C VAL A 6 6.80 7.49 -6.61
N GLN A 7 5.78 8.08 -6.01
CA GLN A 7 5.74 8.25 -4.56
C GLN A 7 4.31 8.42 -4.07
N HIS A 8 3.77 7.35 -3.50
CA HIS A 8 2.41 7.27 -3.00
C HIS A 8 2.29 7.85 -1.59
N VAL A 9 2.56 9.16 -1.50
CA VAL A 9 2.40 10.01 -0.32
C VAL A 9 1.00 9.81 0.30
N GLY A 10 0.97 9.04 1.40
CA GLY A 10 -0.23 8.58 2.13
C GLY A 10 -0.60 7.09 1.97
N PHE A 11 0.29 6.24 1.44
CA PHE A 11 0.10 4.78 1.34
C PHE A 11 1.34 4.02 1.81
N LYS A 12 1.28 3.50 3.03
CA LYS A 12 2.40 2.86 3.75
C LYS A 12 2.62 1.40 3.31
N CYS A 13 3.88 0.94 3.22
CA CYS A 13 4.22 -0.49 3.07
C CYS A 13 3.92 -1.20 4.41
N ASP A 14 2.94 -2.10 4.48
CA ASP A 14 2.63 -2.81 5.73
C ASP A 14 3.75 -3.77 6.20
N ASN A 15 4.69 -4.12 5.32
CA ASN A 15 5.73 -5.09 5.62
C ASN A 15 6.97 -4.47 6.32
N CYS A 16 7.48 -3.33 5.82
CA CYS A 16 8.60 -2.59 6.42
C CYS A 16 8.21 -1.22 7.04
N GLY A 17 6.98 -0.75 6.81
CA GLY A 17 6.39 0.44 7.42
C GLY A 17 6.82 1.79 6.82
N ILE A 18 7.45 1.84 5.64
CA ILE A 18 7.67 3.12 4.92
C ILE A 18 6.31 3.74 4.59
N GLU A 19 6.03 4.86 5.24
CA GLU A 19 4.72 5.50 5.25
C GLU A 19 4.16 5.94 3.90
N PRO A 20 5.02 6.21 2.92
CA PRO A 20 4.50 6.31 1.58
C PRO A 20 5.40 5.58 0.60
N ILE A 21 4.83 4.66 -0.16
CA ILE A 21 5.65 3.79 -1.01
C ILE A 21 6.19 4.56 -2.21
N GLN A 22 7.51 4.76 -2.23
CA GLN A 22 8.25 5.32 -3.35
C GLN A 22 8.77 4.26 -4.35
N GLY A 23 9.10 4.75 -5.55
CA GLY A 23 9.43 4.02 -6.78
C GLY A 23 8.23 3.50 -7.54
N VAL A 24 7.57 2.47 -7.01
CA VAL A 24 6.28 1.90 -7.43
C VAL A 24 5.49 1.39 -6.21
N ARG A 25 4.17 1.62 -6.17
CA ARG A 25 3.30 1.08 -5.10
C ARG A 25 2.78 -0.31 -5.44
N TRP A 26 2.97 -1.29 -4.56
CA TRP A 26 2.44 -2.64 -4.71
C TRP A 26 1.15 -2.82 -3.88
N HIS A 27 -0.02 -2.55 -4.47
CA HIS A 27 -1.33 -2.59 -3.78
C HIS A 27 -1.85 -4.03 -3.56
N CYS A 28 -2.44 -4.33 -2.39
CA CYS A 28 -3.13 -5.59 -2.11
C CYS A 28 -4.53 -5.60 -2.76
N GLN A 29 -4.63 -6.24 -3.93
CA GLN A 29 -5.81 -6.30 -4.80
C GLN A 29 -7.05 -7.00 -4.21
N ASP A 30 -7.01 -7.40 -2.93
CA ASP A 30 -8.02 -8.24 -2.29
C ASP A 30 -8.46 -7.74 -0.90
N CYS A 31 -7.60 -7.02 -0.17
CA CYS A 31 -7.98 -6.37 1.08
C CYS A 31 -8.99 -5.20 0.83
N PRO A 32 -9.87 -4.88 1.80
CA PRO A 32 -10.84 -3.78 1.75
C PRO A 32 -10.17 -2.42 2.08
N PRO A 33 -10.90 -1.29 2.07
CA PRO A 33 -10.36 0.02 2.46
C PRO A 33 -9.85 0.10 3.91
N GLU A 34 -10.38 -0.76 4.81
CA GLU A 34 -10.14 -0.67 6.25
C GLU A 34 -8.73 -1.13 6.64
N MET A 35 -8.25 -2.06 5.82
CA MET A 35 -7.08 -2.89 5.94
C MET A 35 -6.33 -2.83 4.61
N SER A 36 -6.35 -1.67 3.98
CA SER A 36 -5.91 -1.48 2.61
C SER A 36 -4.40 -1.67 2.47
N LEU A 37 -3.95 -2.92 2.42
CA LEU A 37 -2.55 -3.23 2.42
C LEU A 37 -1.88 -2.66 1.17
N ASP A 38 -0.63 -2.31 1.35
CA ASP A 38 0.29 -1.98 0.30
C ASP A 38 1.68 -2.50 0.69
N PHE A 39 2.52 -2.74 -0.30
CA PHE A 39 3.93 -3.07 -0.15
C PHE A 39 4.78 -2.13 -1.00
N CYS A 40 6.05 -2.02 -0.65
CA CYS A 40 7.05 -1.38 -1.48
C CYS A 40 7.75 -2.43 -2.35
N ASP A 41 8.45 -1.99 -3.41
CA ASP A 41 9.11 -2.94 -4.32
C ASP A 41 10.26 -3.74 -3.65
N SER A 42 10.72 -3.28 -2.50
CA SER A 42 11.63 -4.03 -1.60
C SER A 42 10.91 -5.16 -0.87
N CYS A 43 9.60 -5.00 -0.66
CA CYS A 43 8.75 -5.82 0.19
C CYS A 43 7.70 -6.71 -0.52
N SER A 44 7.43 -6.53 -1.83
CA SER A 44 6.31 -7.19 -2.51
C SER A 44 6.40 -8.71 -2.65
N ASP A 45 7.53 -9.32 -2.32
CA ASP A 45 7.65 -10.79 -2.19
C ASP A 45 6.82 -11.31 -0.99
N CYS A 46 6.31 -10.40 -0.13
CA CYS A 46 5.48 -10.74 1.02
C CYS A 46 4.09 -11.24 0.63
N LEU A 47 3.60 -12.22 1.40
CA LEU A 47 2.29 -12.88 1.22
C LEU A 47 1.75 -13.34 2.60
N HIS A 48 1.60 -12.37 3.50
CA HIS A 48 1.10 -12.53 4.87
C HIS A 48 -0.39 -12.86 4.93
N GLU A 49 -0.83 -13.24 6.13
CA GLU A 49 -2.21 -13.51 6.45
C GLU A 49 -2.59 -12.87 7.81
N THR A 50 -3.63 -12.05 7.79
CA THR A 50 -4.30 -11.42 8.94
C THR A 50 -5.72 -11.99 9.08
N ASP A 51 -6.65 -11.28 9.73
CA ASP A 51 -8.08 -11.65 9.71
C ASP A 51 -8.71 -11.53 8.31
N ILE A 52 -8.10 -10.73 7.41
CA ILE A 52 -8.65 -10.36 6.08
C ILE A 52 -7.62 -10.49 4.95
N HIS A 53 -6.39 -10.04 5.17
CA HIS A 53 -5.30 -10.30 4.25
C HIS A 53 -4.94 -11.81 4.34
N LYS A 54 -4.63 -12.46 3.21
CA LYS A 54 -4.47 -13.91 3.07
C LYS A 54 -3.51 -14.23 1.94
N GLU A 55 -3.05 -15.48 1.85
CA GLU A 55 -2.32 -15.90 0.65
C GLU A 55 -3.24 -15.99 -0.59
N ASP A 56 -4.56 -15.77 -0.44
CA ASP A 56 -5.48 -15.63 -1.58
C ASP A 56 -5.19 -14.37 -2.43
N HIS A 57 -4.28 -13.52 -1.97
CA HIS A 57 -3.97 -12.23 -2.55
C HIS A 57 -3.43 -12.22 -3.99
N GLN A 58 -3.56 -11.03 -4.57
CA GLN A 58 -2.99 -10.57 -5.82
C GLN A 58 -2.36 -9.19 -5.59
N LEU A 59 -1.15 -8.96 -6.12
CA LEU A 59 -0.38 -7.73 -5.90
C LEU A 59 -0.26 -6.92 -7.20
N GLU A 60 -0.50 -5.61 -7.13
CA GLU A 60 -0.58 -4.71 -8.30
C GLU A 60 0.54 -3.65 -8.29
N PRO A 61 1.52 -3.70 -9.22
CA PRO A 61 2.61 -2.73 -9.31
C PRO A 61 2.16 -1.45 -10.03
N ILE A 62 1.92 -0.40 -9.25
CA ILE A 62 1.47 0.91 -9.71
C ILE A 62 2.70 1.77 -10.07
N TYR A 63 2.88 2.02 -11.38
CA TYR A 63 4.09 2.67 -11.94
C TYR A 63 4.04 4.19 -12.05
N ARG A 64 2.94 4.77 -11.57
CA ARG A 64 2.56 6.19 -11.65
C ARG A 64 1.96 6.75 -10.36
N ALA B 1 -1.07 0.13 3.22
CA ALA B 1 -1.86 0.75 4.29
C ALA B 1 -2.17 2.20 3.94
N ARG B 2 -3.43 2.57 3.66
CA ARG B 2 -3.82 4.00 3.55
C ARG B 2 -3.55 4.73 4.86
N THR B 3 -3.01 5.95 4.80
CA THR B 3 -2.78 6.84 5.96
C THR B 3 -3.45 8.22 5.82
N LYS B 4 -4.23 8.45 4.74
CA LYS B 4 -4.89 9.75 4.43
C LYS B 4 -6.09 10.09 5.33
N GLN B 5 -6.64 9.12 6.07
CA GLN B 5 -7.91 9.24 6.83
C GLN B 5 -7.89 10.39 7.86
N THR B 6 -6.78 10.60 8.56
CA THR B 6 -6.54 11.60 9.63
C THR B 6 -7.42 11.46 10.89
N ALA B 7 -8.75 11.42 10.73
CA ALA B 7 -9.72 11.28 11.82
C ALA B 7 -9.71 9.88 12.48
N ARG B 8 -10.08 9.81 13.76
CA ARG B 8 -10.22 8.56 14.53
C ARG B 8 -11.50 7.79 14.16
N LYS B 9 -11.49 6.46 14.38
CA LYS B 9 -12.66 5.57 14.24
C LYS B 9 -13.76 5.94 15.27
N SER B 10 -15.02 5.81 14.86
CA SER B 10 -16.21 6.02 15.72
C SER B 10 -17.38 5.13 15.29
N THR B 11 -18.26 4.78 16.24
CA THR B 11 -19.44 3.92 16.03
C THR B 11 -20.53 4.19 17.09
N GLY B 12 -21.78 3.80 16.80
CA GLY B 12 -22.96 4.00 17.66
C GLY B 12 -24.21 3.33 17.10
ZN ZN C . 8.39 -2.39 2.45
ZN ZN D . -3.71 -7.93 1.14
N GLY A 1 5.91 12.30 -12.70
CA GLY A 1 6.61 11.26 -11.90
C GLY A 1 6.60 9.89 -12.57
N PRO A 2 7.75 9.41 -13.09
CA PRO A 2 7.90 8.09 -13.71
C PRO A 2 8.23 6.93 -12.76
N LEU A 3 8.30 5.73 -13.33
CA LEU A 3 8.79 4.50 -12.73
C LEU A 3 10.12 4.72 -11.97
N GLY A 4 10.20 4.31 -10.70
CA GLY A 4 11.40 4.50 -9.85
C GLY A 4 11.57 5.92 -9.26
N SER A 5 10.66 6.85 -9.56
CA SER A 5 10.56 8.17 -8.91
C SER A 5 9.18 8.40 -8.31
N VAL A 6 8.25 7.47 -8.57
CA VAL A 6 6.86 7.54 -8.13
C VAL A 6 6.81 7.45 -6.63
N GLN A 7 5.81 8.05 -6.01
CA GLN A 7 5.81 8.22 -4.56
C GLN A 7 4.39 8.42 -4.04
N HIS A 8 3.84 7.35 -3.48
CA HIS A 8 2.47 7.30 -2.96
C HIS A 8 2.42 7.89 -1.55
N VAL A 9 2.68 9.19 -1.45
CA VAL A 9 2.56 10.03 -0.26
C VAL A 9 1.17 9.83 0.39
N GLY A 10 1.15 9.15 1.54
CA GLY A 10 -0.06 8.66 2.25
C GLY A 10 -0.45 7.18 1.98
N PHE A 11 0.45 6.34 1.47
CA PHE A 11 0.24 4.89 1.36
C PHE A 11 1.50 4.14 1.81
N LYS A 12 1.48 3.66 3.06
CA LYS A 12 2.57 3.01 3.77
C LYS A 12 2.72 1.53 3.38
N CYS A 13 3.95 1.02 3.35
CA CYS A 13 4.28 -0.40 3.21
C CYS A 13 3.95 -1.10 4.54
N ASP A 14 3.00 -2.04 4.58
CA ASP A 14 2.69 -2.78 5.82
C ASP A 14 3.81 -3.73 6.28
N ASN A 15 4.76 -4.06 5.41
CA ASN A 15 5.82 -5.03 5.69
C ASN A 15 7.06 -4.40 6.36
N CYS A 16 7.60 -3.32 5.78
CA CYS A 16 8.75 -2.58 6.33
C CYS A 16 8.40 -1.19 6.92
N GLY A 17 7.15 -0.72 6.75
CA GLY A 17 6.62 0.48 7.39
C GLY A 17 7.02 1.82 6.74
N ILE A 18 7.65 1.85 5.56
CA ILE A 18 7.86 3.11 4.81
C ILE A 18 6.52 3.77 4.48
N GLU A 19 6.25 4.88 5.16
CA GLU A 19 4.96 5.57 5.17
C GLU A 19 4.40 6.05 3.85
N PRO A 20 5.23 6.22 2.83
CA PRO A 20 4.67 6.36 1.51
C PRO A 20 5.52 5.61 0.49
N ILE A 21 4.90 4.68 -0.22
CA ILE A 21 5.67 3.77 -1.06
C ILE A 21 6.22 4.51 -2.28
N GLN A 22 7.54 4.67 -2.30
CA GLN A 22 8.28 5.23 -3.42
C GLN A 22 8.76 4.17 -4.44
N GLY A 23 9.09 4.66 -5.63
CA GLY A 23 9.37 3.95 -6.88
C GLY A 23 8.15 3.45 -7.60
N VAL A 24 7.47 2.45 -7.02
CA VAL A 24 6.17 1.88 -7.43
C VAL A 24 5.40 1.39 -6.21
N ARG A 25 4.08 1.64 -6.16
CA ARG A 25 3.19 1.09 -5.10
C ARG A 25 2.69 -0.31 -5.45
N TRP A 26 2.90 -1.29 -4.56
CA TRP A 26 2.36 -2.65 -4.69
C TRP A 26 1.07 -2.80 -3.85
N HIS A 27 -0.10 -2.53 -4.44
CA HIS A 27 -1.40 -2.59 -3.72
C HIS A 27 -1.90 -4.03 -3.50
N CYS A 28 -2.48 -4.34 -2.32
CA CYS A 28 -3.15 -5.59 -2.03
C CYS A 28 -4.56 -5.60 -2.68
N GLN A 29 -4.67 -6.21 -3.88
CA GLN A 29 -5.84 -6.22 -4.75
C GLN A 29 -7.09 -6.91 -4.16
N ASP A 30 -7.01 -7.41 -2.93
CA ASP A 30 -8.02 -8.26 -2.32
C ASP A 30 -8.45 -7.81 -0.91
N CYS A 31 -7.61 -7.08 -0.17
CA CYS A 31 -8.01 -6.43 1.07
C CYS A 31 -9.03 -5.28 0.80
N PRO A 32 -9.92 -4.96 1.77
CA PRO A 32 -10.93 -3.89 1.69
C PRO A 32 -10.30 -2.52 2.03
N PRO A 33 -11.05 -1.40 2.03
CA PRO A 33 -10.51 -0.06 2.32
C PRO A 33 -9.99 0.12 3.75
N GLU A 34 -10.55 -0.66 4.70
CA GLU A 34 -10.31 -0.49 6.14
C GLU A 34 -8.95 -1.03 6.58
N MET A 35 -8.52 -2.02 5.80
CA MET A 35 -7.43 -2.96 5.95
C MET A 35 -6.57 -2.94 4.68
N SER A 36 -6.49 -1.78 4.04
CA SER A 36 -5.93 -1.58 2.70
C SER A 36 -4.41 -1.71 2.68
N LEU A 37 -3.93 -2.95 2.70
CA LEU A 37 -2.50 -3.20 2.59
C LEU A 37 -1.91 -2.65 1.29
N ASP A 38 -0.65 -2.28 1.44
CA ASP A 38 0.25 -1.92 0.37
C ASP A 38 1.64 -2.42 0.75
N PHE A 39 2.45 -2.72 -0.26
CA PHE A 39 3.86 -3.05 -0.12
C PHE A 39 4.70 -2.13 -0.99
N CYS A 40 5.99 -2.04 -0.67
CA CYS A 40 6.98 -1.40 -1.52
C CYS A 40 7.67 -2.45 -2.41
N ASP A 41 8.39 -2.01 -3.45
CA ASP A 41 9.04 -2.94 -4.37
C ASP A 41 10.17 -3.77 -3.73
N SER A 42 10.61 -3.37 -2.54
CA SER A 42 11.50 -4.16 -1.67
C SER A 42 10.75 -5.27 -0.91
N CYS A 43 9.44 -5.09 -0.73
CA CYS A 43 8.58 -5.87 0.16
C CYS A 43 7.46 -6.72 -0.49
N SER A 44 7.14 -6.59 -1.79
CA SER A 44 5.93 -7.23 -2.36
C SER A 44 5.89 -8.76 -2.34
N ASP A 45 7.04 -9.43 -2.17
CA ASP A 45 7.11 -10.88 -1.92
C ASP A 45 6.49 -11.30 -0.56
N CYS A 46 6.05 -10.35 0.27
CA CYS A 46 5.65 -10.58 1.66
C CYS A 46 4.53 -11.62 1.86
N LEU A 47 3.38 -11.41 1.20
CA LEU A 47 2.29 -12.40 1.13
C LEU A 47 1.83 -12.93 2.51
N HIS A 48 1.60 -12.02 3.44
CA HIS A 48 1.15 -12.27 4.81
C HIS A 48 -0.32 -12.69 4.89
N GLU A 49 -0.74 -13.09 6.09
CA GLU A 49 -2.09 -13.47 6.39
C GLU A 49 -2.55 -12.89 7.75
N THR A 50 -3.75 -12.30 7.75
CA THR A 50 -4.43 -11.67 8.91
C THR A 50 -5.86 -12.20 8.99
N ASP A 51 -6.80 -11.47 9.62
CA ASP A 51 -8.22 -11.80 9.56
C ASP A 51 -8.81 -11.69 8.14
N ILE A 52 -8.17 -10.91 7.25
CA ILE A 52 -8.69 -10.59 5.89
C ILE A 52 -7.61 -10.73 4.80
N HIS A 53 -6.40 -10.25 5.06
CA HIS A 53 -5.28 -10.46 4.18
C HIS A 53 -4.87 -11.95 4.26
N LYS A 54 -4.48 -12.56 3.13
CA LYS A 54 -4.26 -14.00 2.97
C LYS A 54 -3.27 -14.26 1.84
N GLU A 55 -2.77 -15.49 1.72
CA GLU A 55 -2.01 -15.85 0.52
C GLU A 55 -2.91 -15.95 -0.73
N ASP A 56 -4.24 -15.85 -0.58
CA ASP A 56 -5.18 -15.76 -1.71
C ASP A 56 -5.00 -14.46 -2.51
N HIS A 57 -4.17 -13.55 -2.04
CA HIS A 57 -3.93 -12.24 -2.61
C HIS A 57 -3.38 -12.19 -4.04
N GLN A 58 -3.56 -11.00 -4.61
CA GLN A 58 -2.99 -10.53 -5.85
C GLN A 58 -2.34 -9.16 -5.59
N LEU A 59 -1.12 -8.95 -6.07
CA LEU A 59 -0.37 -7.71 -5.86
C LEU A 59 -0.28 -6.92 -7.18
N GLU A 60 -0.52 -5.61 -7.12
CA GLU A 60 -0.63 -4.74 -8.31
C GLU A 60 0.48 -3.67 -8.31
N PRO A 61 1.46 -3.71 -9.25
CA PRO A 61 2.56 -2.76 -9.32
C PRO A 61 2.14 -1.46 -10.04
N ILE A 62 1.85 -0.43 -9.27
CA ILE A 62 1.41 0.89 -9.75
C ILE A 62 2.64 1.74 -10.11
N TYR A 63 2.86 1.98 -11.41
CA TYR A 63 4.08 2.64 -11.94
C TYR A 63 4.02 4.17 -12.03
N ARG A 64 2.91 4.73 -11.56
CA ARG A 64 2.51 6.16 -11.63
C ARG A 64 1.89 6.69 -10.33
N ALA B 1 -1.06 0.21 3.34
CA ALA B 1 -1.87 0.86 4.38
C ALA B 1 -2.03 2.34 4.05
N ARG B 2 -3.25 2.90 4.00
CA ARG B 2 -3.42 4.36 3.87
C ARG B 2 -2.99 5.10 5.15
N THR B 3 -2.38 6.28 4.98
CA THR B 3 -1.81 7.14 6.02
C THR B 3 -1.99 8.64 5.66
N LYS B 4 -1.67 9.55 6.60
CA LYS B 4 -1.78 11.02 6.50
C LYS B 4 -3.22 11.54 6.29
N GLN B 5 -3.39 12.87 6.32
CA GLN B 5 -4.64 13.54 5.95
C GLN B 5 -4.95 13.36 4.44
N THR B 6 -6.22 13.18 4.09
CA THR B 6 -6.68 12.88 2.72
C THR B 6 -8.16 13.23 2.49
N ALA B 7 -8.57 13.34 1.23
CA ALA B 7 -9.96 13.58 0.78
C ALA B 7 -10.64 14.84 1.37
N ARG B 8 -9.86 15.89 1.69
CA ARG B 8 -10.32 17.11 2.37
C ARG B 8 -9.79 18.44 1.80
N LYS B 9 -9.12 18.41 0.63
CA LYS B 9 -8.56 19.59 -0.05
C LYS B 9 -9.64 20.47 -0.69
N SER B 10 -9.39 21.77 -0.80
CA SER B 10 -10.27 22.73 -1.50
C SER B 10 -10.21 22.55 -3.03
N THR B 11 -11.29 22.92 -3.73
CA THR B 11 -11.37 22.87 -5.21
C THR B 11 -10.53 23.98 -5.85
N GLY B 12 -9.71 23.62 -6.85
CA GLY B 12 -8.84 24.55 -7.60
C GLY B 12 -7.94 23.84 -8.61
ZN ZN C . 8.41 -2.42 2.43
ZN ZN D . -3.76 -8.02 1.12
N GLY A 1 4.90 11.40 -12.51
CA GLY A 1 6.06 10.76 -11.83
C GLY A 1 6.35 9.38 -12.42
N PRO A 2 7.47 9.19 -13.16
CA PRO A 2 7.83 7.91 -13.81
C PRO A 2 8.27 6.78 -12.86
N LEU A 3 8.47 5.60 -13.45
CA LEU A 3 9.00 4.40 -12.78
C LEU A 3 10.29 4.70 -11.99
N GLY A 4 10.32 4.36 -10.69
CA GLY A 4 11.42 4.68 -9.77
C GLY A 4 11.40 6.11 -9.20
N SER A 5 10.37 6.90 -9.54
CA SER A 5 10.10 8.23 -8.96
C SER A 5 8.67 8.35 -8.44
N VAL A 6 7.91 7.25 -8.48
CA VAL A 6 6.57 7.22 -7.92
C VAL A 6 6.71 7.25 -6.41
N GLN A 7 5.80 7.91 -5.74
CA GLN A 7 5.88 8.18 -4.31
C GLN A 7 4.47 8.39 -3.78
N HIS A 8 3.90 7.31 -3.23
CA HIS A 8 2.51 7.31 -2.75
C HIS A 8 2.42 7.97 -1.37
N VAL A 9 2.72 9.27 -1.31
CA VAL A 9 2.61 10.15 -0.14
C VAL A 9 1.20 10.04 0.45
N GLY A 10 1.08 9.26 1.55
CA GLY A 10 -0.19 8.85 2.17
C GLY A 10 -0.54 7.35 2.07
N PHE A 11 0.37 6.46 1.64
CA PHE A 11 0.15 5.00 1.63
C PHE A 11 1.40 4.21 2.00
N LYS A 12 1.40 3.65 3.21
CA LYS A 12 2.51 2.95 3.86
C LYS A 12 2.70 1.49 3.36
N CYS A 13 3.94 1.00 3.28
CA CYS A 13 4.24 -0.43 3.07
C CYS A 13 3.94 -1.18 4.39
N ASP A 14 2.96 -2.08 4.43
CA ASP A 14 2.65 -2.83 5.65
C ASP A 14 3.76 -3.77 6.13
N ASN A 15 4.72 -4.13 5.26
CA ASN A 15 5.76 -5.12 5.54
C ASN A 15 6.99 -4.49 6.24
N CYS A 16 7.54 -3.39 5.71
CA CYS A 16 8.67 -2.66 6.31
C CYS A 16 8.30 -1.29 6.93
N GLY A 17 7.06 -0.82 6.75
CA GLY A 17 6.49 0.37 7.40
C GLY A 17 6.93 1.72 6.84
N ILE A 18 7.56 1.79 5.65
CA ILE A 18 7.79 3.08 4.96
C ILE A 18 6.44 3.73 4.64
N GLU A 19 6.17 4.85 5.30
CA GLU A 19 4.87 5.50 5.32
C GLU A 19 4.31 6.02 4.01
N PRO A 20 5.16 6.21 3.00
CA PRO A 20 4.63 6.39 1.67
C PRO A 20 5.49 5.64 0.66
N ILE A 21 4.89 4.72 -0.08
CA ILE A 21 5.66 3.82 -0.93
C ILE A 21 6.28 4.57 -2.12
N GLN A 22 7.60 4.76 -2.07
CA GLN A 22 8.39 5.26 -3.19
C GLN A 22 8.92 4.15 -4.12
N GLY A 23 9.18 4.51 -5.37
CA GLY A 23 9.63 3.65 -6.47
C GLY A 23 8.51 3.29 -7.40
N VAL A 24 7.69 2.35 -6.95
CA VAL A 24 6.38 1.88 -7.45
C VAL A 24 5.56 1.38 -6.26
N ARG A 25 4.24 1.56 -6.28
CA ARG A 25 3.34 0.98 -5.26
C ARG A 25 2.91 -0.43 -5.63
N TRP A 26 2.87 -1.33 -4.65
CA TRP A 26 2.41 -2.70 -4.80
C TRP A 26 1.13 -2.92 -3.97
N HIS A 27 -0.04 -2.69 -4.57
CA HIS A 27 -1.36 -2.74 -3.89
C HIS A 27 -1.84 -4.18 -3.66
N CYS A 28 -2.41 -4.47 -2.48
CA CYS A 28 -3.09 -5.73 -2.18
C CYS A 28 -4.47 -5.75 -2.87
N GLN A 29 -4.56 -6.41 -4.03
CA GLN A 29 -5.72 -6.49 -4.93
C GLN A 29 -6.99 -7.11 -4.32
N ASP A 30 -6.95 -7.53 -3.07
CA ASP A 30 -8.00 -8.34 -2.42
C ASP A 30 -8.43 -7.82 -1.03
N CYS A 31 -7.57 -7.09 -0.30
CA CYS A 31 -7.97 -6.44 0.94
C CYS A 31 -9.01 -5.30 0.66
N PRO A 32 -9.88 -4.98 1.63
CA PRO A 32 -10.92 -3.95 1.53
C PRO A 32 -10.35 -2.53 1.79
N PRO A 33 -11.16 -1.46 1.67
CA PRO A 33 -10.74 -0.09 1.98
C PRO A 33 -10.32 0.16 3.43
N GLU A 34 -10.69 -0.72 4.38
CA GLU A 34 -10.42 -0.49 5.81
C GLU A 34 -8.97 -0.84 6.16
N MET A 35 -8.51 -1.90 5.49
CA MET A 35 -7.29 -2.67 5.67
C MET A 35 -6.53 -2.67 4.36
N SER A 36 -6.39 -1.50 3.76
CA SER A 36 -5.89 -1.42 2.40
C SER A 36 -4.38 -1.64 2.37
N LEU A 37 -3.97 -2.91 2.37
CA LEU A 37 -2.56 -3.23 2.36
C LEU A 37 -1.90 -2.69 1.10
N ASP A 38 -0.65 -2.31 1.27
CA ASP A 38 0.27 -1.96 0.21
C ASP A 38 1.66 -2.45 0.61
N PHE A 39 2.48 -2.76 -0.39
CA PHE A 39 3.89 -3.05 -0.23
C PHE A 39 4.71 -2.09 -1.07
N CYS A 40 5.99 -1.98 -0.73
CA CYS A 40 6.98 -1.31 -1.54
C CYS A 40 7.70 -2.31 -2.45
N ASP A 41 8.44 -1.83 -3.45
CA ASP A 41 9.12 -2.71 -4.41
C ASP A 41 10.25 -3.56 -3.78
N SER A 42 10.68 -3.19 -2.58
CA SER A 42 11.55 -4.00 -1.72
C SER A 42 10.79 -5.14 -1.04
N CYS A 43 9.48 -4.96 -0.83
CA CYS A 43 8.61 -5.78 0.00
C CYS A 43 7.55 -6.64 -0.72
N SER A 44 7.27 -6.46 -2.02
CA SER A 44 6.15 -7.16 -2.68
C SER A 44 6.25 -8.67 -2.80
N ASP A 45 7.40 -9.27 -2.48
CA ASP A 45 7.55 -10.72 -2.34
C ASP A 45 6.75 -11.24 -1.09
N CYS A 46 6.24 -10.33 -0.26
CA CYS A 46 5.44 -10.67 0.93
C CYS A 46 4.04 -11.21 0.57
N LEU A 47 3.59 -12.18 1.37
CA LEU A 47 2.29 -12.86 1.23
C LEU A 47 1.78 -13.30 2.62
N HIS A 48 1.62 -12.31 3.51
CA HIS A 48 1.14 -12.46 4.88
C HIS A 48 -0.34 -12.82 4.99
N GLU A 49 -0.74 -13.18 6.21
CA GLU A 49 -2.11 -13.45 6.58
C GLU A 49 -2.47 -12.80 7.94
N THR A 50 -3.62 -12.14 7.98
CA THR A 50 -4.22 -11.45 9.14
C THR A 50 -5.67 -11.93 9.32
N ASP A 51 -6.52 -11.18 10.02
CA ASP A 51 -7.97 -11.45 10.06
C ASP A 51 -8.64 -11.31 8.66
N ILE A 52 -8.01 -10.58 7.71
CA ILE A 52 -8.58 -10.24 6.40
C ILE A 52 -7.60 -10.49 5.25
N HIS A 53 -6.35 -10.07 5.39
CA HIS A 53 -5.31 -10.33 4.41
C HIS A 53 -4.92 -11.83 4.49
N LYS A 54 -4.62 -12.47 3.36
CA LYS A 54 -4.43 -13.93 3.23
C LYS A 54 -3.49 -14.26 2.09
N GLU A 55 -3.03 -15.51 2.01
CA GLU A 55 -2.30 -15.95 0.81
C GLU A 55 -3.24 -16.07 -0.42
N ASP A 56 -4.55 -15.85 -0.26
CA ASP A 56 -5.49 -15.75 -1.40
C ASP A 56 -5.20 -14.51 -2.28
N HIS A 57 -4.26 -13.66 -1.87
CA HIS A 57 -3.96 -12.40 -2.48
C HIS A 57 -3.40 -12.43 -3.91
N GLN A 58 -3.50 -11.24 -4.52
CA GLN A 58 -2.92 -10.82 -5.77
C GLN A 58 -2.29 -9.43 -5.54
N LEU A 59 -1.09 -9.17 -6.06
CA LEU A 59 -0.40 -7.88 -5.89
C LEU A 59 -0.40 -7.11 -7.21
N GLU A 60 -0.45 -5.78 -7.17
CA GLU A 60 -0.56 -4.92 -8.36
C GLU A 60 0.52 -3.81 -8.37
N PRO A 61 1.47 -3.81 -9.32
CA PRO A 61 2.45 -2.73 -9.48
C PRO A 61 1.80 -1.49 -10.12
N ILE A 62 2.07 -0.32 -9.53
CA ILE A 62 1.51 0.97 -9.93
C ILE A 62 2.67 1.93 -10.22
N TYR A 63 2.84 2.32 -11.49
CA TYR A 63 3.93 3.18 -11.97
C TYR A 63 3.50 4.64 -12.15
N ARG A 64 2.65 5.10 -11.24
CA ARG A 64 2.12 6.47 -11.21
C ARG A 64 1.65 6.90 -9.82
N ALA B 1 -1.02 0.12 3.17
CA ALA B 1 -1.70 0.73 4.31
C ALA B 1 -2.05 2.19 4.04
N ARG B 2 -3.32 2.55 3.91
CA ARG B 2 -3.78 3.96 3.86
C ARG B 2 -3.29 4.77 5.08
N THR B 3 -2.76 5.98 4.82
CA THR B 3 -2.40 6.98 5.85
C THR B 3 -2.87 8.41 5.49
N LYS B 4 -3.25 8.66 4.23
CA LYS B 4 -3.74 9.97 3.74
C LYS B 4 -5.00 10.45 4.49
N GLN B 5 -5.95 9.54 4.71
CA GLN B 5 -7.17 9.73 5.52
C GLN B 5 -7.52 8.42 6.25
N THR B 6 -7.68 8.47 7.57
CA THR B 6 -7.97 7.29 8.43
C THR B 6 -9.09 7.52 9.45
N ALA B 7 -9.47 8.78 9.72
CA ALA B 7 -10.52 9.17 10.67
C ALA B 7 -11.10 10.56 10.34
N ARG B 8 -12.23 10.92 10.96
CA ARG B 8 -12.84 12.26 10.85
C ARG B 8 -11.99 13.35 11.52
N LYS B 9 -11.38 13.03 12.67
CA LYS B 9 -10.41 13.88 13.40
C LYS B 9 -9.08 13.98 12.61
N SER B 10 -8.42 15.14 12.67
CA SER B 10 -7.14 15.41 12.00
C SER B 10 -6.01 14.46 12.48
N THR B 11 -5.12 14.09 11.56
CA THR B 11 -3.99 13.17 11.84
C THR B 11 -2.82 13.83 12.58
N GLY B 12 -2.71 15.16 12.53
CA GLY B 12 -1.69 15.97 13.23
C GLY B 12 -1.99 16.16 14.72
ZN ZN C . 8.40 -2.43 2.36
ZN ZN D . -3.73 -8.01 1.08
N GLY A 1 4.85 11.15 -13.57
CA GLY A 1 6.04 10.69 -12.80
C GLY A 1 6.37 9.22 -13.09
N PRO A 2 7.48 8.92 -13.79
CA PRO A 2 7.89 7.55 -14.13
C PRO A 2 8.26 6.65 -12.94
N LEU A 3 8.31 5.33 -13.18
CA LEU A 3 8.78 4.35 -12.19
C LEU A 3 10.20 4.70 -11.67
N GLY A 4 10.40 4.39 -10.38
CA GLY A 4 11.57 4.82 -9.60
C GLY A 4 11.40 6.23 -8.99
N SER A 5 10.40 7.00 -9.45
CA SER A 5 9.98 8.29 -8.88
C SER A 5 8.52 8.29 -8.42
N VAL A 6 7.87 7.13 -8.36
CA VAL A 6 6.48 7.02 -7.95
C VAL A 6 6.43 6.92 -6.45
N GLN A 7 5.89 7.96 -5.83
CA GLN A 7 5.93 8.18 -4.39
C GLN A 7 4.51 8.40 -3.91
N HIS A 8 3.91 7.32 -3.40
CA HIS A 8 2.52 7.33 -2.96
C HIS A 8 2.39 7.95 -1.57
N VAL A 9 2.69 9.26 -1.48
CA VAL A 9 2.51 10.12 -0.31
C VAL A 9 1.05 10.02 0.18
N GLY A 10 0.83 9.17 1.20
CA GLY A 10 -0.47 8.73 1.71
C GLY A 10 -0.72 7.21 1.72
N PHE A 11 0.26 6.37 1.35
CA PHE A 11 0.14 4.90 1.35
C PHE A 11 1.42 4.19 1.81
N LYS A 12 1.41 3.69 3.06
CA LYS A 12 2.49 2.99 3.77
C LYS A 12 2.64 1.53 3.33
N CYS A 13 3.88 1.02 3.24
CA CYS A 13 4.19 -0.40 3.10
C CYS A 13 3.89 -1.11 4.44
N ASP A 14 2.91 -1.99 4.53
CA ASP A 14 2.60 -2.72 5.77
C ASP A 14 3.73 -3.67 6.25
N ASN A 15 4.65 -4.05 5.36
CA ASN A 15 5.68 -5.04 5.63
C ASN A 15 6.93 -4.44 6.32
N CYS A 16 7.47 -3.31 5.82
CA CYS A 16 8.59 -2.58 6.43
C CYS A 16 8.23 -1.20 7.02
N GLY A 17 7.00 -0.72 6.81
CA GLY A 17 6.43 0.48 7.42
C GLY A 17 6.89 1.82 6.84
N ILE A 18 7.51 1.87 5.66
CA ILE A 18 7.76 3.14 4.94
C ILE A 18 6.42 3.78 4.61
N GLU A 19 6.15 4.91 5.27
CA GLU A 19 4.85 5.59 5.29
C GLU A 19 4.29 6.03 3.96
N PRO A 20 5.13 6.27 2.96
CA PRO A 20 4.61 6.38 1.62
C PRO A 20 5.51 5.65 0.64
N ILE A 21 4.95 4.71 -0.12
CA ILE A 21 5.76 3.84 -0.97
C ILE A 21 6.36 4.63 -2.14
N GLN A 22 7.68 4.83 -2.09
CA GLN A 22 8.48 5.37 -3.19
C GLN A 22 9.00 4.27 -4.14
N GLY A 23 9.22 4.63 -5.40
CA GLY A 23 9.62 3.74 -6.50
C GLY A 23 8.48 3.31 -7.39
N VAL A 24 7.66 2.38 -6.89
CA VAL A 24 6.38 1.91 -7.42
C VAL A 24 5.51 1.43 -6.24
N ARG A 25 4.20 1.73 -6.23
CA ARG A 25 3.30 1.19 -5.19
C ARG A 25 2.82 -0.22 -5.53
N TRP A 26 2.92 -1.15 -4.59
CA TRP A 26 2.37 -2.49 -4.70
C TRP A 26 1.09 -2.58 -3.84
N HIS A 27 -0.10 -2.55 -4.46
CA HIS A 27 -1.39 -2.55 -3.74
C HIS A 27 -2.01 -3.96 -3.58
N CYS A 28 -2.48 -4.33 -2.38
CA CYS A 28 -3.14 -5.61 -2.10
C CYS A 28 -4.53 -5.64 -2.75
N GLN A 29 -4.61 -6.29 -3.92
CA GLN A 29 -5.77 -6.33 -4.82
C GLN A 29 -7.00 -7.05 -4.24
N ASP A 30 -6.97 -7.46 -2.97
CA ASP A 30 -8.00 -8.27 -2.33
C ASP A 30 -8.42 -7.77 -0.93
N CYS A 31 -7.55 -7.07 -0.19
CA CYS A 31 -7.94 -6.41 1.05
C CYS A 31 -8.94 -5.26 0.79
N PRO A 32 -9.84 -4.95 1.74
CA PRO A 32 -10.82 -3.86 1.67
C PRO A 32 -10.17 -2.49 1.97
N PRO A 33 -10.91 -1.37 1.91
CA PRO A 33 -10.39 -0.05 2.30
C PRO A 33 -9.92 0.04 3.75
N GLU A 34 -10.45 -0.79 4.65
CA GLU A 34 -10.25 -0.66 6.11
C GLU A 34 -8.85 -1.09 6.53
N MET A 35 -8.33 -2.02 5.74
CA MET A 35 -7.14 -2.83 5.91
C MET A 35 -6.38 -2.80 4.59
N SER A 36 -6.41 -1.65 3.92
CA SER A 36 -5.92 -1.53 2.55
C SER A 36 -4.40 -1.70 2.50
N LEU A 37 -3.95 -2.95 2.41
CA LEU A 37 -2.53 -3.24 2.45
C LEU A 37 -1.86 -2.66 1.22
N ASP A 38 -0.62 -2.25 1.44
CA ASP A 38 0.30 -1.88 0.39
C ASP A 38 1.69 -2.39 0.78
N PHE A 39 2.52 -2.59 -0.23
CA PHE A 39 3.91 -2.96 -0.10
C PHE A 39 4.78 -2.04 -0.96
N CYS A 40 6.06 -1.96 -0.61
CA CYS A 40 7.06 -1.32 -1.45
C CYS A 40 7.73 -2.40 -2.34
N ASP A 41 8.45 -1.97 -3.38
CA ASP A 41 9.07 -2.95 -4.30
C ASP A 41 10.16 -3.80 -3.63
N SER A 42 10.70 -3.33 -2.50
CA SER A 42 11.58 -4.10 -1.61
C SER A 42 10.81 -5.20 -0.85
N CYS A 43 9.50 -5.01 -0.68
CA CYS A 43 8.63 -5.80 0.20
C CYS A 43 7.56 -6.69 -0.47
N SER A 44 7.17 -6.46 -1.74
CA SER A 44 6.00 -7.16 -2.29
C SER A 44 6.15 -8.67 -2.52
N ASP A 45 7.34 -9.23 -2.27
CA ASP A 45 7.54 -10.69 -2.21
C ASP A 45 6.79 -11.33 -1.03
N CYS A 46 6.34 -10.51 -0.07
CA CYS A 46 5.54 -10.92 1.08
C CYS A 46 4.11 -11.37 0.69
N LEU A 47 3.61 -12.37 1.40
CA LEU A 47 2.30 -13.00 1.21
C LEU A 47 1.73 -13.47 2.56
N HIS A 48 1.60 -12.51 3.48
CA HIS A 48 1.12 -12.67 4.85
C HIS A 48 -0.37 -13.01 4.94
N GLU A 49 -0.77 -13.47 6.13
CA GLU A 49 -2.12 -13.80 6.48
C GLU A 49 -2.48 -13.22 7.85
N THR A 50 -3.46 -12.31 7.86
CA THR A 50 -3.91 -11.56 9.05
C THR A 50 -5.31 -10.99 8.84
N ASP A 51 -6.29 -11.55 9.58
CA ASP A 51 -7.74 -11.26 9.62
C ASP A 51 -8.52 -11.37 8.29
N ILE A 52 -8.03 -10.69 7.26
CA ILE A 52 -8.62 -10.44 5.93
C ILE A 52 -7.57 -10.58 4.83
N HIS A 53 -6.35 -10.12 5.10
CA HIS A 53 -5.22 -10.38 4.23
C HIS A 53 -4.84 -11.87 4.37
N LYS A 54 -4.57 -12.55 3.27
CA LYS A 54 -4.39 -14.02 3.15
C LYS A 54 -3.47 -14.33 1.98
N GLU A 55 -3.03 -15.58 1.85
CA GLU A 55 -2.35 -16.00 0.62
C GLU A 55 -3.31 -16.09 -0.59
N ASP A 56 -4.63 -15.86 -0.39
CA ASP A 56 -5.59 -15.73 -1.50
C ASP A 56 -5.32 -14.48 -2.38
N HIS A 57 -4.38 -13.63 -1.96
CA HIS A 57 -4.07 -12.36 -2.56
C HIS A 57 -3.54 -12.37 -4.00
N GLN A 58 -3.66 -11.18 -4.59
CA GLN A 58 -3.09 -10.70 -5.84
C GLN A 58 -2.49 -9.31 -5.57
N LEU A 59 -1.48 -8.88 -6.32
CA LEU A 59 -0.85 -7.56 -6.16
C LEU A 59 -0.62 -6.85 -7.48
N GLU A 60 -0.57 -5.53 -7.38
CA GLU A 60 -0.58 -4.62 -8.52
C GLU A 60 0.56 -3.58 -8.42
N PRO A 61 1.61 -3.68 -9.26
CA PRO A 61 2.71 -2.72 -9.35
C PRO A 61 2.30 -1.45 -10.11
N ILE A 62 1.98 -0.40 -9.35
CA ILE A 62 1.53 0.91 -9.84
C ILE A 62 2.74 1.77 -10.21
N TYR A 63 2.92 2.03 -11.51
CA TYR A 63 4.01 2.84 -12.08
C TYR A 63 3.66 4.31 -12.31
N ARG A 64 2.73 4.83 -11.49
CA ARG A 64 2.24 6.21 -11.59
C ARG A 64 1.74 6.80 -10.26
N ALA B 1 -1.14 0.29 3.40
CA ALA B 1 -1.83 0.95 4.53
C ALA B 1 -2.03 2.44 4.25
N ARG B 2 -3.23 3.02 4.42
CA ARG B 2 -3.46 4.47 4.16
C ARG B 2 -2.87 5.36 5.27
N THR B 3 -2.40 6.56 4.88
CA THR B 3 -1.78 7.59 5.76
C THR B 3 -2.29 9.00 5.40
N LYS B 4 -2.09 9.99 6.29
CA LYS B 4 -2.57 11.40 6.21
C LYS B 4 -4.07 11.59 5.91
N GLN B 5 -4.89 10.63 6.34
CA GLN B 5 -6.34 10.58 6.06
C GLN B 5 -7.15 11.62 6.86
N THR B 6 -8.36 11.93 6.37
CA THR B 6 -9.36 12.88 6.91
C THR B 6 -8.90 14.34 7.09
N ALA B 7 -9.84 15.23 7.42
CA ALA B 7 -9.64 16.67 7.57
C ALA B 7 -8.80 17.06 8.81
N ARG B 8 -8.22 18.27 8.79
CA ARG B 8 -7.50 18.86 9.94
C ARG B 8 -8.45 19.10 11.13
N LYS B 9 -7.95 18.86 12.36
CA LYS B 9 -8.68 19.01 13.63
C LYS B 9 -9.99 18.20 13.73
N SER B 10 -10.09 17.08 13.00
CA SER B 10 -11.25 16.18 13.03
C SER B 10 -11.41 15.51 14.41
N THR B 11 -12.66 15.34 14.87
CA THR B 11 -13.01 14.75 16.17
C THR B 11 -14.44 14.15 16.15
N GLY B 12 -14.73 13.23 17.09
CA GLY B 12 -16.02 12.54 17.21
C GLY B 12 -16.10 11.67 18.47
ZN ZN C . 8.41 -2.40 2.47
ZN ZN D . -3.73 -8.05 1.10
N GLY A 1 12.18 10.98 -12.52
CA GLY A 1 11.19 10.48 -13.51
C GLY A 1 10.01 9.77 -12.86
N PRO A 2 9.43 8.74 -13.49
CA PRO A 2 8.41 7.87 -12.92
C PRO A 2 9.01 6.66 -12.20
N LEU A 3 9.53 5.68 -12.95
CA LEU A 3 9.92 4.40 -12.36
C LEU A 3 11.17 4.56 -11.47
N GLY A 4 11.09 4.09 -10.21
CA GLY A 4 12.13 4.34 -9.20
C GLY A 4 12.07 5.73 -8.55
N SER A 5 11.04 6.53 -8.85
CA SER A 5 10.75 7.80 -8.14
C SER A 5 9.30 7.93 -7.65
N VAL A 6 8.38 7.13 -8.18
CA VAL A 6 6.94 7.19 -7.93
C VAL A 6 6.65 7.00 -6.46
N GLN A 7 6.06 8.02 -5.87
CA GLN A 7 5.92 8.16 -4.42
C GLN A 7 4.47 8.36 -4.05
N HIS A 8 3.87 7.28 -3.56
CA HIS A 8 2.48 7.24 -3.15
C HIS A 8 2.30 7.83 -1.75
N VAL A 9 2.57 9.12 -1.64
CA VAL A 9 2.34 9.98 -0.47
C VAL A 9 0.89 9.82 0.01
N GLY A 10 0.71 9.02 1.08
CA GLY A 10 -0.58 8.54 1.60
C GLY A 10 -0.83 7.02 1.55
N PHE A 11 0.15 6.18 1.17
CA PHE A 11 0.00 4.72 1.11
C PHE A 11 1.27 3.99 1.57
N LYS A 12 1.23 3.46 2.79
CA LYS A 12 2.34 2.83 3.52
C LYS A 12 2.56 1.36 3.16
N CYS A 13 3.82 0.91 3.11
CA CYS A 13 4.18 -0.51 3.02
C CYS A 13 3.89 -1.16 4.38
N ASP A 14 2.91 -2.05 4.50
CA ASP A 14 2.60 -2.71 5.77
C ASP A 14 3.73 -3.60 6.33
N ASN A 15 4.68 -4.03 5.49
CA ASN A 15 5.74 -4.96 5.88
C ASN A 15 6.89 -4.26 6.63
N CYS A 16 7.48 -3.22 6.04
CA CYS A 16 8.59 -2.43 6.62
C CYS A 16 8.14 -1.07 7.18
N GLY A 17 6.91 -0.64 6.90
CA GLY A 17 6.27 0.56 7.43
C GLY A 17 6.70 1.89 6.82
N ILE A 18 7.35 1.92 5.64
CA ILE A 18 7.58 3.19 4.91
C ILE A 18 6.22 3.80 4.56
N GLU A 19 5.87 4.92 5.20
CA GLU A 19 4.54 5.53 5.18
C GLU A 19 4.00 5.94 3.83
N PRO A 20 4.88 6.22 2.86
CA PRO A 20 4.40 6.31 1.50
C PRO A 20 5.36 5.58 0.55
N ILE A 21 4.85 4.62 -0.20
CA ILE A 21 5.71 3.77 -1.00
C ILE A 21 6.32 4.54 -2.17
N GLN A 22 7.65 4.70 -2.13
CA GLN A 22 8.46 5.28 -3.20
C GLN A 22 8.97 4.23 -4.22
N GLY A 23 9.25 4.68 -5.44
CA GLY A 23 9.63 3.91 -6.62
C GLY A 23 8.49 3.33 -7.44
N VAL A 24 7.75 2.39 -6.87
CA VAL A 24 6.48 1.82 -7.36
C VAL A 24 5.63 1.40 -6.17
N ARG A 25 4.34 1.73 -6.16
CA ARG A 25 3.40 1.18 -5.15
C ARG A 25 2.96 -0.23 -5.53
N TRP A 26 3.08 -1.19 -4.60
CA TRP A 26 2.50 -2.53 -4.72
C TRP A 26 1.19 -2.58 -3.93
N HIS A 27 0.04 -2.37 -4.57
CA HIS A 27 -1.28 -2.38 -3.93
C HIS A 27 -1.80 -3.80 -3.68
N CYS A 28 -2.33 -4.11 -2.49
CA CYS A 28 -3.05 -5.36 -2.26
C CYS A 28 -4.47 -5.25 -2.85
N GLN A 29 -4.62 -5.73 -4.09
CA GLN A 29 -5.84 -5.70 -4.91
C GLN A 29 -7.13 -6.25 -4.28
N ASP A 30 -7.03 -7.07 -3.23
CA ASP A 30 -8.16 -7.83 -2.66
C ASP A 30 -8.37 -7.63 -1.15
N CYS A 31 -7.41 -7.01 -0.44
CA CYS A 31 -7.63 -6.57 0.93
C CYS A 31 -8.58 -5.33 0.90
N PRO A 32 -9.55 -5.24 1.82
CA PRO A 32 -10.65 -4.26 1.82
C PRO A 32 -10.17 -2.87 2.28
N PRO A 33 -11.01 -1.81 2.22
CA PRO A 33 -10.64 -0.46 2.66
C PRO A 33 -10.14 -0.36 4.10
N GLU A 34 -10.53 -1.29 4.98
CA GLU A 34 -10.23 -1.22 6.41
C GLU A 34 -8.78 -1.63 6.71
N MET A 35 -8.29 -2.52 5.84
CA MET A 35 -7.07 -3.28 5.89
C MET A 35 -6.42 -3.15 4.51
N SER A 36 -6.43 -1.93 3.99
CA SER A 36 -6.06 -1.68 2.62
C SER A 36 -4.56 -1.68 2.46
N LEU A 37 -4.04 -2.90 2.43
CA LEU A 37 -2.63 -3.14 2.41
C LEU A 37 -1.98 -2.56 1.16
N ASP A 38 -0.72 -2.23 1.33
CA ASP A 38 0.22 -1.88 0.28
C ASP A 38 1.60 -2.39 0.70
N PHE A 39 2.47 -2.57 -0.28
CA PHE A 39 3.86 -2.94 -0.08
C PHE A 39 4.77 -2.08 -0.95
N CYS A 40 6.04 -2.01 -0.58
CA CYS A 40 7.08 -1.44 -1.41
C CYS A 40 7.75 -2.55 -2.27
N ASP A 41 8.49 -2.19 -3.32
CA ASP A 41 9.11 -3.20 -4.19
C ASP A 41 10.20 -4.04 -3.46
N SER A 42 10.72 -3.51 -2.36
CA SER A 42 11.58 -4.24 -1.42
C SER A 42 10.81 -5.30 -0.62
N CYS A 43 9.48 -5.16 -0.51
CA CYS A 43 8.61 -5.91 0.40
C CYS A 43 7.48 -6.78 -0.21
N SER A 44 7.02 -6.56 -1.46
CA SER A 44 5.79 -7.25 -1.92
C SER A 44 5.91 -8.77 -2.12
N ASP A 45 7.12 -9.32 -2.17
CA ASP A 45 7.37 -10.78 -2.20
C ASP A 45 6.92 -11.50 -0.91
N CYS A 46 6.59 -10.75 0.16
CA CYS A 46 6.28 -11.28 1.50
C CYS A 46 5.05 -12.21 1.56
N LEU A 47 4.00 -11.89 0.79
CA LEU A 47 2.77 -12.71 0.69
C LEU A 47 2.13 -13.00 2.07
N HIS A 48 2.02 -11.95 2.89
CA HIS A 48 1.54 -11.99 4.27
C HIS A 48 0.05 -12.30 4.40
N GLU A 49 -0.33 -12.65 5.62
CA GLU A 49 -1.68 -12.93 6.02
C GLU A 49 -2.00 -12.37 7.41
N THR A 50 -3.19 -11.80 7.58
CA THR A 50 -3.79 -11.39 8.85
C THR A 50 -5.16 -12.08 9.03
N ASP A 51 -6.06 -11.54 9.84
CA ASP A 51 -7.46 -12.01 9.89
C ASP A 51 -8.19 -11.80 8.55
N ILE A 52 -7.71 -10.88 7.72
CA ILE A 52 -8.31 -10.42 6.45
C ILE A 52 -7.32 -10.48 5.28
N HIS A 53 -6.09 -10.05 5.50
CA HIS A 53 -5.03 -10.26 4.53
C HIS A 53 -4.75 -11.78 4.41
N LYS A 54 -4.57 -12.27 3.19
CA LYS A 54 -4.51 -13.69 2.86
C LYS A 54 -3.65 -13.93 1.64
N GLU A 55 -3.08 -15.11 1.53
CA GLU A 55 -2.44 -15.51 0.28
C GLU A 55 -3.50 -15.69 -0.85
N ASP A 56 -4.81 -15.66 -0.51
CA ASP A 56 -5.92 -15.75 -1.47
C ASP A 56 -6.19 -14.42 -2.22
N HIS A 57 -5.53 -13.34 -1.82
CA HIS A 57 -5.63 -12.02 -2.40
C HIS A 57 -4.77 -11.88 -3.71
N GLN A 58 -4.63 -10.66 -4.24
CA GLN A 58 -3.72 -10.32 -5.35
C GLN A 58 -2.90 -9.05 -5.08
N LEU A 59 -1.75 -8.87 -5.74
CA LEU A 59 -0.96 -7.64 -5.73
C LEU A 59 -1.00 -6.90 -7.09
N GLU A 60 -0.71 -5.60 -7.09
CA GLU A 60 -0.68 -4.75 -8.29
C GLU A 60 0.49 -3.74 -8.24
N PRO A 61 1.48 -3.81 -9.16
CA PRO A 61 2.54 -2.80 -9.29
C PRO A 61 2.02 -1.55 -10.00
N ILE A 62 2.24 -0.38 -9.39
CA ILE A 62 1.78 0.93 -9.85
C ILE A 62 3.01 1.80 -10.15
N TYR A 63 3.25 2.07 -11.44
CA TYR A 63 4.47 2.70 -11.98
C TYR A 63 4.36 4.22 -12.16
N ARG A 64 3.28 4.81 -11.66
CA ARG A 64 2.92 6.23 -11.76
C ARG A 64 2.32 6.81 -10.47
N ALA B 1 -1.17 0.05 3.23
CA ALA B 1 -1.94 0.71 4.29
C ALA B 1 -2.22 2.16 3.89
N ARG B 2 -3.48 2.57 3.72
CA ARG B 2 -3.82 4.00 3.54
C ARG B 2 -3.38 4.84 4.75
N THR B 3 -2.85 6.05 4.48
CA THR B 3 -2.39 7.03 5.50
C THR B 3 -2.93 8.46 5.27
N LYS B 4 -3.92 8.63 4.36
CA LYS B 4 -4.66 9.89 4.15
C LYS B 4 -6.13 9.64 3.81
N GLN B 5 -6.97 10.66 3.97
CA GLN B 5 -8.38 10.67 3.53
C GLN B 5 -8.47 10.81 1.99
N THR B 6 -8.21 9.70 1.28
CA THR B 6 -8.07 9.68 -0.20
C THR B 6 -9.40 9.75 -0.97
N ALA B 7 -10.55 9.67 -0.28
CA ALA B 7 -11.89 9.84 -0.86
C ALA B 7 -12.17 11.29 -1.33
N ARG B 8 -13.21 11.47 -2.17
CA ARG B 8 -13.64 12.78 -2.70
C ARG B 8 -14.13 13.72 -1.57
N LYS B 9 -13.90 15.03 -1.73
CA LYS B 9 -14.29 16.07 -0.76
C LYS B 9 -15.79 16.44 -0.77
N SER B 10 -16.52 16.08 -1.83
CA SER B 10 -17.95 16.34 -2.00
C SER B 10 -18.83 15.51 -1.03
N THR B 11 -20.03 16.01 -0.73
CA THR B 11 -20.99 15.40 0.21
C THR B 11 -21.80 14.23 -0.38
N GLY B 12 -21.85 14.10 -1.71
CA GLY B 12 -22.58 13.06 -2.45
C GLY B 12 -22.86 13.44 -3.90
ZN ZN C . 8.32 -2.40 2.52
ZN ZN D . -2.99 -8.08 0.59
N GLY A 1 12.52 8.31 -15.10
CA GLY A 1 11.05 8.40 -15.25
C GLY A 1 10.30 7.71 -14.11
N PRO A 2 8.95 7.59 -14.19
CA PRO A 2 8.07 7.01 -13.16
C PRO A 2 8.51 5.70 -12.55
N LEU A 3 9.00 4.74 -13.33
CA LEU A 3 9.53 3.51 -12.75
C LEU A 3 10.82 3.80 -11.96
N GLY A 4 10.77 3.67 -10.63
CA GLY A 4 11.84 4.10 -9.73
C GLY A 4 11.79 5.58 -9.31
N SER A 5 10.71 6.32 -9.62
CA SER A 5 10.48 7.70 -9.15
C SER A 5 9.07 7.96 -8.64
N VAL A 6 8.17 6.99 -8.81
CA VAL A 6 6.80 7.07 -8.32
C VAL A 6 6.85 7.08 -6.81
N GLN A 7 5.93 7.79 -6.18
CA GLN A 7 5.98 8.06 -4.75
C GLN A 7 4.59 8.33 -4.22
N HIS A 8 4.01 7.30 -3.61
CA HIS A 8 2.64 7.33 -3.11
C HIS A 8 2.57 7.99 -1.74
N VAL A 9 2.90 9.28 -1.70
CA VAL A 9 2.81 10.21 -0.57
C VAL A 9 1.40 10.11 0.07
N GLY A 10 1.32 9.36 1.19
CA GLY A 10 0.09 8.96 1.89
C GLY A 10 -0.31 7.48 1.84
N PHE A 11 0.58 6.56 1.40
CA PHE A 11 0.32 5.11 1.34
C PHE A 11 1.54 4.32 1.83
N LYS A 12 1.48 3.84 3.07
CA LYS A 12 2.55 3.14 3.80
C LYS A 12 2.71 1.66 3.41
N CYS A 13 3.93 1.11 3.36
CA CYS A 13 4.21 -0.33 3.24
C CYS A 13 3.87 -1.04 4.57
N ASP A 14 2.95 -2.00 4.58
CA ASP A 14 2.60 -2.77 5.79
C ASP A 14 3.71 -3.68 6.32
N ASN A 15 4.77 -3.97 5.54
CA ASN A 15 5.88 -4.81 5.99
C ASN A 15 6.96 -4.00 6.75
N CYS A 16 7.60 -3.04 6.08
CA CYS A 16 8.70 -2.25 6.62
C CYS A 16 8.27 -0.87 7.17
N GLY A 17 7.02 -0.46 6.92
CA GLY A 17 6.44 0.75 7.46
C GLY A 17 6.91 2.06 6.81
N ILE A 18 7.58 2.04 5.64
CA ILE A 18 7.83 3.28 4.88
C ILE A 18 6.50 3.93 4.54
N GLU A 19 6.27 5.08 5.16
CA GLU A 19 4.98 5.78 5.17
C GLU A 19 4.43 6.19 3.82
N PRO A 20 5.29 6.42 2.83
CA PRO A 20 4.75 6.49 1.49
C PRO A 20 5.62 5.69 0.52
N ILE A 21 5.00 4.75 -0.19
CA ILE A 21 5.76 3.81 -1.01
C ILE A 21 6.33 4.50 -2.25
N GLN A 22 7.65 4.63 -2.28
CA GLN A 22 8.41 5.12 -3.44
C GLN A 22 8.90 4.00 -4.39
N GLY A 23 9.26 4.41 -5.61
CA GLY A 23 9.60 3.59 -6.77
C GLY A 23 8.43 3.14 -7.61
N VAL A 24 7.60 2.27 -7.03
CA VAL A 24 6.30 1.74 -7.47
C VAL A 24 5.48 1.37 -6.23
N ARG A 25 4.15 1.52 -6.23
CA ARG A 25 3.30 0.99 -5.14
C ARG A 25 2.75 -0.40 -5.48
N TRP A 26 2.99 -1.38 -4.60
CA TRP A 26 2.37 -2.70 -4.66
C TRP A 26 1.07 -2.67 -3.84
N HIS A 27 -0.05 -2.35 -4.48
CA HIS A 27 -1.38 -2.27 -3.85
C HIS A 27 -1.97 -3.67 -3.60
N CYS A 28 -2.57 -3.90 -2.43
CA CYS A 28 -3.31 -5.12 -2.13
C CYS A 28 -4.71 -5.09 -2.79
N GLN A 29 -4.86 -5.84 -3.88
CA GLN A 29 -6.01 -5.88 -4.77
C GLN A 29 -7.34 -6.37 -4.15
N ASP A 30 -7.30 -7.20 -3.11
CA ASP A 30 -8.49 -7.86 -2.56
C ASP A 30 -8.73 -7.49 -1.09
N CYS A 31 -7.71 -7.00 -0.37
CA CYS A 31 -7.90 -6.43 0.95
C CYS A 31 -8.81 -5.16 0.87
N PRO A 32 -9.72 -4.96 1.84
CA PRO A 32 -10.79 -3.96 1.85
C PRO A 32 -10.31 -2.58 2.33
N PRO A 33 -11.17 -1.53 2.32
CA PRO A 33 -10.82 -0.22 2.89
C PRO A 33 -10.42 -0.23 4.37
N GLU A 34 -10.81 -1.26 5.12
CA GLU A 34 -10.57 -1.34 6.56
C GLU A 34 -9.13 -1.75 6.88
N MET A 35 -8.54 -2.46 5.93
CA MET A 35 -7.30 -3.19 5.96
C MET A 35 -6.64 -3.01 4.59
N SER A 36 -6.48 -1.76 4.21
CA SER A 36 -6.08 -1.39 2.85
C SER A 36 -4.57 -1.44 2.72
N LEU A 37 -4.09 -2.68 2.74
CA LEU A 37 -2.68 -2.97 2.69
C LEU A 37 -2.05 -2.40 1.41
N ASP A 38 -0.75 -2.15 1.53
CA ASP A 38 0.16 -1.83 0.44
C ASP A 38 1.55 -2.35 0.82
N PHE A 39 2.39 -2.59 -0.18
CA PHE A 39 3.78 -2.94 -0.02
C PHE A 39 4.67 -2.07 -0.90
N CYS A 40 5.94 -1.98 -0.55
CA CYS A 40 6.97 -1.41 -1.42
C CYS A 40 7.64 -2.53 -2.23
N ASP A 41 8.36 -2.19 -3.31
CA ASP A 41 8.97 -3.24 -4.17
C ASP A 41 10.09 -4.03 -3.46
N SER A 42 10.59 -3.52 -2.35
CA SER A 42 11.47 -4.22 -1.41
C SER A 42 10.71 -5.27 -0.58
N CYS A 43 9.39 -5.09 -0.43
CA CYS A 43 8.53 -5.80 0.51
C CYS A 43 7.37 -6.66 -0.05
N SER A 44 6.95 -6.57 -1.31
CA SER A 44 5.72 -7.29 -1.75
C SER A 44 5.83 -8.82 -1.74
N ASP A 45 7.05 -9.36 -1.73
CA ASP A 45 7.30 -10.79 -1.51
C ASP A 45 6.87 -11.25 -0.09
N CYS A 46 6.52 -10.32 0.80
CA CYS A 46 6.19 -10.60 2.20
C CYS A 46 4.95 -11.46 2.38
N LEU A 47 3.86 -11.12 1.66
CA LEU A 47 2.64 -11.93 1.56
C LEU A 47 2.07 -12.35 2.93
N HIS A 48 1.95 -11.38 3.85
CA HIS A 48 1.57 -11.62 5.25
C HIS A 48 0.08 -11.91 5.39
N GLU A 49 -0.23 -13.20 5.49
CA GLU A 49 -1.60 -13.66 5.54
C GLU A 49 -2.12 -13.47 6.97
N THR A 50 -3.02 -12.51 7.14
CA THR A 50 -3.56 -12.11 8.43
C THR A 50 -4.95 -11.51 8.29
N ASP A 51 -5.92 -12.09 9.01
CA ASP A 51 -7.37 -11.81 9.04
C ASP A 51 -8.11 -11.88 7.69
N ILE A 52 -7.62 -11.14 6.71
CA ILE A 52 -8.22 -10.83 5.40
C ILE A 52 -7.18 -10.89 4.26
N HIS A 53 -5.97 -10.38 4.49
CA HIS A 53 -4.91 -10.60 3.53
C HIS A 53 -4.57 -12.10 3.54
N LYS A 54 -4.47 -12.71 2.35
CA LYS A 54 -4.18 -14.14 2.12
C LYS A 54 -3.37 -14.30 0.86
N GLU A 55 -2.82 -15.49 0.66
CA GLU A 55 -2.24 -15.84 -0.61
C GLU A 55 -3.31 -16.05 -1.71
N ASP A 56 -4.59 -16.10 -1.31
CA ASP A 56 -5.75 -16.15 -2.22
C ASP A 56 -6.11 -14.74 -2.73
N HIS A 57 -5.70 -13.73 -1.98
CA HIS A 57 -5.73 -12.34 -2.33
C HIS A 57 -4.54 -11.99 -3.27
N GLN A 58 -4.61 -10.85 -3.97
CA GLN A 58 -3.70 -10.47 -5.07
C GLN A 58 -2.98 -9.11 -4.90
N LEU A 59 -1.83 -8.93 -5.57
CA LEU A 59 -1.01 -7.71 -5.53
C LEU A 59 -0.91 -7.03 -6.91
N GLU A 60 -0.78 -5.69 -6.94
CA GLU A 60 -0.75 -4.89 -8.18
C GLU A 60 0.39 -3.85 -8.17
N PRO A 61 1.38 -3.94 -9.08
CA PRO A 61 2.50 -3.00 -9.18
C PRO A 61 2.11 -1.74 -9.97
N ILE A 62 1.91 -0.64 -9.25
CA ILE A 62 1.50 0.67 -9.80
C ILE A 62 2.75 1.48 -10.21
N TYR A 63 2.98 1.66 -11.52
CA TYR A 63 4.13 2.41 -12.06
C TYR A 63 3.82 3.89 -12.35
N ARG A 64 2.93 4.47 -11.54
CA ARG A 64 2.44 5.85 -11.67
C ARG A 64 1.95 6.47 -10.36
N ALA B 1 -1.07 0.27 3.35
CA ALA B 1 -1.76 0.99 4.44
C ALA B 1 -1.98 2.44 4.05
N ARG B 2 -3.22 2.90 3.86
CA ARG B 2 -3.51 4.32 3.57
C ARG B 2 -3.25 5.18 4.83
N THR B 3 -2.72 6.40 4.64
CA THR B 3 -2.37 7.33 5.73
C THR B 3 -2.86 8.77 5.52
N LYS B 4 -2.84 9.30 4.30
CA LYS B 4 -3.32 10.66 3.98
C LYS B 4 -4.79 10.65 3.53
N GLN B 5 -5.58 11.62 4.01
CA GLN B 5 -6.98 11.84 3.61
C GLN B 5 -7.09 12.61 2.28
N THR B 6 -8.20 12.42 1.55
CA THR B 6 -8.50 13.13 0.29
C THR B 6 -8.64 14.64 0.52
N ALA B 7 -7.86 15.46 -0.19
CA ALA B 7 -7.84 16.92 -0.01
C ALA B 7 -9.06 17.63 -0.62
N ARG B 8 -9.52 17.18 -1.80
CA ARG B 8 -10.69 17.73 -2.51
C ARG B 8 -12.03 17.31 -1.86
N LYS B 9 -13.09 18.09 -2.12
CA LYS B 9 -14.48 17.78 -1.72
C LYS B 9 -15.04 16.53 -2.43
N SER B 10 -16.07 15.91 -1.84
CA SER B 10 -16.76 14.72 -2.35
C SER B 10 -18.22 14.66 -1.87
N THR B 11 -19.09 13.99 -2.65
CA THR B 11 -20.52 13.81 -2.35
C THR B 11 -21.08 12.55 -3.06
N GLY B 12 -22.21 12.01 -2.56
CA GLY B 12 -22.88 10.81 -3.09
C GLY B 12 -24.19 10.50 -2.37
ZN ZN C . 8.31 -2.28 2.64
ZN ZN D . -3.24 -7.70 0.65
N GLY A 1 4.90 11.03 -13.30
CA GLY A 1 6.06 10.52 -12.52
C GLY A 1 6.41 9.08 -12.91
N PRO A 2 7.57 8.83 -13.56
CA PRO A 2 8.00 7.48 -13.99
C PRO A 2 8.39 6.53 -12.87
N LEU A 3 8.61 5.25 -13.24
CA LEU A 3 9.12 4.20 -12.37
C LEU A 3 10.45 4.63 -11.69
N GLY A 4 10.58 4.34 -10.38
CA GLY A 4 11.67 4.85 -9.53
C GLY A 4 11.40 6.24 -8.92
N SER A 5 10.34 6.92 -9.37
CA SER A 5 9.86 8.22 -8.83
C SER A 5 8.40 8.21 -8.42
N VAL A 6 7.75 7.04 -8.40
CA VAL A 6 6.36 6.92 -7.99
C VAL A 6 6.31 6.87 -6.49
N GLN A 7 5.75 7.90 -5.88
CA GLN A 7 5.78 8.15 -4.45
C GLN A 7 4.35 8.34 -3.98
N HIS A 8 3.78 7.27 -3.44
CA HIS A 8 2.39 7.24 -3.01
C HIS A 8 2.25 7.90 -1.63
N VAL A 9 2.51 9.20 -1.57
CA VAL A 9 2.33 10.08 -0.40
C VAL A 9 0.92 9.92 0.16
N GLY A 10 0.82 9.22 1.31
CA GLY A 10 -0.43 8.77 1.94
C GLY A 10 -0.74 7.25 1.87
N PHE A 11 0.19 6.40 1.42
CA PHE A 11 0.02 4.93 1.38
C PHE A 11 1.30 4.18 1.76
N LYS A 12 1.33 3.62 2.98
CA LYS A 12 2.47 2.99 3.64
C LYS A 12 2.68 1.51 3.25
N CYS A 13 3.94 1.05 3.20
CA CYS A 13 4.28 -0.38 3.09
C CYS A 13 3.98 -1.05 4.44
N ASP A 14 3.00 -1.95 4.55
CA ASP A 14 2.69 -2.62 5.82
C ASP A 14 3.81 -3.56 6.31
N ASN A 15 4.75 -3.96 5.43
CA ASN A 15 5.80 -4.93 5.76
C ASN A 15 7.01 -4.27 6.45
N CYS A 16 7.56 -3.17 5.90
CA CYS A 16 8.68 -2.42 6.47
C CYS A 16 8.29 -1.04 7.08
N GLY A 17 7.06 -0.57 6.82
CA GLY A 17 6.46 0.63 7.41
C GLY A 17 6.88 1.97 6.82
N ILE A 18 7.51 2.03 5.64
CA ILE A 18 7.73 3.30 4.92
C ILE A 18 6.36 3.93 4.60
N GLU A 19 6.04 5.07 5.24
CA GLU A 19 4.71 5.68 5.23
C GLU A 19 4.14 6.08 3.88
N PRO A 20 5.00 6.35 2.89
CA PRO A 20 4.48 6.42 1.55
C PRO A 20 5.41 5.69 0.57
N ILE A 21 4.86 4.74 -0.15
CA ILE A 21 5.68 3.86 -0.99
C ILE A 21 6.27 4.62 -2.17
N GLN A 22 7.59 4.84 -2.14
CA GLN A 22 8.39 5.39 -3.23
C GLN A 22 8.97 4.29 -4.17
N GLY A 23 9.16 4.62 -5.44
CA GLY A 23 9.61 3.74 -6.52
C GLY A 23 8.51 3.28 -7.45
N VAL A 24 7.70 2.35 -6.94
CA VAL A 24 6.42 1.84 -7.46
C VAL A 24 5.58 1.39 -6.27
N ARG A 25 4.26 1.62 -6.30
CA ARG A 25 3.36 1.05 -5.28
C ARG A 25 2.98 -0.39 -5.62
N TRP A 26 3.07 -1.29 -4.65
CA TRP A 26 2.55 -2.66 -4.73
C TRP A 26 1.24 -2.75 -3.93
N HIS A 27 0.10 -2.49 -4.57
CA HIS A 27 -1.23 -2.44 -3.93
C HIS A 27 -1.76 -3.85 -3.61
N CYS A 28 -2.42 -4.04 -2.46
CA CYS A 28 -3.13 -5.28 -2.15
C CYS A 28 -4.52 -5.32 -2.84
N GLN A 29 -4.60 -6.08 -3.93
CA GLN A 29 -5.74 -6.25 -4.84
C GLN A 29 -7.05 -6.75 -4.20
N ASP A 30 -6.98 -7.30 -2.98
CA ASP A 30 -8.08 -8.01 -2.34
C ASP A 30 -8.47 -7.42 -0.96
N CYS A 31 -7.56 -6.70 -0.29
CA CYS A 31 -7.84 -6.06 0.98
C CYS A 31 -8.74 -4.79 0.82
N PRO A 32 -9.68 -4.55 1.74
CA PRO A 32 -10.70 -3.47 1.70
C PRO A 32 -10.11 -2.12 2.18
N PRO A 33 -10.87 -1.00 2.23
CA PRO A 33 -10.33 0.31 2.63
C PRO A 33 -9.84 0.37 4.07
N GLU A 34 -10.40 -0.47 4.94
CA GLU A 34 -10.20 -0.45 6.40
C GLU A 34 -8.84 -1.06 6.79
N MET A 35 -8.43 -2.00 5.95
CA MET A 35 -7.35 -2.96 6.03
C MET A 35 -6.54 -2.87 4.73
N SER A 36 -6.39 -1.65 4.23
CA SER A 36 -5.87 -1.34 2.90
C SER A 36 -4.37 -1.45 2.82
N LEU A 37 -3.90 -2.69 2.86
CA LEU A 37 -2.50 -2.98 2.70
C LEU A 37 -1.93 -2.45 1.37
N ASP A 38 -0.65 -2.15 1.45
CA ASP A 38 0.23 -1.85 0.35
C ASP A 38 1.63 -2.34 0.74
N PHE A 39 2.47 -2.64 -0.25
CA PHE A 39 3.88 -2.95 -0.08
C PHE A 39 4.75 -2.04 -0.95
N CYS A 40 6.02 -1.93 -0.58
CA CYS A 40 7.03 -1.31 -1.42
C CYS A 40 7.75 -2.38 -2.28
N ASP A 41 8.47 -1.97 -3.32
CA ASP A 41 9.15 -2.92 -4.22
C ASP A 41 10.27 -3.72 -3.52
N SER A 42 10.79 -3.20 -2.42
CA SER A 42 11.68 -3.94 -1.51
C SER A 42 10.94 -5.07 -0.76
N CYS A 43 9.63 -4.92 -0.59
CA CYS A 43 8.78 -5.73 0.27
C CYS A 43 7.75 -6.66 -0.44
N SER A 44 7.43 -6.46 -1.73
CA SER A 44 6.33 -7.19 -2.39
C SER A 44 6.52 -8.70 -2.57
N ASP A 45 7.71 -9.25 -2.27
CA ASP A 45 7.91 -10.70 -2.17
C ASP A 45 7.07 -11.31 -1.01
N CYS A 46 6.54 -10.46 -0.12
CA CYS A 46 5.67 -10.86 0.99
C CYS A 46 4.28 -11.32 0.52
N LEU A 47 3.74 -12.31 1.23
CA LEU A 47 2.39 -12.86 1.06
C LEU A 47 1.84 -13.32 2.42
N HIS A 48 1.68 -12.36 3.34
CA HIS A 48 1.19 -12.58 4.70
C HIS A 48 -0.29 -12.98 4.74
N GLU A 49 -0.70 -13.52 5.89
CA GLU A 49 -2.02 -14.07 6.13
C GLU A 49 -2.54 -13.62 7.52
N THR A 50 -3.48 -12.68 7.50
CA THR A 50 -4.11 -12.03 8.65
C THR A 50 -5.49 -11.42 8.29
N ASP A 51 -6.55 -11.97 8.90
CA ASP A 51 -7.99 -11.63 8.81
C ASP A 51 -8.64 -11.66 7.41
N ILE A 52 -8.03 -10.99 6.44
CA ILE A 52 -8.50 -10.70 5.07
C ILE A 52 -7.36 -10.78 4.06
N HIS A 53 -6.20 -10.23 4.43
CA HIS A 53 -4.98 -10.43 3.69
C HIS A 53 -4.59 -11.91 3.91
N LYS A 54 -4.37 -12.66 2.84
CA LYS A 54 -4.21 -14.12 2.81
C LYS A 54 -3.40 -14.50 1.59
N GLU A 55 -3.07 -15.78 1.47
CA GLU A 55 -2.54 -16.31 0.24
C GLU A 55 -3.59 -16.25 -0.90
N ASP A 56 -4.87 -16.04 -0.57
CA ASP A 56 -5.96 -15.81 -1.53
C ASP A 56 -6.01 -14.34 -2.01
N HIS A 57 -5.41 -13.42 -1.26
CA HIS A 57 -5.18 -12.04 -1.67
C HIS A 57 -4.02 -11.96 -2.71
N GLN A 58 -4.04 -10.91 -3.54
CA GLN A 58 -3.09 -10.67 -4.64
C GLN A 58 -2.39 -9.29 -4.61
N LEU A 59 -1.16 -9.18 -5.11
CA LEU A 59 -0.43 -7.90 -5.25
C LEU A 59 -0.52 -7.33 -6.67
N GLU A 60 -0.38 -6.01 -6.84
CA GLU A 60 -0.38 -5.32 -8.14
C GLU A 60 0.63 -4.15 -8.20
N PRO A 61 1.58 -4.13 -9.15
CA PRO A 61 2.51 -3.02 -9.34
C PRO A 61 1.83 -1.81 -10.01
N ILE A 62 2.13 -0.62 -9.49
CA ILE A 62 1.58 0.66 -9.96
C ILE A 62 2.74 1.61 -10.28
N TYR A 63 2.89 1.97 -11.56
CA TYR A 63 3.98 2.78 -12.10
C TYR A 63 3.58 4.24 -12.37
N ARG A 64 2.67 4.75 -11.54
CA ARG A 64 2.16 6.12 -11.60
C ARG A 64 1.66 6.64 -10.25
N ALA B 1 -1.06 0.30 3.35
CA ALA B 1 -1.77 0.95 4.47
C ALA B 1 -2.11 2.38 4.12
N ARG B 2 -3.39 2.76 3.99
CA ARG B 2 -3.79 4.18 3.88
C ARG B 2 -3.32 5.00 5.09
N THR B 3 -2.77 6.18 4.84
CA THR B 3 -2.28 7.13 5.87
C THR B 3 -2.77 8.58 5.72
N LYS B 4 -3.59 8.88 4.69
CA LYS B 4 -4.25 10.20 4.54
C LYS B 4 -5.26 10.43 5.68
N GLN B 5 -5.22 11.61 6.31
CA GLN B 5 -6.09 11.95 7.45
C GLN B 5 -7.54 12.26 7.02
N THR B 6 -8.50 11.98 7.91
CA THR B 6 -9.93 12.33 7.75
C THR B 6 -10.19 13.83 7.93
N ALA B 7 -11.27 14.33 7.30
CA ALA B 7 -11.76 15.73 7.42
C ALA B 7 -10.70 16.81 7.09
N ARG B 8 -9.80 16.54 6.13
CA ARG B 8 -8.69 17.43 5.74
C ARG B 8 -9.13 18.74 5.06
N LYS B 9 -10.30 18.75 4.41
CA LYS B 9 -10.89 19.93 3.74
C LYS B 9 -11.36 20.99 4.74
N SER B 10 -11.23 22.27 4.37
CA SER B 10 -11.68 23.43 5.18
C SER B 10 -12.04 24.63 4.28
N THR B 11 -12.96 25.47 4.76
CA THR B 11 -13.33 26.75 4.11
C THR B 11 -12.23 27.82 4.20
N GLY B 12 -11.30 27.69 5.17
CA GLY B 12 -10.17 28.60 5.42
C GLY B 12 -10.60 29.97 5.97
ZN ZN C . 8.36 -2.33 2.45
ZN ZN D . -3.32 -7.71 0.74
N GLY A 1 11.91 10.22 -13.69
CA GLY A 1 10.82 9.72 -14.55
C GLY A 1 9.63 9.20 -13.75
N PRO A 2 8.94 8.13 -14.21
CA PRO A 2 7.90 7.43 -13.47
C PRO A 2 8.47 6.28 -12.64
N LEU A 3 8.78 5.13 -13.26
CA LEU A 3 9.19 3.95 -12.51
C LEU A 3 10.56 4.19 -11.84
N GLY A 4 10.65 3.89 -10.54
CA GLY A 4 11.83 4.18 -9.72
C GLY A 4 11.92 5.63 -9.20
N SER A 5 10.90 6.46 -9.47
CA SER A 5 10.76 7.83 -8.93
C SER A 5 9.37 8.11 -8.39
N VAL A 6 8.41 7.23 -8.66
CA VAL A 6 7.01 7.35 -8.25
C VAL A 6 6.93 7.28 -6.75
N GLN A 7 5.95 7.94 -6.15
CA GLN A 7 5.95 8.09 -4.69
C GLN A 7 4.56 8.39 -4.18
N HIS A 8 3.99 7.39 -3.53
CA HIS A 8 2.64 7.42 -2.97
C HIS A 8 2.64 8.10 -1.61
N VAL A 9 3.06 9.36 -1.59
CA VAL A 9 2.98 10.30 -0.46
C VAL A 9 1.55 10.31 0.10
N GLY A 10 1.35 9.57 1.20
CA GLY A 10 0.05 9.24 1.80
C GLY A 10 -0.32 7.75 1.87
N PHE A 11 0.55 6.80 1.48
CA PHE A 11 0.25 5.36 1.54
C PHE A 11 1.46 4.50 1.95
N LYS A 12 1.42 3.96 3.18
CA LYS A 12 2.52 3.22 3.83
C LYS A 12 2.64 1.76 3.37
N CYS A 13 3.88 1.22 3.31
CA CYS A 13 4.16 -0.22 3.14
C CYS A 13 3.85 -0.91 4.48
N ASP A 14 2.87 -1.81 4.57
CA ASP A 14 2.55 -2.50 5.83
C ASP A 14 3.65 -3.45 6.33
N ASN A 15 4.57 -3.87 5.45
CA ASN A 15 5.60 -4.86 5.76
C ASN A 15 6.83 -4.25 6.45
N CYS A 16 7.40 -3.16 5.92
CA CYS A 16 8.54 -2.43 6.49
C CYS A 16 8.17 -1.06 7.11
N GLY A 17 6.96 -0.57 6.88
CA GLY A 17 6.42 0.66 7.46
C GLY A 17 6.89 1.97 6.83
N ILE A 18 7.53 1.96 5.64
CA ILE A 18 7.80 3.22 4.91
C ILE A 18 6.48 3.89 4.58
N GLU A 19 6.26 5.03 5.23
CA GLU A 19 5.00 5.75 5.25
C GLU A 19 4.44 6.20 3.90
N PRO A 20 5.32 6.40 2.90
CA PRO A 20 4.78 6.52 1.57
C PRO A 20 5.63 5.72 0.56
N ILE A 21 5.00 4.84 -0.19
CA ILE A 21 5.73 3.89 -1.03
C ILE A 21 6.38 4.59 -2.24
N GLN A 22 7.71 4.64 -2.25
CA GLN A 22 8.54 5.13 -3.36
C GLN A 22 8.87 4.05 -4.42
N GLY A 23 9.19 4.52 -5.63
CA GLY A 23 9.51 3.81 -6.88
C GLY A 23 8.35 3.29 -7.67
N VAL A 24 7.63 2.32 -7.11
CA VAL A 24 6.33 1.77 -7.54
C VAL A 24 5.53 1.37 -6.32
N ARG A 25 4.21 1.58 -6.32
CA ARG A 25 3.31 1.04 -5.28
C ARG A 25 2.88 -0.39 -5.61
N TRP A 26 2.96 -1.28 -4.62
CA TRP A 26 2.41 -2.64 -4.68
C TRP A 26 1.10 -2.69 -3.89
N HIS A 27 -0.03 -2.43 -4.56
CA HIS A 27 -1.38 -2.39 -3.96
C HIS A 27 -1.88 -3.79 -3.60
N CYS A 28 -2.48 -3.98 -2.42
CA CYS A 28 -3.18 -5.20 -2.07
C CYS A 28 -4.59 -5.20 -2.74
N GLN A 29 -4.74 -6.01 -3.80
CA GLN A 29 -5.90 -6.04 -4.69
C GLN A 29 -7.23 -6.48 -4.04
N ASP A 30 -7.21 -7.32 -3.01
CA ASP A 30 -8.41 -7.97 -2.47
C ASP A 30 -8.72 -7.49 -1.04
N CYS A 31 -7.72 -6.98 -0.31
CA CYS A 31 -7.96 -6.32 0.96
C CYS A 31 -8.87 -5.06 0.77
N PRO A 32 -9.81 -4.80 1.70
CA PRO A 32 -10.84 -3.75 1.67
C PRO A 32 -10.28 -2.39 2.13
N PRO A 33 -11.08 -1.30 2.20
CA PRO A 33 -10.60 0.01 2.67
C PRO A 33 -10.16 0.01 4.13
N GLU A 34 -10.68 -0.90 4.95
CA GLU A 34 -10.51 -0.89 6.41
C GLU A 34 -9.16 -1.48 6.86
N MET A 35 -8.59 -2.24 5.92
CA MET A 35 -7.45 -3.13 5.97
C MET A 35 -6.68 -2.96 4.67
N SER A 36 -6.56 -1.71 4.23
CA SER A 36 -6.07 -1.37 2.89
C SER A 36 -4.56 -1.40 2.83
N LEU A 37 -4.04 -2.63 2.86
CA LEU A 37 -2.64 -2.89 2.72
C LEU A 37 -2.06 -2.35 1.41
N ASP A 38 -0.78 -2.07 1.48
CA ASP A 38 0.12 -1.76 0.39
C ASP A 38 1.51 -2.24 0.78
N PHE A 39 2.33 -2.58 -0.21
CA PHE A 39 3.73 -2.91 -0.05
C PHE A 39 4.61 -2.01 -0.92
N CYS A 40 5.89 -1.90 -0.57
CA CYS A 40 6.91 -1.31 -1.42
C CYS A 40 7.57 -2.40 -2.28
N ASP A 41 8.29 -2.04 -3.35
CA ASP A 41 8.92 -3.05 -4.23
C ASP A 41 10.03 -3.85 -3.53
N SER A 42 10.59 -3.32 -2.44
CA SER A 42 11.48 -4.07 -1.53
C SER A 42 10.74 -5.15 -0.74
N CYS A 43 9.42 -4.97 -0.57
CA CYS A 43 8.56 -5.72 0.33
C CYS A 43 7.51 -6.65 -0.33
N SER A 44 7.13 -6.47 -1.61
CA SER A 44 6.04 -7.25 -2.22
C SER A 44 6.31 -8.74 -2.40
N ASP A 45 7.53 -9.21 -2.12
CA ASP A 45 7.83 -10.65 -2.01
C ASP A 45 7.10 -11.26 -0.79
N CYS A 46 6.56 -10.43 0.10
CA CYS A 46 5.75 -10.83 1.24
C CYS A 46 4.38 -11.39 0.80
N LEU A 47 3.96 -12.45 1.49
CA LEU A 47 2.72 -13.18 1.24
C LEU A 47 2.10 -13.65 2.57
N HIS A 48 1.89 -12.67 3.45
CA HIS A 48 1.31 -12.80 4.78
C HIS A 48 -0.16 -13.23 4.77
N GLU A 49 -0.60 -13.74 5.92
CA GLU A 49 -1.96 -14.10 6.19
C GLU A 49 -2.42 -13.58 7.56
N THR A 50 -3.48 -12.78 7.55
CA THR A 50 -4.19 -12.25 8.73
C THR A 50 -5.70 -12.36 8.48
N ASP A 51 -6.56 -11.59 9.15
CA ASP A 51 -8.03 -11.79 9.12
C ASP A 51 -8.66 -11.66 7.71
N ILE A 52 -7.95 -11.02 6.77
CA ILE A 52 -8.42 -10.67 5.42
C ILE A 52 -7.33 -10.76 4.35
N HIS A 53 -6.14 -10.22 4.62
CA HIS A 53 -4.99 -10.41 3.75
C HIS A 53 -4.53 -11.89 3.83
N LYS A 54 -4.26 -12.54 2.70
CA LYS A 54 -4.02 -13.99 2.58
C LYS A 54 -3.02 -14.31 1.49
N GLU A 55 -2.58 -15.56 1.43
CA GLU A 55 -1.83 -16.09 0.29
C GLU A 55 -2.71 -16.16 -0.97
N ASP A 56 -4.03 -16.07 -0.83
CA ASP A 56 -5.01 -16.19 -1.94
C ASP A 56 -5.32 -14.82 -2.56
N HIS A 57 -5.32 -13.80 -1.72
CA HIS A 57 -5.37 -12.41 -2.06
C HIS A 57 -4.18 -12.00 -2.96
N GLN A 58 -4.45 -11.04 -3.85
CA GLN A 58 -3.56 -10.63 -4.95
C GLN A 58 -2.82 -9.30 -4.73
N LEU A 59 -1.61 -9.15 -5.31
CA LEU A 59 -0.82 -7.91 -5.30
C LEU A 59 -0.75 -7.28 -6.71
N GLU A 60 -0.63 -5.95 -6.79
CA GLU A 60 -0.63 -5.20 -8.06
C GLU A 60 0.45 -4.10 -8.11
N PRO A 61 1.38 -4.11 -9.09
CA PRO A 61 2.34 -3.03 -9.32
C PRO A 61 1.66 -1.81 -9.96
N ILE A 62 2.01 -0.62 -9.47
CA ILE A 62 1.49 0.68 -9.93
C ILE A 62 2.67 1.61 -10.23
N TYR A 63 2.83 1.98 -11.50
CA TYR A 63 4.02 2.70 -12.03
C TYR A 63 3.86 4.21 -12.15
N ARG A 64 2.82 4.74 -11.51
CA ARG A 64 2.43 6.16 -11.47
C ARG A 64 1.89 6.61 -10.11
N ALA B 1 -1.10 0.45 3.24
CA ALA B 1 -1.84 1.12 4.32
C ALA B 1 -2.17 2.54 3.90
N ARG B 2 -3.41 3.01 4.12
CA ARG B 2 -3.76 4.44 3.95
C ARG B 2 -3.08 5.27 5.06
N THR B 3 -2.46 6.40 4.67
CA THR B 3 -1.58 7.20 5.55
C THR B 3 -1.77 8.72 5.37
N LYS B 4 -2.83 9.15 4.67
CA LYS B 4 -3.24 10.57 4.55
C LYS B 4 -3.91 11.08 5.84
N GLN B 5 -4.09 12.41 5.92
CA GLN B 5 -4.84 13.13 6.95
C GLN B 5 -4.35 12.85 8.39
N THR B 6 -3.14 13.35 8.70
CA THR B 6 -2.57 13.36 10.06
C THR B 6 -3.37 14.24 11.03
N ALA B 7 -3.26 13.96 12.33
CA ALA B 7 -3.98 14.67 13.40
C ALA B 7 -3.59 16.16 13.51
N ARG B 8 -4.55 16.99 13.96
CA ARG B 8 -4.37 18.44 14.22
C ARG B 8 -3.51 18.70 15.47
N LYS B 9 -2.93 19.91 15.55
CA LYS B 9 -2.19 20.41 16.73
C LYS B 9 -3.12 20.63 17.93
N SER B 10 -2.55 20.62 19.14
CA SER B 10 -3.25 20.90 20.41
C SER B 10 -3.71 22.36 20.53
N THR B 11 -4.73 22.60 21.36
CA THR B 11 -5.28 23.94 21.65
C THR B 11 -4.34 24.80 22.51
N GLY B 12 -4.41 26.12 22.32
CA GLY B 12 -3.66 27.13 23.12
C GLY B 12 -4.17 27.28 24.55
ZN ZN C . 8.22 -2.28 2.52
ZN ZN D . -3.27 -7.57 0.77
N GLY A 1 6.30 11.65 -12.79
CA GLY A 1 7.13 10.69 -12.01
C GLY A 1 7.02 9.26 -12.55
N PRO A 2 8.04 8.74 -13.26
CA PRO A 2 8.05 7.39 -13.84
C PRO A 2 8.48 6.28 -12.86
N LEU A 3 8.56 5.06 -13.39
CA LEU A 3 9.09 3.86 -12.71
C LEU A 3 10.41 4.14 -11.97
N GLY A 4 10.45 3.86 -10.66
CA GLY A 4 11.61 4.14 -9.79
C GLY A 4 11.69 5.58 -9.27
N SER A 5 10.67 6.40 -9.54
CA SER A 5 10.51 7.77 -9.04
C SER A 5 9.10 8.06 -8.55
N VAL A 6 8.21 7.07 -8.61
CA VAL A 6 6.88 7.18 -8.05
C VAL A 6 7.00 7.20 -6.55
N GLN A 7 6.10 7.89 -5.89
CA GLN A 7 6.19 8.16 -4.47
C GLN A 7 4.80 8.49 -3.94
N HIS A 8 4.14 7.50 -3.36
CA HIS A 8 2.77 7.61 -2.86
C HIS A 8 2.75 8.31 -1.50
N VAL A 9 3.13 9.59 -1.48
CA VAL A 9 3.13 10.52 -0.33
C VAL A 9 1.74 10.57 0.32
N GLY A 10 1.52 9.64 1.27
CA GLY A 10 0.25 9.37 1.94
C GLY A 10 -0.18 7.90 2.01
N PHE A 11 0.64 6.93 1.58
CA PHE A 11 0.30 5.50 1.64
C PHE A 11 1.48 4.61 2.03
N LYS A 12 1.43 4.05 3.23
CA LYS A 12 2.52 3.31 3.88
C LYS A 12 2.64 1.84 3.39
N CYS A 13 3.86 1.30 3.32
CA CYS A 13 4.12 -0.14 3.14
C CYS A 13 3.82 -0.84 4.47
N ASP A 14 2.79 -1.69 4.56
CA ASP A 14 2.44 -2.38 5.81
C ASP A 14 3.53 -3.35 6.33
N ASN A 15 4.46 -3.78 5.47
CA ASN A 15 5.48 -4.78 5.82
C ASN A 15 6.71 -4.16 6.50
N CYS A 16 7.34 -3.13 5.90
CA CYS A 16 8.50 -2.43 6.46
C CYS A 16 8.17 -1.04 7.06
N GLY A 17 6.95 -0.54 6.85
CA GLY A 17 6.41 0.68 7.44
C GLY A 17 6.90 1.99 6.82
N ILE A 18 7.52 1.98 5.62
CA ILE A 18 7.80 3.23 4.88
C ILE A 18 6.49 3.92 4.55
N GLU A 19 6.25 5.05 5.21
CA GLU A 19 5.00 5.77 5.24
C GLU A 19 4.46 6.29 3.91
N PRO A 20 5.32 6.41 2.90
CA PRO A 20 4.80 6.58 1.57
C PRO A 20 5.61 5.76 0.56
N ILE A 21 4.95 4.84 -0.14
CA ILE A 21 5.67 3.87 -0.96
C ILE A 21 6.31 4.55 -2.17
N GLN A 22 7.64 4.62 -2.18
CA GLN A 22 8.44 5.08 -3.31
C GLN A 22 8.89 3.95 -4.25
N GLY A 23 9.19 4.31 -5.50
CA GLY A 23 9.61 3.45 -6.61
C GLY A 23 8.46 3.10 -7.53
N VAL A 24 7.61 2.20 -7.03
CA VAL A 24 6.29 1.77 -7.51
C VAL A 24 5.43 1.39 -6.31
N ARG A 25 4.11 1.62 -6.37
CA ARG A 25 3.18 1.09 -5.36
C ARG A 25 2.79 -0.36 -5.66
N TRP A 26 2.86 -1.23 -4.65
CA TRP A 26 2.31 -2.59 -4.70
C TRP A 26 0.99 -2.61 -3.92
N HIS A 27 -0.13 -2.46 -4.61
CA HIS A 27 -1.47 -2.42 -4.00
C HIS A 27 -1.93 -3.83 -3.62
N CYS A 28 -2.50 -4.02 -2.41
CA CYS A 28 -3.16 -5.26 -2.05
C CYS A 28 -4.56 -5.30 -2.72
N GLN A 29 -4.70 -6.10 -3.77
CA GLN A 29 -5.86 -6.14 -4.67
C GLN A 29 -7.18 -6.58 -4.03
N ASP A 30 -7.17 -7.40 -2.97
CA ASP A 30 -8.36 -8.03 -2.41
C ASP A 30 -8.68 -7.55 -0.99
N CYS A 31 -7.68 -7.01 -0.26
CA CYS A 31 -7.93 -6.33 0.99
C CYS A 31 -8.84 -5.08 0.77
N PRO A 32 -9.80 -4.81 1.68
CA PRO A 32 -10.84 -3.78 1.60
C PRO A 32 -10.30 -2.40 2.04
N PRO A 33 -11.11 -1.30 2.03
CA PRO A 33 -10.65 0.05 2.42
C PRO A 33 -10.23 0.17 3.89
N GLU A 34 -10.73 -0.72 4.75
CA GLU A 34 -10.57 -0.64 6.21
C GLU A 34 -9.21 -1.22 6.68
N MET A 35 -8.70 -2.09 5.81
CA MET A 35 -7.58 -3.01 5.93
C MET A 35 -6.76 -2.90 4.65
N SER A 36 -6.63 -1.67 4.14
CA SER A 36 -6.11 -1.37 2.81
C SER A 36 -4.60 -1.42 2.80
N LEU A 37 -4.09 -2.63 2.85
CA LEU A 37 -2.67 -2.88 2.72
C LEU A 37 -2.13 -2.33 1.39
N ASP A 38 -0.85 -1.99 1.47
CA ASP A 38 0.01 -1.66 0.37
C ASP A 38 1.41 -2.12 0.78
N PHE A 39 2.23 -2.46 -0.21
CA PHE A 39 3.62 -2.84 -0.04
C PHE A 39 4.50 -1.97 -0.94
N CYS A 40 5.79 -1.91 -0.62
CA CYS A 40 6.81 -1.35 -1.47
C CYS A 40 7.46 -2.46 -2.33
N ASP A 41 8.21 -2.09 -3.37
CA ASP A 41 8.84 -3.10 -4.24
C ASP A 41 9.94 -3.90 -3.54
N SER A 42 10.47 -3.38 -2.42
CA SER A 42 11.35 -4.13 -1.51
C SER A 42 10.58 -5.17 -0.68
N CYS A 43 9.24 -5.07 -0.62
CA CYS A 43 8.39 -5.82 0.28
C CYS A 43 7.31 -6.74 -0.34
N SER A 44 6.78 -6.49 -1.55
CA SER A 44 5.60 -7.24 -2.02
C SER A 44 5.88 -8.68 -2.48
N ASP A 45 7.14 -9.11 -2.44
CA ASP A 45 7.53 -10.51 -2.60
C ASP A 45 7.07 -11.34 -1.41
N CYS A 46 6.82 -10.68 -0.27
CA CYS A 46 6.30 -11.31 0.93
C CYS A 46 4.78 -11.58 0.80
N LEU A 47 4.30 -12.60 1.52
CA LEU A 47 2.95 -13.16 1.37
C LEU A 47 2.38 -13.66 2.71
N HIS A 48 2.10 -12.72 3.61
CA HIS A 48 1.43 -12.96 4.90
C HIS A 48 -0.03 -13.39 4.78
N GLU A 49 -0.54 -13.88 5.92
CA GLU A 49 -1.93 -14.15 6.14
C GLU A 49 -2.37 -13.58 7.50
N THR A 50 -3.29 -12.62 7.46
CA THR A 50 -3.85 -11.94 8.64
C THR A 50 -5.25 -11.38 8.35
N ASP A 51 -6.26 -11.96 9.02
CA ASP A 51 -7.72 -11.69 8.98
C ASP A 51 -8.40 -11.76 7.60
N ILE A 52 -7.87 -11.02 6.63
CA ILE A 52 -8.41 -10.72 5.29
C ILE A 52 -7.31 -10.74 4.23
N HIS A 53 -6.13 -10.25 4.57
CA HIS A 53 -4.95 -10.40 3.75
C HIS A 53 -4.49 -11.88 3.84
N LYS A 54 -4.21 -12.52 2.70
CA LYS A 54 -3.96 -13.97 2.59
C LYS A 54 -2.96 -14.28 1.49
N GLU A 55 -2.50 -15.53 1.44
CA GLU A 55 -1.74 -16.04 0.30
C GLU A 55 -2.63 -16.17 -0.95
N ASP A 56 -3.96 -16.11 -0.79
CA ASP A 56 -4.93 -16.25 -1.88
C ASP A 56 -5.26 -14.89 -2.51
N HIS A 57 -5.29 -13.87 -1.65
CA HIS A 57 -5.34 -12.47 -1.99
C HIS A 57 -4.16 -12.05 -2.90
N GLN A 58 -4.44 -11.13 -3.83
CA GLN A 58 -3.56 -10.73 -4.93
C GLN A 58 -2.82 -9.40 -4.72
N LEU A 59 -1.65 -9.23 -5.33
CA LEU A 59 -0.84 -7.99 -5.30
C LEU A 59 -0.73 -7.37 -6.70
N GLU A 60 -0.65 -6.04 -6.80
CA GLU A 60 -0.62 -5.29 -8.07
C GLU A 60 0.45 -4.19 -8.10
N PRO A 61 1.45 -4.23 -9.01
CA PRO A 61 2.40 -3.14 -9.23
C PRO A 61 1.73 -1.97 -9.97
N ILE A 62 2.01 -0.74 -9.54
CA ILE A 62 1.48 0.50 -10.11
C ILE A 62 2.65 1.48 -10.32
N TYR A 63 2.92 1.84 -11.58
CA TYR A 63 4.05 2.70 -11.96
C TYR A 63 3.71 4.19 -12.08
N ARG A 64 2.68 4.60 -11.35
CA ARG A 64 2.21 5.97 -11.17
C ARG A 64 1.68 6.22 -9.76
N ALA B 1 -1.13 0.63 3.16
CA ALA B 1 -1.90 1.27 4.24
C ALA B 1 -2.26 2.70 3.86
N ARG B 2 -3.50 3.14 4.14
CA ARG B 2 -3.91 4.56 4.05
C ARG B 2 -3.18 5.38 5.13
N THR B 3 -2.55 6.48 4.75
CA THR B 3 -1.63 7.25 5.62
C THR B 3 -1.74 8.77 5.41
N LYS B 4 -2.93 9.25 5.00
CA LYS B 4 -3.27 10.68 4.78
C LYS B 4 -4.75 10.95 5.03
N GLN B 5 -5.08 12.12 5.61
CA GLN B 5 -6.43 12.46 6.07
C GLN B 5 -7.38 12.91 4.95
N THR B 6 -6.84 13.50 3.87
CA THR B 6 -7.56 13.95 2.65
C THR B 6 -8.78 14.87 2.91
N ALA B 7 -8.69 15.70 3.97
CA ALA B 7 -9.74 16.63 4.38
C ALA B 7 -9.16 17.89 5.07
N ARG B 8 -9.93 19.00 5.07
CA ARG B 8 -9.55 20.27 5.71
C ARG B 8 -9.65 20.19 7.25
N LYS B 9 -8.87 21.04 7.95
CA LYS B 9 -8.87 21.17 9.42
C LYS B 9 -10.20 21.71 9.98
N SER B 10 -10.45 21.45 11.26
CA SER B 10 -11.59 22.03 12.01
C SER B 10 -11.43 23.54 12.22
N THR B 11 -12.56 24.25 12.38
CA THR B 11 -12.60 25.68 12.77
C THR B 11 -12.11 25.94 14.21
N GLY B 12 -12.13 24.91 15.08
CA GLY B 12 -11.67 24.96 16.47
C GLY B 12 -11.78 23.62 17.20
ZN ZN C . 8.13 -2.35 2.46
ZN ZN D . -3.23 -7.53 0.85
N GLY A 1 5.53 11.17 -13.13
CA GLY A 1 6.69 10.54 -12.44
C GLY A 1 6.86 9.07 -12.84
N PRO A 2 7.91 8.72 -13.62
CA PRO A 2 8.17 7.34 -14.08
C PRO A 2 8.60 6.35 -12.98
N LEU A 3 8.72 5.07 -13.36
CA LEU A 3 9.19 3.98 -12.50
C LEU A 3 10.54 4.32 -11.82
N GLY A 4 10.66 4.02 -10.52
CA GLY A 4 11.77 4.45 -9.67
C GLY A 4 11.60 5.87 -9.07
N SER A 5 10.60 6.62 -9.54
CA SER A 5 10.20 7.93 -8.99
C SER A 5 8.73 7.99 -8.56
N VAL A 6 8.04 6.85 -8.50
CA VAL A 6 6.64 6.82 -8.08
C VAL A 6 6.60 6.77 -6.58
N GLN A 7 6.11 7.84 -5.99
CA GLN A 7 6.15 8.11 -4.56
C GLN A 7 4.73 8.38 -4.09
N HIS A 8 4.11 7.33 -3.54
CA HIS A 8 2.72 7.37 -3.12
C HIS A 8 2.59 8.05 -1.74
N VAL A 9 2.93 9.33 -1.70
CA VAL A 9 2.79 10.24 -0.55
C VAL A 9 1.37 10.17 0.03
N GLY A 10 1.25 9.50 1.19
CA GLY A 10 -0.01 9.12 1.83
C GLY A 10 -0.38 7.62 1.81
N PHE A 11 0.51 6.71 1.39
CA PHE A 11 0.24 5.28 1.35
C PHE A 11 1.45 4.45 1.78
N LYS A 12 1.41 3.95 3.02
CA LYS A 12 2.48 3.26 3.73
C LYS A 12 2.63 1.77 3.31
N CYS A 13 3.85 1.25 3.25
CA CYS A 13 4.14 -0.19 3.11
C CYS A 13 3.84 -0.87 4.47
N ASP A 14 2.84 -1.73 4.58
CA ASP A 14 2.51 -2.40 5.85
C ASP A 14 3.60 -3.36 6.36
N ASN A 15 4.51 -3.80 5.48
CA ASN A 15 5.53 -4.80 5.81
C ASN A 15 6.76 -4.18 6.51
N CYS A 16 7.36 -3.11 5.94
CA CYS A 16 8.50 -2.40 6.53
C CYS A 16 8.16 -1.00 7.10
N GLY A 17 6.93 -0.50 6.86
CA GLY A 17 6.38 0.72 7.43
C GLY A 17 6.84 2.04 6.81
N ILE A 18 7.51 2.04 5.64
CA ILE A 18 7.77 3.28 4.90
C ILE A 18 6.45 3.94 4.54
N GLU A 19 6.22 5.10 5.16
CA GLU A 19 4.95 5.83 5.16
C GLU A 19 4.41 6.24 3.80
N PRO A 20 5.28 6.44 2.81
CA PRO A 20 4.75 6.52 1.47
C PRO A 20 5.63 5.72 0.50
N ILE A 21 5.02 4.80 -0.24
CA ILE A 21 5.78 3.87 -1.06
C ILE A 21 6.42 4.57 -2.26
N GLN A 22 7.75 4.74 -2.21
CA GLN A 22 8.59 5.22 -3.31
C GLN A 22 9.11 4.08 -4.21
N GLY A 23 9.32 4.38 -5.50
CA GLY A 23 9.76 3.46 -6.56
C GLY A 23 8.64 3.07 -7.50
N VAL A 24 7.78 2.17 -7.00
CA VAL A 24 6.49 1.72 -7.52
C VAL A 24 5.63 1.32 -6.33
N ARG A 25 4.33 1.63 -6.34
CA ARG A 25 3.41 1.09 -5.33
C ARG A 25 2.99 -0.35 -5.65
N TRP A 26 2.97 -1.22 -4.64
CA TRP A 26 2.41 -2.57 -4.71
C TRP A 26 1.10 -2.61 -3.90
N HIS A 27 -0.03 -2.33 -4.53
CA HIS A 27 -1.34 -2.29 -3.86
C HIS A 27 -1.84 -3.70 -3.54
N CYS A 28 -2.45 -3.89 -2.37
CA CYS A 28 -3.14 -5.13 -2.04
C CYS A 28 -4.55 -5.16 -2.69
N GLN A 29 -4.70 -5.96 -3.74
CA GLN A 29 -5.86 -6.03 -4.63
C GLN A 29 -7.16 -6.55 -4.00
N ASP A 30 -7.11 -7.43 -2.99
CA ASP A 30 -8.29 -8.10 -2.43
C ASP A 30 -8.57 -7.68 -0.98
N CYS A 31 -7.63 -7.01 -0.31
CA CYS A 31 -7.88 -6.37 0.98
C CYS A 31 -8.87 -5.17 0.81
N PRO A 32 -9.78 -4.95 1.77
CA PRO A 32 -10.86 -3.94 1.75
C PRO A 32 -10.35 -2.55 2.20
N PRO A 33 -11.18 -1.49 2.26
CA PRO A 33 -10.76 -0.15 2.70
C PRO A 33 -10.30 -0.11 4.16
N GLU A 34 -10.80 -1.02 5.00
CA GLU A 34 -10.61 -0.98 6.46
C GLU A 34 -9.22 -1.51 6.89
N MET A 35 -8.64 -2.26 5.98
CA MET A 35 -7.47 -3.11 6.04
C MET A 35 -6.70 -2.94 4.72
N SER A 36 -6.59 -1.69 4.29
CA SER A 36 -6.12 -1.35 2.95
C SER A 36 -4.59 -1.35 2.89
N LEU A 37 -4.06 -2.56 2.88
CA LEU A 37 -2.65 -2.80 2.75
C LEU A 37 -2.08 -2.26 1.42
N ASP A 38 -0.79 -1.97 1.49
CA ASP A 38 0.10 -1.66 0.40
C ASP A 38 1.49 -2.17 0.78
N PHE A 39 2.32 -2.49 -0.21
CA PHE A 39 3.72 -2.87 -0.04
C PHE A 39 4.62 -1.99 -0.90
N CYS A 40 5.90 -1.91 -0.54
CA CYS A 40 6.93 -1.33 -1.38
C CYS A 40 7.59 -2.42 -2.24
N ASP A 41 8.33 -2.04 -3.29
CA ASP A 41 8.96 -3.03 -4.18
C ASP A 41 10.06 -3.86 -3.49
N SER A 42 10.61 -3.36 -2.38
CA SER A 42 11.49 -4.11 -1.48
C SER A 42 10.71 -5.19 -0.71
N CYS A 43 9.41 -5.00 -0.53
CA CYS A 43 8.54 -5.76 0.35
C CYS A 43 7.49 -6.68 -0.33
N SER A 44 7.11 -6.49 -1.60
CA SER A 44 5.98 -7.23 -2.20
C SER A 44 6.24 -8.71 -2.48
N ASP A 45 7.46 -9.21 -2.29
CA ASP A 45 7.75 -10.65 -2.29
C ASP A 45 7.09 -11.34 -1.07
N CYS A 46 6.58 -10.56 -0.10
CA CYS A 46 5.83 -11.03 1.05
C CYS A 46 4.45 -11.58 0.67
N LEU A 47 4.04 -12.65 1.36
CA LEU A 47 2.78 -13.38 1.16
C LEU A 47 2.16 -13.80 2.52
N HIS A 48 1.98 -12.79 3.38
CA HIS A 48 1.41 -12.88 4.73
C HIS A 48 -0.08 -13.22 4.73
N GLU A 49 -0.55 -13.64 5.89
CA GLU A 49 -1.94 -13.89 6.17
C GLU A 49 -2.38 -13.30 7.53
N THR A 50 -3.41 -12.47 7.49
CA THR A 50 -4.15 -11.92 8.66
C THR A 50 -5.57 -12.50 8.66
N ASP A 51 -6.53 -11.85 9.30
CA ASP A 51 -7.96 -12.20 9.17
C ASP A 51 -8.51 -11.98 7.74
N ILE A 52 -7.85 -11.14 6.92
CA ILE A 52 -8.34 -10.66 5.62
C ILE A 52 -7.27 -10.65 4.51
N HIS A 53 -6.07 -10.16 4.81
CA HIS A 53 -4.94 -10.32 3.89
C HIS A 53 -4.54 -11.80 3.90
N LYS A 54 -4.28 -12.42 2.73
CA LYS A 54 -4.11 -13.87 2.57
C LYS A 54 -3.11 -14.21 1.48
N GLU A 55 -2.72 -15.49 1.41
CA GLU A 55 -1.98 -16.02 0.27
C GLU A 55 -2.85 -16.02 -1.00
N ASP A 56 -4.19 -15.98 -0.87
CA ASP A 56 -5.12 -16.05 -2.02
C ASP A 56 -5.30 -14.67 -2.66
N HIS A 57 -5.45 -13.68 -1.80
CA HIS A 57 -5.43 -12.26 -2.09
C HIS A 57 -4.21 -11.84 -2.96
N GLN A 58 -4.48 -11.03 -3.99
CA GLN A 58 -3.53 -10.59 -5.02
C GLN A 58 -2.77 -9.27 -4.72
N LEU A 59 -1.58 -9.11 -5.32
CA LEU A 59 -0.81 -7.86 -5.32
C LEU A 59 -0.74 -7.24 -6.74
N GLU A 60 -0.62 -5.92 -6.85
CA GLU A 60 -0.60 -5.20 -8.14
C GLU A 60 0.47 -4.07 -8.18
N PRO A 61 1.42 -4.09 -9.14
CA PRO A 61 2.40 -3.01 -9.35
C PRO A 61 1.74 -1.77 -9.99
N ILE A 62 2.15 -0.58 -9.54
CA ILE A 62 1.58 0.71 -9.92
C ILE A 62 2.73 1.67 -10.27
N TYR A 63 2.82 2.05 -11.56
CA TYR A 63 3.94 2.82 -12.14
C TYR A 63 3.64 4.30 -12.38
N ARG A 64 2.72 4.84 -11.57
CA ARG A 64 2.46 6.28 -11.48
C ARG A 64 1.96 6.67 -10.10
N ALA B 1 -1.17 0.60 3.35
CA ALA B 1 -1.88 1.30 4.46
C ALA B 1 -2.12 2.76 4.10
N ARG B 2 -3.37 3.25 4.09
CA ARG B 2 -3.68 4.67 3.81
C ARG B 2 -3.28 5.56 5.00
N THR B 3 -2.57 6.66 4.73
CA THR B 3 -2.10 7.67 5.71
C THR B 3 -2.50 9.11 5.35
N LYS B 4 -2.85 9.37 4.08
CA LYS B 4 -3.44 10.62 3.57
C LYS B 4 -4.46 10.30 2.47
N GLN B 5 -5.26 11.29 2.05
CA GLN B 5 -6.32 11.14 1.04
C GLN B 5 -7.37 10.07 1.42
N THR B 6 -7.81 10.09 2.68
CA THR B 6 -8.88 9.22 3.22
C THR B 6 -10.27 9.62 2.68
N ALA B 7 -11.20 8.65 2.65
CA ALA B 7 -12.56 8.87 2.14
C ALA B 7 -13.40 9.82 3.02
N ARG B 8 -14.33 10.56 2.41
CA ARG B 8 -15.26 11.50 3.07
C ARG B 8 -16.43 10.77 3.74
N LYS B 9 -16.15 10.05 4.84
CA LYS B 9 -17.11 9.19 5.57
C LYS B 9 -18.40 9.88 6.01
N SER B 10 -18.37 11.21 6.17
CA SER B 10 -19.52 12.07 6.45
C SER B 10 -20.65 12.01 5.39
N THR B 11 -20.37 11.50 4.18
CA THR B 11 -21.37 11.29 3.12
C THR B 11 -22.45 10.25 3.49
N GLY B 12 -22.14 9.33 4.42
CA GLY B 12 -23.05 8.26 4.89
C GLY B 12 -23.30 7.17 3.84
ZN ZN C . 8.26 -2.28 2.53
ZN ZN D . -3.15 -7.54 0.85
#